data_5WXU
#
_entry.id   5WXU
#
_cell.length_a   111.209
_cell.length_b   114.242
_cell.length_c   202.479
_cell.angle_alpha   90.00
_cell.angle_beta   90.00
_cell.angle_gamma   90.00
#
_symmetry.space_group_name_H-M   'P 21 21 21'
#
loop_
_entity.id
_entity.type
_entity.pdbx_description
1 polymer '11S globulin'
2 non-polymer 'PHOSPHATE ION'
3 non-polymer 'CITRATE ANION'
4 non-polymer GLYCEROL
5 non-polymer '1H-INDOL-3-YLACETIC ACID'
6 non-polymer DI(HYDROXYETHYL)ETHER
7 water water
#
_entity_poly.entity_id   1
_entity_poly.type   'polypeptide(L)'
_entity_poly.pdbx_seq_one_letter_code
;MASTSFLQVLIALICLVLLCERSCLASRQSSPQSITEKQGIGECDLQRVNPLEPAHRIQHEAGYSEIWDPTSRELQCAGI
DATRHVIENRGLFVPSYNNAPMLIIVVQGHGILGAVFPGCPETFQSFHPTEKEGGDSRGPDQTFRDQHQKVHFIRQGDVI
ALPAGIVHWAYNEATEKLVLLVIHDLSNRENQLDQNLRRYFLGGNQKGDEETWAVGSKNLLWNNVFQPLDPQFLGRASGV
NSEIIKKLQSENDFRGYMVRVRDGLRLVRPSSEEPRPPRPLLDNGYEETLCTVRIKENLLNPERADIYTSRGGTVSTLNS
YNLPILRKLQLSANREYLYPNAMIVPEWNNNAHSISYVTRGSGRLQVGGSSKSTVYDGDVRQGQLFIIPQNYVYLKQAGP
QGLELYTVKTNDRAKATALVGRTSVIRAVPLDVWINVFQLTQDEARSLKYNREEITVLDPELPKPQPEGGGYYPWSIVA
;
_entity_poly.pdbx_strand_id   A,B,C,D,E,F
#
loop_
_chem_comp.id
_chem_comp.type
_chem_comp.name
_chem_comp.formula
FLC non-polymer 'CITRATE ANION' 'C6 H5 O7 -3'
GOL non-polymer GLYCEROL 'C3 H8 O3'
IAC non-polymer '1H-INDOL-3-YLACETIC ACID' 'C10 H9 N O2'
PEG non-polymer DI(HYDROXYETHYL)ETHER 'C4 H10 O3'
PO4 non-polymer 'PHOSPHATE ION' 'O4 P -3'
#
# COMPACT_ATOMS: atom_id res chain seq x y z
N SER A 27 3.84 -26.02 6.51
CA SER A 27 3.03 -24.82 6.70
C SER A 27 3.93 -23.59 6.49
N ARG A 28 3.34 -22.41 6.73
CA ARG A 28 4.08 -21.15 6.72
C ARG A 28 5.17 -21.10 7.76
N GLN A 29 5.00 -21.90 8.79
CA GLN A 29 5.89 -21.93 9.91
C GLN A 29 6.78 -23.17 9.82
N SER A 30 7.97 -22.93 9.29
CA SER A 30 8.91 -24.03 9.01
C SER A 30 10.27 -23.67 9.55
N SER A 31 11.26 -24.50 9.21
N SER A 31 11.27 -24.49 9.23
CA SER A 31 12.63 -24.33 9.64
CA SER A 31 12.65 -24.25 9.59
C SER A 31 13.48 -25.35 8.87
C SER A 31 13.48 -25.37 8.98
N PRO A 32 14.78 -25.12 8.79
CA PRO A 32 15.64 -26.16 8.20
C PRO A 32 15.93 -27.34 9.13
N GLN A 33 16.42 -28.43 8.53
CA GLN A 33 17.22 -29.55 9.22
C GLN A 33 18.24 -29.20 10.34
N SER A 34 18.96 -28.08 10.20
CA SER A 34 20.01 -27.65 11.14
C SER A 34 19.45 -27.22 12.52
N GLY A 40 24.29 -17.79 20.94
CA GLY A 40 25.01 -19.05 20.88
C GLY A 40 24.71 -19.75 19.58
N ILE A 41 24.64 -21.09 19.62
CA ILE A 41 24.47 -21.88 18.41
C ILE A 41 23.10 -21.62 17.80
N GLY A 42 23.11 -21.59 16.50
CA GLY A 42 21.94 -21.39 15.71
C GLY A 42 22.34 -21.81 14.31
N GLU A 43 21.32 -22.01 13.49
CA GLU A 43 21.53 -22.46 12.13
C GLU A 43 22.37 -21.51 11.24
N CYS A 44 22.43 -20.23 11.57
CA CYS A 44 23.25 -19.28 10.88
C CYS A 44 24.43 -18.78 11.69
N ASP A 45 24.76 -19.48 12.76
CA ASP A 45 25.98 -19.15 13.57
C ASP A 45 27.18 -19.88 12.99
N LEU A 46 27.61 -19.39 11.86
CA LEU A 46 28.69 -20.00 11.07
C LEU A 46 30.05 -19.46 11.44
N GLN A 47 30.95 -20.35 11.85
CA GLN A 47 32.39 -19.95 12.10
C GLN A 47 33.21 -20.06 10.84
N ARG A 48 32.72 -20.79 9.83
CA ARG A 48 33.38 -20.97 8.61
C ARG A 48 32.41 -20.93 7.45
N VAL A 49 32.85 -20.32 6.36
CA VAL A 49 32.19 -20.53 5.07
C VAL A 49 33.28 -20.89 4.06
N ASN A 50 32.88 -21.54 2.99
CA ASN A 50 33.83 -21.88 1.96
C ASN A 50 33.14 -21.74 0.63
N PRO A 51 33.89 -21.48 -0.41
CA PRO A 51 33.28 -21.61 -1.79
C PRO A 51 32.88 -23.02 -2.08
N LEU A 52 31.75 -23.18 -2.78
CA LEU A 52 31.10 -24.49 -2.92
C LEU A 52 30.95 -24.80 -4.43
N GLU A 53 31.22 -26.07 -4.78
CA GLU A 53 31.01 -26.53 -6.13
C GLU A 53 29.82 -27.49 -6.08
N PRO A 54 29.22 -27.79 -7.25
CA PRO A 54 28.15 -28.75 -7.18
C PRO A 54 28.60 -30.12 -6.73
N ALA A 55 27.71 -30.82 -6.05
CA ALA A 55 28.03 -32.08 -5.41
C ALA A 55 27.52 -33.23 -6.22
N HIS A 56 26.68 -32.99 -7.21
CA HIS A 56 25.99 -34.08 -7.89
C HIS A 56 25.56 -33.67 -9.30
N ARG A 57 25.78 -34.55 -10.27
CA ARG A 57 25.47 -34.29 -11.70
C ARG A 57 24.47 -35.32 -12.15
N ILE A 58 23.40 -34.86 -12.81
CA ILE A 58 22.32 -35.67 -13.36
C ILE A 58 22.40 -35.51 -14.87
N GLN A 59 22.62 -36.61 -15.60
CA GLN A 59 22.85 -36.55 -17.02
C GLN A 59 21.53 -36.79 -17.71
N HIS A 60 21.18 -35.97 -18.66
CA HIS A 60 19.97 -36.12 -19.49
C HIS A 60 20.44 -36.40 -20.94
N GLU A 61 19.50 -36.60 -21.85
CA GLU A 61 19.90 -36.83 -23.21
C GLU A 61 20.61 -35.58 -23.84
N ALA A 62 20.09 -34.39 -23.50
CA ALA A 62 20.47 -33.17 -24.25
C ALA A 62 21.05 -32.11 -23.30
N GLY A 63 21.64 -32.56 -22.21
CA GLY A 63 22.30 -31.69 -21.30
C GLY A 63 22.42 -32.37 -19.93
N TYR A 64 22.78 -31.60 -18.90
CA TYR A 64 22.90 -32.17 -17.59
C TYR A 64 22.59 -31.07 -16.60
N SER A 65 22.38 -31.50 -15.37
CA SER A 65 22.05 -30.60 -14.27
C SER A 65 22.99 -30.85 -13.10
N GLU A 66 23.56 -29.80 -12.54
CA GLU A 66 24.44 -29.97 -11.39
C GLU A 66 23.84 -29.34 -10.16
N ILE A 67 23.83 -30.09 -9.02
CA ILE A 67 23.10 -29.63 -7.84
C ILE A 67 24.05 -29.38 -6.71
N TRP A 68 23.98 -28.20 -6.11
CA TRP A 68 24.75 -27.94 -4.90
C TRP A 68 24.12 -28.73 -3.75
N ASP A 69 24.96 -29.22 -2.83
CA ASP A 69 24.43 -30.01 -1.71
C ASP A 69 23.52 -29.17 -0.85
N PRO A 70 22.23 -29.53 -0.82
CA PRO A 70 21.24 -28.78 -0.06
C PRO A 70 21.46 -28.85 1.48
N THR A 71 22.29 -29.79 1.93
CA THR A 71 22.51 -29.92 3.34
C THR A 71 23.74 -29.20 3.81
N SER A 72 24.42 -28.49 2.93
CA SER A 72 25.53 -27.68 3.42
C SER A 72 25.02 -26.60 4.38
N ARG A 73 25.81 -26.36 5.44
CA ARG A 73 25.39 -25.40 6.44
C ARG A 73 25.13 -24.03 5.84
N GLU A 74 25.89 -23.64 4.83
CA GLU A 74 25.77 -22.37 4.18
C GLU A 74 24.41 -22.23 3.49
N LEU A 75 24.11 -23.23 2.69
CA LEU A 75 22.85 -23.22 2.00
C LEU A 75 21.69 -23.29 2.94
N GLN A 76 21.82 -24.09 4.00
CA GLN A 76 20.75 -24.22 4.99
C GLN A 76 20.52 -22.89 5.69
N CYS A 77 21.60 -22.15 6.02
CA CYS A 77 21.41 -20.91 6.71
C CYS A 77 20.77 -19.88 5.80
N ALA A 78 21.20 -19.84 4.56
CA ALA A 78 20.69 -18.85 3.62
C ALA A 78 19.27 -19.17 3.09
N GLY A 79 18.84 -20.38 3.33
CA GLY A 79 17.53 -20.88 2.91
C GLY A 79 17.39 -21.00 1.39
N ILE A 80 18.42 -21.50 0.70
CA ILE A 80 18.43 -21.56 -0.73
C ILE A 80 18.87 -22.94 -1.26
N ASP A 81 18.39 -23.30 -2.43
N ASP A 81 18.46 -23.26 -2.48
CA ASP A 81 19.04 -24.33 -3.24
CA ASP A 81 18.91 -24.43 -3.29
C ASP A 81 19.70 -23.66 -4.45
C ASP A 81 19.54 -23.80 -4.54
N ALA A 82 20.65 -24.36 -5.05
CA ALA A 82 21.36 -23.84 -6.21
C ALA A 82 21.52 -24.98 -7.18
N THR A 83 21.24 -24.70 -8.44
CA THR A 83 21.40 -25.68 -9.47
C THR A 83 22.01 -24.98 -10.69
N ARG A 84 22.79 -25.71 -11.45
N ARG A 84 22.83 -25.71 -11.42
CA ARG A 84 23.36 -25.22 -12.72
CA ARG A 84 23.34 -25.30 -12.72
C ARG A 84 22.94 -26.19 -13.80
C ARG A 84 22.80 -26.27 -13.72
N HIS A 85 22.05 -25.74 -14.69
CA HIS A 85 21.54 -26.50 -15.80
C HIS A 85 22.28 -26.15 -17.05
N VAL A 86 22.72 -27.21 -17.77
CA VAL A 86 23.50 -26.98 -19.01
C VAL A 86 22.69 -27.66 -20.10
N ILE A 87 22.17 -26.86 -21.02
CA ILE A 87 21.26 -27.30 -22.04
C ILE A 87 21.98 -27.19 -23.38
N GLU A 88 22.16 -28.34 -24.05
CA GLU A 88 22.85 -28.41 -25.34
C GLU A 88 22.02 -27.91 -26.48
N ASN A 89 22.71 -27.72 -27.62
CA ASN A 89 22.10 -27.44 -28.91
C ASN A 89 20.93 -28.32 -29.16
N ARG A 90 19.81 -27.70 -29.47
N ARG A 90 19.81 -27.72 -29.57
CA ARG A 90 18.50 -28.37 -29.73
CA ARG A 90 18.53 -28.41 -29.83
C ARG A 90 18.00 -29.19 -28.54
C ARG A 90 17.88 -29.07 -28.57
N GLY A 91 18.37 -28.72 -27.38
CA GLY A 91 17.90 -29.29 -26.15
C GLY A 91 16.72 -28.54 -25.53
N LEU A 92 15.71 -29.32 -25.11
CA LEU A 92 14.49 -28.81 -24.53
C LEU A 92 14.37 -29.28 -23.14
N PHE A 93 14.36 -28.37 -22.16
CA PHE A 93 14.25 -28.68 -20.76
C PHE A 93 12.75 -28.75 -20.45
N VAL A 94 12.33 -29.93 -20.00
CA VAL A 94 10.95 -30.28 -19.85
C VAL A 94 10.26 -29.27 -18.90
N PRO A 95 8.99 -28.89 -19.20
CA PRO A 95 8.36 -27.90 -18.31
C PRO A 95 8.23 -28.39 -16.87
N SER A 96 8.42 -27.49 -15.92
CA SER A 96 8.36 -27.86 -14.51
C SER A 96 7.84 -26.69 -13.73
N TYR A 97 7.44 -26.98 -12.51
CA TYR A 97 7.11 -25.99 -11.53
C TYR A 97 7.75 -26.37 -10.19
N ASN A 98 7.99 -25.36 -9.35
CA ASN A 98 8.60 -25.51 -8.01
C ASN A 98 7.74 -24.92 -6.89
N ASN A 99 8.09 -25.29 -5.66
CA ASN A 99 7.51 -24.68 -4.50
C ASN A 99 8.16 -23.44 -3.99
N ALA A 100 9.22 -22.99 -4.64
CA ALA A 100 9.90 -21.79 -4.24
C ALA A 100 10.14 -20.91 -5.45
N PRO A 101 10.08 -19.57 -5.23
CA PRO A 101 10.47 -18.63 -6.29
C PRO A 101 11.96 -18.76 -6.54
N MET A 102 12.36 -18.28 -7.68
CA MET A 102 13.74 -18.35 -8.11
C MET A 102 14.18 -17.20 -8.92
N LEU A 103 15.49 -16.94 -8.85
CA LEU A 103 16.18 -16.21 -9.87
C LEU A 103 17.04 -17.13 -10.70
N ILE A 104 16.96 -16.94 -11.99
CA ILE A 104 17.78 -17.68 -12.99
C ILE A 104 18.74 -16.69 -13.64
N ILE A 105 20.04 -17.01 -13.54
CA ILE A 105 21.05 -16.20 -14.20
C ILE A 105 21.46 -16.92 -15.46
N VAL A 106 21.37 -16.25 -16.60
CA VAL A 106 21.89 -16.83 -17.84
C VAL A 106 23.39 -16.59 -17.92
N VAL A 107 24.17 -17.62 -17.54
CA VAL A 107 25.66 -17.54 -17.44
C VAL A 107 26.31 -17.52 -18.86
N GLN A 108 25.72 -18.26 -19.78
CA GLN A 108 26.26 -18.48 -21.15
C GLN A 108 25.07 -18.81 -22.04
N GLY A 109 25.18 -18.36 -23.27
CA GLY A 109 24.35 -18.78 -24.41
C GLY A 109 23.12 -17.91 -24.57
N HIS A 110 22.19 -18.42 -25.35
CA HIS A 110 20.92 -17.79 -25.53
C HIS A 110 19.92 -18.82 -26.01
N GLY A 111 18.67 -18.50 -25.76
CA GLY A 111 17.61 -19.42 -25.97
C GLY A 111 16.23 -18.82 -25.76
N ILE A 112 15.31 -19.73 -25.57
N ILE A 112 15.27 -19.71 -25.58
CA ILE A 112 13.92 -19.46 -25.32
CA ILE A 112 13.88 -19.34 -25.40
C ILE A 112 13.55 -19.89 -23.92
C ILE A 112 13.34 -19.93 -24.08
N LEU A 113 12.72 -19.08 -23.26
CA LEU A 113 12.12 -19.47 -22.00
C LEU A 113 10.60 -19.20 -22.05
N GLY A 114 9.87 -20.20 -21.62
CA GLY A 114 8.44 -20.09 -21.38
C GLY A 114 8.10 -20.05 -19.92
N ALA A 115 7.11 -19.24 -19.60
CA ALA A 115 6.56 -19.12 -18.26
C ALA A 115 5.08 -18.95 -18.42
N VAL A 116 4.33 -19.76 -17.71
CA VAL A 116 2.88 -19.84 -17.87
C VAL A 116 2.13 -19.14 -16.72
N PHE A 117 1.34 -18.12 -17.06
CA PHE A 117 0.46 -17.47 -16.10
C PHE A 117 -0.98 -17.97 -16.20
N PRO A 118 -1.46 -18.66 -15.17
CA PRO A 118 -2.75 -19.35 -15.35
C PRO A 118 -3.87 -18.38 -15.36
N GLY A 119 -4.80 -18.57 -16.29
CA GLY A 119 -5.89 -17.64 -16.39
C GLY A 119 -5.61 -16.51 -17.35
N CYS A 120 -4.39 -16.43 -17.92
CA CYS A 120 -4.16 -15.44 -18.95
C CYS A 120 -4.42 -16.11 -20.29
N PRO A 121 -4.80 -15.30 -21.29
CA PRO A 121 -5.03 -15.87 -22.60
C PRO A 121 -3.74 -16.13 -23.38
N GLU A 122 -3.86 -16.98 -24.37
CA GLU A 122 -2.74 -17.26 -25.28
C GLU A 122 -2.64 -16.12 -26.32
N THR A 123 -1.68 -15.23 -26.17
CA THR A 123 -1.58 -14.07 -27.06
C THR A 123 -0.49 -14.13 -28.12
N PHE A 124 0.18 -15.27 -28.27
CA PHE A 124 1.11 -15.50 -29.36
C PHE A 124 0.38 -16.49 -30.29
N GLN A 125 -0.01 -15.95 -31.44
CA GLN A 125 -1.10 -16.54 -32.23
C GLN A 125 -0.74 -16.71 -33.70
N SER A 126 -0.91 -17.93 -34.21
CA SER A 126 -0.78 -18.15 -35.66
C SER A 126 -1.91 -19.05 -36.14
N PHE A 127 -2.60 -18.55 -37.15
CA PHE A 127 -3.72 -19.27 -37.71
C PHE A 127 -3.37 -19.92 -39.05
N HIS A 128 -2.09 -19.99 -39.37
CA HIS A 128 -1.64 -20.63 -40.64
C HIS A 128 -0.55 -21.61 -40.30
N PRO A 129 -0.30 -22.62 -41.15
CA PRO A 129 -1.13 -22.93 -42.34
C PRO A 129 -2.52 -23.47 -41.98
N THR A 130 -3.46 -23.40 -42.94
CA THR A 130 -4.86 -23.87 -42.82
C THR A 130 -5.57 -23.40 -41.54
N ASP A 141 5.56 -25.91 -41.60
CA ASP A 141 4.58 -26.99 -41.55
C ASP A 141 3.43 -26.67 -40.55
N GLN A 142 2.49 -27.61 -40.39
CA GLN A 142 1.26 -27.38 -39.63
C GLN A 142 1.38 -27.11 -38.11
N THR A 143 2.48 -27.47 -37.42
CA THR A 143 2.50 -27.16 -35.97
C THR A 143 2.72 -25.68 -35.78
N PHE A 144 3.08 -24.94 -36.84
CA PHE A 144 2.97 -23.48 -36.82
C PHE A 144 1.59 -22.90 -36.67
N ARG A 145 0.55 -23.72 -36.76
CA ARG A 145 -0.79 -23.25 -36.50
C ARG A 145 -1.02 -23.59 -35.05
N ASP A 146 -1.06 -22.56 -34.22
CA ASP A 146 -0.97 -22.77 -32.78
C ASP A 146 -1.24 -21.45 -32.09
N GLN A 147 -1.65 -21.53 -30.83
CA GLN A 147 -1.67 -20.36 -29.96
C GLN A 147 -1.03 -20.75 -28.66
N HIS A 148 -0.19 -19.88 -28.12
CA HIS A 148 0.45 -20.17 -26.84
C HIS A 148 0.74 -18.85 -26.17
N GLN A 149 1.19 -18.91 -24.92
CA GLN A 149 1.54 -17.71 -24.22
C GLN A 149 2.87 -17.20 -24.71
N LYS A 150 3.10 -15.94 -24.38
N LYS A 150 3.12 -15.93 -24.40
CA LYS A 150 4.31 -15.26 -24.74
CA LYS A 150 4.31 -15.28 -24.88
C LYS A 150 5.54 -16.08 -24.36
C LYS A 150 5.54 -15.98 -24.36
N VAL A 151 6.50 -16.16 -25.27
CA VAL A 151 7.80 -16.76 -25.00
C VAL A 151 8.85 -15.66 -24.89
N HIS A 152 9.91 -15.95 -24.18
CA HIS A 152 10.87 -14.94 -23.88
C HIS A 152 12.21 -15.34 -24.42
N PHE A 153 12.90 -14.36 -25.02
CA PHE A 153 14.14 -14.63 -25.70
C PHE A 153 15.25 -14.24 -24.73
N ILE A 154 15.95 -15.24 -24.23
CA ILE A 154 16.89 -15.03 -23.10
C ILE A 154 18.32 -15.11 -23.59
N ARG A 155 19.23 -14.43 -22.91
CA ARG A 155 20.64 -14.39 -23.33
C ARG A 155 21.53 -14.16 -22.19
N GLN A 156 22.79 -14.39 -22.41
CA GLN A 156 23.79 -14.23 -21.36
C GLN A 156 23.65 -12.82 -20.71
N GLY A 157 23.67 -12.84 -19.39
CA GLY A 157 23.52 -11.68 -18.54
C GLY A 157 22.14 -11.41 -18.08
N ASP A 158 21.16 -12.14 -18.63
CA ASP A 158 19.81 -12.00 -18.17
C ASP A 158 19.61 -12.60 -16.77
N VAL A 159 18.87 -11.90 -15.94
CA VAL A 159 18.41 -12.48 -14.68
C VAL A 159 16.91 -12.51 -14.75
N ILE A 160 16.39 -13.71 -14.59
CA ILE A 160 14.96 -14.03 -14.76
C ILE A 160 14.35 -14.36 -13.41
N ALA A 161 13.18 -13.80 -13.08
CA ALA A 161 12.54 -13.98 -11.77
C ALA A 161 11.21 -14.70 -11.98
N LEU A 162 11.02 -15.84 -11.33
CA LEU A 162 9.80 -16.63 -11.43
C LEU A 162 9.25 -16.98 -10.07
N PRO A 163 7.95 -16.71 -9.86
CA PRO A 163 7.31 -17.13 -8.65
C PRO A 163 7.19 -18.66 -8.50
N ALA A 164 6.93 -19.11 -7.29
CA ALA A 164 6.62 -20.47 -6.99
C ALA A 164 5.34 -20.86 -7.72
N GLY A 165 5.30 -22.09 -8.21
CA GLY A 165 4.07 -22.71 -8.71
C GLY A 165 3.85 -22.49 -10.21
N ILE A 166 4.73 -21.67 -10.81
CA ILE A 166 4.67 -21.29 -12.18
C ILE A 166 5.39 -22.27 -13.06
N VAL A 167 4.68 -22.81 -14.05
CA VAL A 167 5.29 -23.69 -15.05
C VAL A 167 6.27 -22.89 -15.95
N HIS A 168 7.47 -23.42 -16.12
CA HIS A 168 8.46 -22.81 -16.99
C HIS A 168 9.18 -23.87 -17.74
N TRP A 169 9.80 -23.48 -18.82
CA TRP A 169 10.53 -24.43 -19.71
C TRP A 169 11.54 -23.63 -20.48
N ALA A 170 12.56 -24.29 -21.03
CA ALA A 170 13.61 -23.63 -21.78
C ALA A 170 14.10 -24.45 -22.93
N TYR A 171 14.60 -23.76 -23.97
CA TYR A 171 15.13 -24.39 -25.16
C TYR A 171 16.30 -23.66 -25.67
N ASN A 172 17.27 -24.43 -26.14
CA ASN A 172 18.50 -23.91 -26.74
C ASN A 172 18.55 -24.16 -28.24
N GLU A 173 18.47 -23.05 -29.00
CA GLU A 173 18.48 -22.96 -30.47
C GLU A 173 19.97 -22.89 -30.97
N ALA A 174 20.90 -22.40 -30.14
CA ALA A 174 22.27 -22.10 -30.57
C ALA A 174 23.22 -23.24 -30.49
N THR A 175 24.38 -23.10 -31.09
N THR A 175 24.36 -23.03 -31.14
CA THR A 175 25.33 -24.18 -31.05
CA THR A 175 25.47 -23.94 -31.13
C THR A 175 26.07 -24.23 -29.69
C THR A 175 26.02 -24.18 -29.74
N GLU A 176 26.34 -23.09 -29.05
CA GLU A 176 26.98 -23.11 -27.72
C GLU A 176 25.94 -23.52 -26.67
N LYS A 177 26.40 -24.15 -25.63
CA LYS A 177 25.57 -24.55 -24.51
C LYS A 177 24.91 -23.33 -23.87
N LEU A 178 23.68 -23.55 -23.43
CA LEU A 178 22.93 -22.54 -22.67
C LEU A 178 23.05 -22.99 -21.18
N VAL A 179 23.65 -22.12 -20.38
CA VAL A 179 23.95 -22.45 -18.96
C VAL A 179 23.12 -21.51 -18.08
N LEU A 180 22.33 -22.10 -17.23
CA LEU A 180 21.43 -21.34 -16.35
C LEU A 180 21.81 -21.66 -14.92
N LEU A 181 22.08 -20.63 -14.12
CA LEU A 181 22.34 -20.84 -12.72
C LEU A 181 21.03 -20.47 -12.03
N VAL A 182 20.46 -21.41 -11.28
CA VAL A 182 19.18 -21.23 -10.64
C VAL A 182 19.30 -21.20 -9.17
N ILE A 183 18.84 -20.10 -8.57
CA ILE A 183 18.86 -19.93 -7.13
C ILE A 183 17.41 -19.94 -6.65
N HIS A 184 17.03 -21.01 -5.94
CA HIS A 184 15.69 -21.14 -5.35
C HIS A 184 15.67 -20.67 -3.91
N ASP A 185 14.69 -19.82 -3.58
CA ASP A 185 14.59 -19.19 -2.27
C ASP A 185 13.55 -20.02 -1.47
N LEU A 186 14.08 -21.02 -0.79
CA LEU A 186 13.23 -21.97 -0.05
C LEU A 186 12.54 -21.34 1.16
N SER A 187 13.16 -20.35 1.80
CA SER A 187 12.54 -19.75 3.00
C SER A 187 11.51 -18.66 2.68
N ASN A 188 11.32 -18.40 1.40
CA ASN A 188 10.35 -17.44 0.94
C ASN A 188 8.93 -17.74 1.44
N ARG A 189 8.19 -16.67 1.66
CA ARG A 189 6.82 -16.84 2.04
C ARG A 189 5.98 -17.58 1.07
N GLU A 190 6.35 -17.62 -0.21
CA GLU A 190 5.56 -18.33 -1.21
C GLU A 190 5.64 -19.88 -1.03
N ASN A 191 6.58 -20.32 -0.24
CA ASN A 191 6.75 -21.74 0.03
C ASN A 191 6.13 -22.05 1.34
N GLN A 192 4.95 -22.67 1.25
CA GLN A 192 4.23 -23.14 2.44
C GLN A 192 4.42 -24.59 2.87
N LEU A 193 5.30 -25.28 2.17
CA LEU A 193 5.48 -26.66 2.39
C LEU A 193 6.48 -26.89 3.52
N ASP A 194 7.77 -27.00 3.21
CA ASP A 194 8.83 -27.13 4.21
C ASP A 194 10.11 -26.78 3.44
N GLN A 195 11.26 -26.79 4.12
CA GLN A 195 12.47 -26.18 3.58
C GLN A 195 13.25 -27.17 2.69
N ASN A 196 12.57 -27.68 1.67
CA ASN A 196 13.14 -28.60 0.66
C ASN A 196 12.54 -28.28 -0.66
N LEU A 197 13.34 -28.37 -1.72
CA LEU A 197 12.87 -28.03 -3.04
C LEU A 197 12.10 -29.19 -3.65
N ARG A 198 10.98 -28.89 -4.30
CA ARG A 198 10.25 -29.85 -5.14
C ARG A 198 10.44 -29.40 -6.57
N ARG A 199 10.67 -30.35 -7.46
CA ARG A 199 10.70 -30.13 -8.91
C ARG A 199 9.67 -31.01 -9.54
N TYR A 200 8.58 -30.41 -9.98
CA TYR A 200 7.45 -31.18 -10.50
C TYR A 200 7.39 -30.95 -11.99
N PHE A 201 7.70 -31.98 -12.75
CA PHE A 201 7.77 -31.91 -14.21
C PHE A 201 6.50 -32.40 -14.90
N LEU A 202 6.16 -31.72 -16.00
CA LEU A 202 5.06 -32.10 -16.82
C LEU A 202 5.68 -32.90 -17.97
N GLY A 203 6.01 -34.16 -17.63
CA GLY A 203 6.74 -35.06 -18.55
C GLY A 203 8.05 -35.50 -17.93
N GLY A 204 8.83 -36.26 -18.70
CA GLY A 204 10.14 -36.67 -18.24
C GLY A 204 10.11 -38.00 -17.51
N ASN A 205 11.29 -38.60 -17.33
CA ASN A 205 11.34 -39.83 -16.56
C ASN A 205 12.70 -40.06 -15.92
N GLN A 206 12.73 -40.59 -14.70
CA GLN A 206 14.02 -40.94 -14.05
C GLN A 206 14.47 -42.35 -14.41
N LYS A 207 15.70 -42.46 -14.90
CA LYS A 207 16.47 -43.72 -14.97
C LYS A 207 17.77 -43.58 -14.19
N ASN A 219 17.45 -36.95 -0.32
CA ASN A 219 16.64 -37.39 -1.47
C ASN A 219 16.04 -36.22 -2.27
N LEU A 220 16.22 -36.28 -3.59
CA LEU A 220 15.63 -35.27 -4.49
C LEU A 220 14.16 -35.56 -4.71
N LEU A 221 13.39 -34.47 -4.69
CA LEU A 221 11.93 -34.49 -4.89
C LEU A 221 11.74 -33.96 -6.29
N TRP A 222 11.99 -34.85 -7.22
CA TRP A 222 12.01 -34.56 -8.65
C TRP A 222 11.14 -35.59 -9.33
N ASN A 223 10.04 -35.22 -9.99
CA ASN A 223 9.05 -36.20 -10.46
C ASN A 223 8.22 -35.69 -11.65
N ASN A 224 7.85 -36.60 -12.52
CA ASN A 224 6.87 -36.36 -13.58
C ASN A 224 5.51 -36.46 -12.93
N VAL A 225 4.80 -35.35 -12.77
CA VAL A 225 3.52 -35.32 -12.09
C VAL A 225 2.43 -36.21 -12.66
N PHE A 226 2.59 -36.71 -13.89
CA PHE A 226 1.58 -37.52 -14.55
C PHE A 226 1.72 -38.96 -14.08
N GLN A 227 2.90 -39.35 -13.60
CA GLN A 227 3.21 -40.76 -13.24
C GLN A 227 2.36 -41.33 -12.12
N PRO A 228 2.15 -40.57 -11.03
CA PRO A 228 1.30 -41.15 -9.98
C PRO A 228 -0.21 -41.25 -10.35
N LEU A 229 -0.65 -40.63 -11.43
CA LEU A 229 -2.07 -40.52 -11.71
C LEU A 229 -2.55 -41.73 -12.45
N ASP A 230 -3.84 -41.98 -12.32
CA ASP A 230 -4.47 -43.11 -13.00
C ASP A 230 -4.71 -42.68 -14.39
N PRO A 231 -4.14 -43.41 -15.39
CA PRO A 231 -4.28 -42.89 -16.74
C PRO A 231 -5.70 -42.86 -17.27
N GLN A 232 -6.55 -43.82 -16.85
CA GLN A 232 -7.96 -43.78 -17.28
C GLN A 232 -8.73 -42.53 -16.75
N PHE A 233 -8.47 -42.22 -15.49
CA PHE A 233 -9.07 -41.08 -14.75
C PHE A 233 -8.58 -39.80 -15.38
N LEU A 234 -7.26 -39.67 -15.58
CA LEU A 234 -6.76 -38.50 -16.24
C LEU A 234 -7.23 -38.40 -17.66
N GLY A 235 -7.33 -39.52 -18.38
CA GLY A 235 -7.82 -39.46 -19.74
C GLY A 235 -9.26 -39.04 -19.87
N ARG A 236 -10.11 -39.50 -18.97
CA ARG A 236 -11.51 -39.07 -18.91
C ARG A 236 -11.62 -37.56 -18.61
N ALA A 237 -10.81 -37.07 -17.67
CA ALA A 237 -10.77 -35.61 -17.44
C ALA A 237 -10.34 -34.83 -18.71
N SER A 238 -9.29 -35.33 -19.38
CA SER A 238 -8.65 -34.62 -20.47
C SER A 238 -9.34 -34.78 -21.80
N GLY A 239 -10.30 -35.69 -21.87
CA GLY A 239 -10.94 -36.05 -23.10
C GLY A 239 -10.07 -36.80 -24.08
N VAL A 240 -9.04 -37.51 -23.62
CA VAL A 240 -8.11 -38.19 -24.57
C VAL A 240 -8.03 -39.65 -24.14
N ASN A 241 -7.58 -40.48 -25.08
CA ASN A 241 -7.47 -41.92 -24.89
C ASN A 241 -6.42 -42.22 -23.83
N SER A 242 -6.63 -43.21 -22.99
CA SER A 242 -5.71 -43.42 -21.86
C SER A 242 -4.30 -43.83 -22.36
N GLU A 243 -4.17 -44.20 -23.64
CA GLU A 243 -2.85 -44.39 -24.24
C GLU A 243 -2.07 -43.07 -24.53
N ILE A 244 -2.74 -41.99 -24.95
CA ILE A 244 -2.10 -40.66 -24.92
C ILE A 244 -1.61 -40.38 -23.53
N ILE A 245 -2.35 -40.72 -22.47
CA ILE A 245 -1.90 -40.41 -21.11
C ILE A 245 -0.70 -41.22 -20.70
N LYS A 246 -0.64 -42.45 -21.16
CA LYS A 246 0.53 -43.26 -20.89
C LYS A 246 1.79 -42.70 -21.59
N LYS A 247 1.63 -42.07 -22.76
CA LYS A 247 2.73 -41.29 -23.36
C LYS A 247 3.12 -40.11 -22.46
N LEU A 248 2.14 -39.38 -21.88
CA LEU A 248 2.50 -38.38 -20.81
C LEU A 248 3.29 -38.92 -19.62
N GLN A 249 3.00 -40.14 -19.22
CA GLN A 249 3.69 -40.76 -18.09
C GLN A 249 5.17 -41.18 -18.42
N SER A 250 5.45 -41.47 -19.70
CA SER A 250 6.81 -41.71 -20.22
C SER A 250 7.55 -42.78 -19.38
N GLU A 251 6.84 -43.82 -18.93
CA GLU A 251 7.51 -44.74 -17.98
C GLU A 251 8.72 -45.51 -18.53
N ASN A 252 8.82 -45.67 -19.85
CA ASN A 252 9.99 -46.35 -20.43
C ASN A 252 10.93 -45.37 -21.15
N ASP A 253 10.93 -44.08 -20.77
CA ASP A 253 11.78 -43.11 -21.48
C ASP A 253 13.12 -42.98 -20.76
N PHE A 254 14.19 -43.03 -21.53
CA PHE A 254 15.57 -42.91 -21.01
C PHE A 254 16.15 -41.51 -21.23
N ARG A 255 15.37 -40.56 -21.76
CA ARG A 255 15.98 -39.28 -22.13
C ARG A 255 16.20 -38.32 -20.96
N GLY A 256 15.56 -38.56 -19.82
CA GLY A 256 15.70 -37.64 -18.73
C GLY A 256 14.85 -36.40 -18.96
N TYR A 257 15.36 -35.25 -18.49
CA TYR A 257 14.58 -34.05 -18.38
C TYR A 257 15.00 -32.93 -19.33
N MET A 258 15.96 -33.22 -20.22
CA MET A 258 16.29 -32.39 -21.33
C MET A 258 16.35 -33.27 -22.56
N VAL A 259 15.48 -33.02 -23.52
CA VAL A 259 15.32 -33.94 -24.62
C VAL A 259 15.79 -33.25 -25.92
N ARG A 260 16.34 -34.04 -26.86
CA ARG A 260 16.80 -33.48 -28.12
C ARG A 260 15.64 -33.29 -29.07
N VAL A 261 15.68 -32.15 -29.73
CA VAL A 261 14.67 -31.82 -30.71
C VAL A 261 15.43 -31.78 -32.04
N ARG A 262 15.53 -32.94 -32.66
CA ARG A 262 16.50 -33.11 -33.74
C ARG A 262 16.47 -32.06 -34.88
N ASP A 263 15.27 -31.71 -35.32
CA ASP A 263 15.08 -30.80 -36.43
C ASP A 263 14.70 -29.38 -35.97
N GLY A 264 14.84 -29.11 -34.67
CA GLY A 264 14.55 -27.77 -34.14
C GLY A 264 13.12 -27.54 -33.75
N LEU A 265 12.94 -26.86 -32.62
CA LEU A 265 11.63 -26.56 -32.10
C LEU A 265 10.88 -25.52 -32.92
N ARG A 266 9.62 -25.76 -33.19
CA ARG A 266 8.79 -24.90 -33.96
C ARG A 266 7.86 -24.20 -32.94
N LEU A 267 7.80 -22.89 -32.98
CA LEU A 267 6.81 -22.21 -32.18
C LEU A 267 6.38 -20.92 -32.88
N VAL A 268 5.44 -20.20 -32.26
CA VAL A 268 4.88 -18.98 -32.77
C VAL A 268 5.68 -17.84 -32.17
N ARG A 269 6.41 -17.17 -33.00
CA ARG A 269 7.27 -16.12 -32.50
C ARG A 269 7.29 -15.01 -33.52
N PRO A 270 7.34 -13.74 -33.04
CA PRO A 270 7.31 -12.63 -33.93
C PRO A 270 8.40 -12.64 -34.96
N SER A 271 7.93 -12.22 -36.12
CA SER A 271 8.61 -12.08 -37.35
C SER A 271 9.13 -10.67 -37.48
N SER A 272 10.03 -10.51 -38.43
CA SER A 272 10.67 -9.21 -38.73
C SER A 272 9.66 -8.16 -39.19
N GLU A 273 9.87 -6.94 -38.70
CA GLU A 273 9.02 -5.80 -38.97
C GLU A 273 9.81 -4.68 -39.70
N GLU A 274 10.50 -5.04 -40.78
CA GLU A 274 11.36 -4.08 -41.52
C GLU A 274 10.75 -3.52 -42.79
N GLY A 285 -7.68 -5.14 -22.07
CA GLY A 285 -8.04 -5.76 -20.79
C GLY A 285 -6.81 -6.21 -19.98
N TYR A 286 -7.04 -7.11 -19.04
N TYR A 286 -6.96 -7.09 -18.99
CA TYR A 286 -6.02 -7.70 -18.18
CA TYR A 286 -5.79 -7.45 -18.19
C TYR A 286 -4.84 -8.32 -18.95
C TYR A 286 -4.78 -8.36 -18.95
N GLU A 287 -5.11 -8.79 -20.18
CA GLU A 287 -4.10 -9.30 -21.08
C GLU A 287 -2.95 -8.35 -21.39
N GLU A 288 -3.22 -7.04 -21.30
CA GLU A 288 -2.22 -5.98 -21.51
C GLU A 288 -1.46 -5.59 -20.27
N THR A 289 -1.89 -6.04 -19.09
CA THR A 289 -1.29 -5.50 -17.86
C THR A 289 -0.71 -6.66 -17.04
N LEU A 290 -1.54 -7.29 -16.20
CA LEU A 290 -1.15 -8.35 -15.30
C LEU A 290 -0.48 -9.49 -16.07
N CYS A 291 -1.06 -9.81 -17.23
CA CYS A 291 -0.53 -10.91 -17.98
C CYS A 291 0.79 -10.64 -18.66
N THR A 292 1.20 -9.38 -18.74
CA THR A 292 2.42 -8.92 -19.42
C THR A 292 3.62 -8.69 -18.53
N VAL A 293 3.53 -9.10 -17.27
CA VAL A 293 4.52 -8.71 -16.26
C VAL A 293 5.92 -9.01 -16.84
N ARG A 294 6.89 -8.10 -16.64
N ARG A 294 6.82 -8.03 -16.66
CA ARG A 294 8.25 -8.39 -17.12
CA ARG A 294 8.19 -8.20 -17.05
C ARG A 294 8.95 -9.37 -16.17
C ARG A 294 8.79 -9.16 -16.05
N ILE A 295 9.66 -10.35 -16.71
N ILE A 295 9.63 -10.04 -16.58
CA ILE A 295 10.27 -11.43 -15.93
CA ILE A 295 10.16 -11.17 -15.87
C ILE A 295 11.80 -11.36 -15.90
C ILE A 295 11.71 -11.11 -15.71
N LYS A 296 12.43 -10.47 -16.65
CA LYS A 296 13.85 -10.50 -16.66
C LYS A 296 14.43 -9.16 -16.97
N GLU A 297 15.67 -8.96 -16.59
CA GLU A 297 16.45 -7.82 -16.99
C GLU A 297 17.88 -8.26 -17.31
N ASN A 298 18.53 -7.62 -18.30
CA ASN A 298 19.88 -8.00 -18.64
C ASN A 298 20.86 -7.14 -17.83
N LEU A 299 21.87 -7.77 -17.23
CA LEU A 299 22.86 -7.02 -16.43
C LEU A 299 24.22 -6.91 -17.08
N LEU A 300 24.41 -7.46 -18.27
CA LEU A 300 25.77 -7.56 -18.78
C LEU A 300 26.38 -6.34 -19.36
N ASN A 301 25.61 -5.48 -20.02
CA ASN A 301 26.21 -4.29 -20.66
C ASN A 301 26.84 -3.34 -19.59
N PRO A 302 28.13 -2.91 -19.77
CA PRO A 302 28.72 -1.94 -18.78
C PRO A 302 27.87 -0.69 -18.71
N GLU A 303 27.13 -0.42 -19.78
CA GLU A 303 26.29 0.78 -19.84
C GLU A 303 25.09 0.69 -18.89
N ARG A 304 24.78 -0.52 -18.38
CA ARG A 304 23.66 -0.77 -17.42
C ARG A 304 24.20 -0.54 -15.97
N ALA A 305 25.45 -0.18 -15.82
CA ALA A 305 26.05 0.01 -14.56
C ALA A 305 25.35 1.09 -13.79
N ASP A 306 25.22 0.87 -12.52
CA ASP A 306 24.67 1.87 -11.59
C ASP A 306 25.81 2.56 -10.80
N ILE A 307 26.84 1.81 -10.43
N ILE A 307 26.92 1.89 -10.61
CA ILE A 307 28.12 2.40 -9.96
CA ILE A 307 28.09 2.50 -9.97
C ILE A 307 29.18 2.15 -11.03
C ILE A 307 29.27 2.13 -10.81
N TYR A 308 30.03 3.13 -11.29
CA TYR A 308 31.17 2.89 -12.16
C TYR A 308 32.35 3.71 -11.65
N THR A 309 33.49 3.04 -11.44
CA THR A 309 34.77 3.72 -11.09
C THR A 309 35.73 3.39 -12.21
N SER A 310 36.15 4.43 -12.95
CA SER A 310 37.14 4.24 -13.99
C SER A 310 38.35 3.50 -13.41
N ARG A 311 38.83 2.50 -14.16
CA ARG A 311 39.92 1.60 -13.77
C ARG A 311 39.61 0.61 -12.66
N GLY A 312 38.40 0.67 -12.11
CA GLY A 312 38.04 -0.21 -11.02
C GLY A 312 36.94 -1.19 -11.41
N GLY A 313 35.88 -0.72 -12.01
CA GLY A 313 34.80 -1.64 -12.45
C GLY A 313 33.42 -1.09 -12.19
N THR A 314 32.45 -1.99 -12.10
CA THR A 314 31.00 -1.62 -12.15
C THR A 314 30.24 -2.50 -11.22
N VAL A 315 29.16 -1.93 -10.69
CA VAL A 315 28.05 -2.70 -10.06
C VAL A 315 26.79 -2.35 -10.80
N SER A 316 26.01 -3.39 -11.12
CA SER A 316 24.71 -3.25 -11.84
C SER A 316 23.75 -3.98 -10.94
N THR A 317 22.86 -3.21 -10.31
CA THR A 317 21.98 -3.74 -9.27
C THR A 317 20.61 -3.97 -9.88
N LEU A 318 19.89 -4.99 -9.42
CA LEU A 318 18.57 -5.36 -9.93
C LEU A 318 17.62 -5.57 -8.78
N ASN A 319 16.72 -4.63 -8.51
CA ASN A 319 15.77 -4.69 -7.41
C ASN A 319 14.44 -4.16 -7.90
N SER A 320 13.51 -4.00 -6.96
CA SER A 320 12.15 -3.67 -7.34
C SER A 320 11.93 -2.28 -7.86
N TYR A 321 12.95 -1.41 -7.81
CA TYR A 321 12.88 -0.10 -8.55
C TYR A 321 13.19 -0.26 -10.00
N ASN A 322 13.73 -1.45 -10.37
N ASN A 322 13.49 -1.48 -10.40
CA ASN A 322 14.14 -1.85 -11.75
CA ASN A 322 13.81 -1.75 -11.73
C ASN A 322 13.14 -2.88 -12.39
C ASN A 322 12.85 -2.76 -12.31
N LEU A 323 12.73 -3.91 -11.63
CA LEU A 323 11.94 -5.04 -12.09
C LEU A 323 10.84 -5.25 -11.10
N PRO A 324 9.57 -4.89 -11.45
CA PRO A 324 8.53 -4.78 -10.46
C PRO A 324 8.24 -6.10 -9.74
N ILE A 325 8.40 -7.21 -10.43
CA ILE A 325 7.98 -8.57 -9.89
C ILE A 325 8.86 -8.94 -8.66
N LEU A 326 10.03 -8.34 -8.59
CA LEU A 326 10.90 -8.53 -7.42
C LEU A 326 10.34 -8.10 -6.11
N ARG A 327 9.44 -7.12 -6.12
CA ARG A 327 8.78 -6.70 -4.88
C ARG A 327 7.96 -7.85 -4.24
N LYS A 328 7.18 -8.53 -5.08
CA LYS A 328 6.41 -9.66 -4.67
C LYS A 328 7.29 -10.81 -4.22
N LEU A 329 8.34 -11.08 -5.01
CA LEU A 329 9.26 -12.20 -4.72
C LEU A 329 10.20 -11.99 -3.55
N GLN A 330 10.42 -10.72 -3.17
CA GLN A 330 11.37 -10.37 -2.10
C GLN A 330 12.81 -10.86 -2.40
N LEU A 331 13.25 -10.65 -3.64
CA LEU A 331 14.60 -10.99 -4.08
C LEU A 331 15.21 -9.81 -4.79
N SER A 332 16.51 -9.83 -4.87
N SER A 332 16.52 -9.75 -4.75
CA SER A 332 17.21 -8.91 -5.72
CA SER A 332 17.32 -8.77 -5.47
C SER A 332 18.56 -9.50 -6.11
C SER A 332 18.46 -9.55 -6.20
N ALA A 333 19.15 -8.86 -7.10
CA ALA A 333 20.37 -9.39 -7.70
C ALA A 333 21.32 -8.28 -8.10
N ASN A 334 22.59 -8.64 -8.31
CA ASN A 334 23.51 -7.65 -8.92
C ASN A 334 24.58 -8.38 -9.75
N ARG A 335 25.26 -7.64 -10.63
CA ARG A 335 26.45 -8.10 -11.27
C ARG A 335 27.60 -7.15 -10.89
N GLU A 336 28.71 -7.73 -10.45
CA GLU A 336 29.95 -6.94 -10.13
C GLU A 336 31.02 -7.31 -11.14
N TYR A 337 31.72 -6.32 -11.69
CA TYR A 337 32.85 -6.58 -12.56
C TYR A 337 33.98 -5.72 -12.01
N LEU A 338 35.04 -6.37 -11.65
CA LEU A 338 36.26 -5.75 -11.18
C LEU A 338 37.38 -5.97 -12.15
N TYR A 339 38.05 -4.85 -12.50
CA TYR A 339 39.33 -4.95 -13.22
C TYR A 339 40.40 -5.56 -12.35
N PRO A 340 41.53 -5.99 -12.98
CA PRO A 340 42.54 -6.64 -12.14
C PRO A 340 42.97 -5.77 -10.94
N ASN A 341 43.04 -6.46 -9.78
CA ASN A 341 43.42 -5.88 -8.47
C ASN A 341 42.46 -4.87 -7.89
N ALA A 342 41.33 -4.59 -8.55
CA ALA A 342 40.35 -3.65 -7.98
C ALA A 342 39.56 -4.34 -6.85
N MET A 343 38.88 -3.55 -6.04
CA MET A 343 38.15 -4.08 -4.92
C MET A 343 36.75 -3.47 -4.88
N ILE A 344 35.85 -4.20 -4.23
CA ILE A 344 34.63 -3.65 -3.67
C ILE A 344 34.89 -3.32 -2.23
N VAL A 345 34.40 -2.15 -1.79
CA VAL A 345 34.63 -1.72 -0.41
C VAL A 345 34.27 -2.82 0.60
N PRO A 346 34.99 -2.93 1.68
CA PRO A 346 34.52 -3.73 2.77
C PRO A 346 33.14 -3.27 3.30
N GLU A 347 32.28 -4.24 3.63
CA GLU A 347 30.87 -3.93 3.84
C GLU A 347 30.20 -5.09 4.48
N TRP A 348 28.93 -4.90 4.82
CA TRP A 348 28.05 -6.01 5.18
C TRP A 348 26.65 -5.79 4.58
N ASN A 349 25.92 -6.91 4.38
CA ASN A 349 24.53 -6.81 3.94
C ASN A 349 23.68 -6.54 5.14
N ASN A 350 22.88 -5.44 5.12
N ASN A 350 22.88 -5.49 5.08
CA ASN A 350 21.96 -5.06 6.22
CA ASN A 350 22.14 -5.10 6.22
C ASN A 350 20.83 -6.06 6.41
C ASN A 350 20.72 -5.69 6.31
N ASN A 351 20.23 -6.44 5.29
CA ASN A 351 18.86 -6.98 5.32
C ASN A 351 18.61 -8.21 4.43
N ALA A 352 19.69 -8.95 4.22
CA ALA A 352 19.64 -10.11 3.31
C ALA A 352 20.90 -10.96 3.42
N HIS A 353 20.73 -12.22 3.07
CA HIS A 353 21.89 -13.05 2.68
C HIS A 353 22.27 -12.84 1.24
N SER A 354 23.57 -12.99 0.94
N SER A 354 23.54 -13.02 0.92
CA SER A 354 24.11 -12.95 -0.44
CA SER A 354 24.02 -12.88 -0.47
C SER A 354 24.54 -14.33 -0.88
C SER A 354 24.60 -14.23 -0.91
N ILE A 355 24.24 -14.62 -2.14
CA ILE A 355 24.59 -15.90 -2.76
C ILE A 355 25.29 -15.47 -4.08
N SER A 356 26.63 -15.65 -4.13
CA SER A 356 27.37 -15.15 -5.27
C SER A 356 27.90 -16.32 -6.08
N TYR A 357 27.97 -16.13 -7.38
CA TYR A 357 28.49 -17.15 -8.33
C TYR A 357 29.53 -16.48 -9.18
N VAL A 358 30.74 -17.06 -9.23
CA VAL A 358 31.83 -16.47 -10.04
C VAL A 358 31.73 -16.92 -11.49
N THR A 359 31.48 -15.99 -12.41
CA THR A 359 31.31 -16.36 -13.80
C THR A 359 32.58 -16.21 -14.60
N ARG A 360 33.49 -15.34 -14.16
CA ARG A 360 34.78 -15.17 -14.81
C ARG A 360 35.84 -14.71 -13.86
N GLY A 361 37.05 -15.11 -14.16
CA GLY A 361 38.17 -14.62 -13.38
C GLY A 361 38.31 -15.26 -12.00
N SER A 362 38.85 -14.47 -11.07
CA SER A 362 39.15 -14.95 -9.75
C SER A 362 39.45 -13.71 -8.82
N GLY A 363 39.55 -13.98 -7.53
CA GLY A 363 39.86 -12.96 -6.53
C GLY A 363 40.03 -13.57 -5.17
N ARG A 364 40.28 -12.71 -4.21
CA ARG A 364 40.41 -13.08 -2.83
C ARG A 364 39.12 -12.57 -2.18
N LEU A 365 38.58 -13.39 -1.28
CA LEU A 365 37.45 -13.00 -0.47
C LEU A 365 37.86 -13.19 0.97
N GLN A 366 37.56 -12.24 1.84
CA GLN A 366 37.64 -12.42 3.31
C GLN A 366 36.30 -12.11 3.94
N VAL A 367 35.89 -12.97 4.85
CA VAL A 367 34.67 -12.83 5.57
C VAL A 367 34.91 -12.87 7.06
N GLY A 368 34.34 -11.92 7.78
CA GLY A 368 34.26 -11.97 9.25
C GLY A 368 32.85 -12.11 9.77
N GLY A 369 32.75 -12.68 10.97
CA GLY A 369 31.52 -12.99 11.65
C GLY A 369 31.52 -12.55 13.09
N SER A 370 31.10 -13.47 13.98
CA SER A 370 30.95 -13.23 15.39
C SER A 370 32.20 -13.56 16.24
N SER A 371 33.12 -14.33 15.67
N SER A 371 33.17 -14.24 15.66
CA SER A 371 34.38 -14.76 16.33
CA SER A 371 34.39 -14.60 16.37
C SER A 371 35.53 -13.80 15.98
C SER A 371 35.41 -13.52 16.13
N LYS A 372 36.49 -13.65 16.89
CA LYS A 372 37.70 -12.85 16.64
C LYS A 372 38.47 -13.46 15.44
N SER A 373 38.24 -14.76 15.16
CA SER A 373 38.87 -15.43 13.98
C SER A 373 38.05 -15.41 12.67
N THR A 374 38.74 -15.34 11.54
CA THR A 374 38.14 -15.10 10.24
C THR A 374 37.21 -16.27 9.94
N VAL A 375 36.21 -15.99 9.11
CA VAL A 375 35.23 -17.03 8.72
C VAL A 375 35.71 -17.65 7.38
N TYR A 376 36.31 -16.83 6.53
CA TYR A 376 36.94 -17.32 5.33
C TYR A 376 37.99 -16.30 4.90
N ASP A 377 39.15 -16.81 4.49
CA ASP A 377 40.14 -16.02 3.83
C ASP A 377 40.86 -16.80 2.76
N GLY A 378 40.52 -16.56 1.49
CA GLY A 378 41.00 -17.39 0.43
C GLY A 378 40.55 -16.93 -0.92
N ASP A 379 40.77 -17.76 -1.92
CA ASP A 379 40.40 -17.39 -3.26
C ASP A 379 39.03 -17.88 -3.60
N VAL A 380 38.45 -17.17 -4.59
CA VAL A 380 37.24 -17.60 -5.28
C VAL A 380 37.57 -17.63 -6.76
N ARG A 381 36.96 -18.59 -7.45
N ARG A 381 37.02 -18.57 -7.50
CA ARG A 381 37.29 -18.94 -8.82
CA ARG A 381 37.27 -18.61 -8.93
C ARG A 381 36.02 -19.23 -9.66
C ARG A 381 36.03 -19.09 -9.66
N GLN A 382 36.14 -19.03 -10.99
CA GLN A 382 35.07 -19.36 -11.90
C GLN A 382 34.42 -20.67 -11.58
N GLY A 383 33.10 -20.64 -11.49
CA GLY A 383 32.36 -21.83 -11.18
C GLY A 383 32.01 -22.09 -9.76
N GLN A 384 32.58 -21.32 -8.85
CA GLN A 384 32.31 -21.46 -7.44
C GLN A 384 31.13 -20.52 -6.98
N LEU A 385 30.36 -21.03 -6.05
CA LEU A 385 29.28 -20.35 -5.38
C LEU A 385 29.80 -20.01 -4.00
N PHE A 386 29.45 -18.82 -3.51
CA PHE A 386 29.78 -18.54 -2.06
C PHE A 386 28.66 -17.76 -1.41
N ILE A 387 28.42 -18.08 -0.16
CA ILE A 387 27.34 -17.49 0.59
C ILE A 387 27.88 -16.58 1.68
N ILE A 388 27.42 -15.34 1.75
CA ILE A 388 27.76 -14.45 2.85
C ILE A 388 26.46 -14.17 3.65
N PRO A 389 26.37 -14.61 4.91
CA PRO A 389 25.15 -14.37 5.63
C PRO A 389 24.98 -12.89 5.97
N GLN A 390 23.73 -12.52 6.21
CA GLN A 390 23.36 -11.22 6.77
C GLN A 390 24.33 -10.77 7.85
N ASN A 391 24.75 -9.53 7.72
CA ASN A 391 25.61 -8.80 8.68
C ASN A 391 27.05 -9.24 8.82
N TYR A 392 27.46 -10.35 8.20
CA TYR A 392 28.89 -10.68 8.12
C TYR A 392 29.61 -9.68 7.26
N VAL A 393 30.81 -9.27 7.72
CA VAL A 393 31.59 -8.32 6.97
C VAL A 393 32.42 -9.00 5.91
N TYR A 394 32.51 -8.41 4.73
CA TYR A 394 33.28 -9.05 3.73
C TYR A 394 34.08 -8.08 2.90
N LEU A 395 35.22 -8.56 2.36
CA LEU A 395 36.10 -7.78 1.49
C LEU A 395 36.40 -8.61 0.28
N LYS A 396 36.52 -7.99 -0.87
CA LYS A 396 36.76 -8.68 -2.15
C LYS A 396 37.78 -7.93 -2.92
N GLN A 397 38.74 -8.67 -3.52
CA GLN A 397 39.70 -8.08 -4.42
C GLN A 397 39.89 -8.98 -5.66
N ALA A 398 39.76 -8.42 -6.85
CA ALA A 398 40.03 -9.18 -8.04
C ALA A 398 41.50 -9.54 -8.20
N GLY A 399 41.73 -10.74 -8.71
CA GLY A 399 43.01 -11.19 -9.14
C GLY A 399 43.50 -10.55 -10.43
N PRO A 400 44.57 -11.11 -11.00
CA PRO A 400 45.18 -10.50 -12.16
C PRO A 400 44.43 -10.64 -13.48
N GLN A 401 43.38 -11.49 -13.56
CA GLN A 401 42.49 -11.51 -14.71
C GLN A 401 41.18 -10.79 -14.47
N GLY A 402 41.07 -10.05 -13.37
CA GLY A 402 39.76 -9.41 -13.05
C GLY A 402 38.85 -10.48 -12.49
N LEU A 403 37.60 -10.08 -12.22
CA LEU A 403 36.58 -10.92 -11.51
C LEU A 403 35.21 -10.43 -11.93
N GLU A 404 34.35 -11.36 -12.34
CA GLU A 404 32.95 -11.11 -12.58
C GLU A 404 32.10 -12.05 -11.68
N LEU A 405 31.13 -11.48 -11.00
CA LEU A 405 30.25 -12.20 -10.06
C LEU A 405 28.83 -11.81 -10.37
N TYR A 406 27.86 -12.74 -10.22
CA TYR A 406 26.49 -12.40 -10.09
C TYR A 406 26.06 -12.82 -8.72
N THR A 407 25.25 -12.01 -8.06
CA THR A 407 24.87 -12.25 -6.67
C THR A 407 23.34 -12.15 -6.57
N VAL A 408 22.73 -13.10 -5.85
CA VAL A 408 21.30 -13.03 -5.54
C VAL A 408 21.28 -12.67 -4.08
N LYS A 409 20.35 -11.77 -3.68
CA LYS A 409 20.17 -11.41 -2.27
C LYS A 409 18.74 -11.63 -1.83
N THR A 410 18.58 -12.12 -0.59
CA THR A 410 17.31 -12.55 -0.01
C THR A 410 16.44 -11.40 0.53
N ASN A 411 16.33 -10.34 -0.24
CA ASN A 411 15.35 -9.34 0.04
C ASN A 411 15.15 -8.53 -1.20
N ASP A 412 13.94 -7.97 -1.18
CA ASP A 412 13.53 -6.81 -1.91
C ASP A 412 14.44 -5.69 -1.35
N ARG A 413 14.96 -4.99 -2.31
CA ARG A 413 15.77 -3.75 -2.07
C ARG A 413 16.89 -4.00 -1.03
N ALA A 414 17.67 -5.06 -1.30
CA ALA A 414 18.77 -5.42 -0.43
C ALA A 414 19.78 -4.32 -0.49
N LYS A 415 20.29 -3.94 0.66
CA LYS A 415 21.26 -2.88 0.77
C LYS A 415 22.47 -3.36 1.54
N ALA A 416 23.59 -2.80 1.15
CA ALA A 416 24.86 -3.00 1.85
C ALA A 416 25.31 -1.73 2.52
N THR A 417 26.06 -1.91 3.57
CA THR A 417 26.65 -0.75 4.28
C THR A 417 28.16 -0.82 4.09
N ALA A 418 28.77 0.27 3.66
CA ALA A 418 30.19 0.33 3.36
C ALA A 418 30.98 0.82 4.58
N LEU A 419 32.21 0.29 4.70
CA LEU A 419 33.15 0.66 5.71
C LEU A 419 34.21 1.59 5.15
N VAL A 420 34.20 1.87 3.85
CA VAL A 420 35.20 2.70 3.17
C VAL A 420 34.52 3.47 2.10
N GLY A 421 35.00 4.65 1.79
CA GLY A 421 34.40 5.41 0.67
C GLY A 421 33.37 6.43 1.06
N ARG A 422 32.84 7.13 0.07
N ARG A 422 32.80 7.16 0.10
CA ARG A 422 32.01 8.31 0.29
CA ARG A 422 32.02 8.34 0.45
C ARG A 422 30.65 8.05 0.98
C ARG A 422 30.74 7.98 1.21
N THR A 423 30.20 6.80 0.95
CA THR A 423 28.98 6.36 1.66
C THR A 423 29.29 5.67 2.96
N SER A 424 30.54 5.72 3.45
CA SER A 424 30.91 4.87 4.59
C SER A 424 30.28 5.24 5.89
N VAL A 425 30.13 4.24 6.74
CA VAL A 425 29.69 4.48 8.09
C VAL A 425 30.75 5.27 8.87
N ILE A 426 32.01 5.09 8.47
CA ILE A 426 33.13 5.89 9.11
C ILE A 426 32.93 7.40 8.98
N ARG A 427 32.64 7.86 7.75
N ARG A 427 32.65 7.90 7.75
CA ARG A 427 32.33 9.25 7.48
CA ARG A 427 32.30 9.30 7.55
C ARG A 427 31.07 9.79 8.21
C ARG A 427 31.11 9.75 8.40
N ALA A 428 30.10 8.91 8.47
CA ALA A 428 28.85 9.29 9.13
C ALA A 428 28.90 9.53 10.67
N VAL A 429 29.94 9.01 11.29
CA VAL A 429 30.17 9.00 12.69
C VAL A 429 31.15 10.12 12.94
N PRO A 430 30.90 10.94 13.98
CA PRO A 430 31.88 11.98 14.31
C PRO A 430 33.31 11.54 14.49
N LEU A 431 34.22 12.31 13.94
CA LEU A 431 35.67 12.03 14.10
C LEU A 431 36.07 11.67 15.50
N ASP A 432 35.51 12.38 16.50
CA ASP A 432 35.96 12.21 17.87
C ASP A 432 35.55 10.87 18.41
N VAL A 433 34.45 10.24 17.88
CA VAL A 433 34.15 8.90 18.34
C VAL A 433 35.27 7.99 17.92
N TRP A 434 35.70 8.11 16.67
CA TRP A 434 36.74 7.20 16.22
C TRP A 434 38.10 7.44 16.94
N ILE A 435 38.42 8.70 17.19
CA ILE A 435 39.66 9.09 17.95
C ILE A 435 39.63 8.31 19.28
N ASN A 436 38.54 8.42 19.98
CA ASN A 436 38.40 7.73 21.26
C ASN A 436 38.33 6.23 21.22
N VAL A 437 37.60 5.66 20.25
CA VAL A 437 37.43 4.24 20.22
C VAL A 437 38.71 3.54 19.73
N PHE A 438 39.36 4.09 18.73
CA PHE A 438 40.47 3.41 18.11
C PHE A 438 41.82 3.96 18.69
N GLN A 439 41.76 4.98 19.53
CA GLN A 439 42.98 5.71 20.00
C GLN A 439 43.83 6.22 18.90
N LEU A 440 43.22 6.97 18.01
CA LEU A 440 43.87 7.52 16.87
C LEU A 440 44.14 8.98 17.09
N THR A 441 45.11 9.52 16.33
CA THR A 441 45.25 10.94 16.26
C THR A 441 44.16 11.49 15.37
N GLN A 442 44.00 12.79 15.46
CA GLN A 442 43.06 13.50 14.65
C GLN A 442 43.37 13.33 13.16
N ASP A 443 44.64 13.51 12.77
CA ASP A 443 45.13 13.24 11.41
C ASP A 443 44.83 11.82 10.92
N GLU A 444 45.13 10.81 11.74
CA GLU A 444 44.83 9.43 11.40
C GLU A 444 43.33 9.19 11.25
N ALA A 445 42.52 9.82 12.09
CA ALA A 445 41.05 9.72 11.96
C ALA A 445 40.56 10.31 10.67
N ARG A 446 41.16 11.41 10.24
CA ARG A 446 40.74 12.09 9.05
C ARG A 446 41.19 11.29 7.87
N SER A 447 42.39 10.70 7.99
CA SER A 447 42.83 9.78 6.94
C SER A 447 41.82 8.65 6.77
N LEU A 448 41.40 8.09 7.91
CA LEU A 448 40.47 7.03 7.88
C LEU A 448 39.18 7.43 7.16
N LYS A 449 38.66 8.61 7.45
CA LYS A 449 37.45 9.09 6.75
C LYS A 449 37.61 9.31 5.29
N TYR A 450 38.71 9.98 4.88
CA TYR A 450 38.76 10.60 3.58
C TYR A 450 39.73 10.07 2.54
N ASN A 451 40.65 9.23 2.93
CA ASN A 451 41.64 8.69 1.95
C ASN A 451 41.05 8.07 0.68
N ARG A 452 40.00 7.30 0.81
CA ARG A 452 39.33 6.81 -0.42
C ARG A 452 38.12 7.69 -0.74
N GLU A 453 38.12 8.27 -1.93
N GLU A 453 38.13 8.34 -1.90
CA GLU A 453 37.09 9.16 -2.36
CA GLU A 453 37.02 9.21 -2.35
C GLU A 453 36.08 8.46 -3.26
C GLU A 453 36.04 8.46 -3.24
N GLU A 454 36.28 7.17 -3.48
CA GLU A 454 35.30 6.35 -4.28
C GLU A 454 34.07 6.02 -3.49
N ILE A 455 32.98 5.73 -4.22
CA ILE A 455 31.83 5.03 -3.70
C ILE A 455 31.84 3.61 -4.28
N THR A 456 31.84 2.65 -3.38
CA THR A 456 31.70 1.21 -3.62
C THR A 456 32.83 0.48 -4.40
N VAL A 457 33.19 0.97 -5.58
CA VAL A 457 34.17 0.25 -6.41
C VAL A 457 35.48 1.04 -6.24
N LEU A 458 36.53 0.36 -5.81
CA LEU A 458 37.84 1.01 -5.51
C LEU A 458 38.76 0.78 -6.70
N ASP A 459 39.41 1.88 -7.10
CA ASP A 459 40.43 1.99 -8.14
C ASP A 459 41.65 1.27 -7.52
N PRO A 460 42.30 0.38 -8.26
CA PRO A 460 43.49 -0.27 -7.71
C PRO A 460 44.65 0.72 -7.65
N GLU A 461 44.64 1.73 -8.53
CA GLU A 461 45.55 2.88 -8.51
C GLU A 461 44.81 4.21 -8.11
N SER B 27 17.96 -18.54 8.18
CA SER B 27 17.06 -18.03 7.09
C SER B 27 15.86 -17.31 7.69
N ARG B 28 14.96 -16.86 6.82
CA ARG B 28 13.66 -16.32 7.23
C ARG B 28 12.88 -17.32 8.05
N GLN B 29 13.13 -18.60 7.86
CA GLN B 29 12.37 -19.67 8.50
C GLN B 29 13.20 -20.19 9.65
N SER B 30 12.88 -19.73 10.84
CA SER B 30 13.63 -20.08 12.02
C SER B 30 12.74 -20.49 13.17
N SER B 31 13.35 -20.72 14.34
N SER B 31 13.36 -20.73 14.34
CA SER B 31 12.59 -21.07 15.55
CA SER B 31 12.61 -21.07 15.55
C SER B 31 13.55 -21.11 16.73
C SER B 31 13.58 -20.96 16.72
N PRO B 32 13.06 -20.93 17.96
CA PRO B 32 13.98 -20.92 19.09
C PRO B 32 14.61 -22.25 19.35
N GLN B 33 15.81 -22.17 19.97
CA GLN B 33 16.66 -23.26 20.53
C GLN B 33 15.94 -24.53 20.89
N SER B 34 14.98 -24.40 21.79
CA SER B 34 14.10 -25.50 22.20
C SER B 34 13.59 -26.27 20.99
N GLY B 40 4.51 -27.73 28.47
CA GLY B 40 5.27 -27.47 27.26
C GLY B 40 4.87 -28.30 26.05
N ILE B 41 3.60 -28.24 25.64
CA ILE B 41 3.21 -28.72 24.27
C ILE B 41 3.84 -27.85 23.16
N GLY B 42 4.37 -26.69 23.55
CA GLY B 42 4.84 -25.69 22.61
C GLY B 42 5.66 -24.65 23.35
N GLU B 43 6.38 -23.85 22.58
CA GLU B 43 7.36 -23.00 23.23
C GLU B 43 6.77 -21.78 24.01
N CYS B 44 5.50 -21.46 23.76
CA CYS B 44 4.78 -20.43 24.46
C CYS B 44 3.64 -21.01 25.34
N ASP B 45 3.76 -22.31 25.62
CA ASP B 45 2.76 -22.94 26.52
C ASP B 45 3.42 -22.92 27.88
N LEU B 46 3.32 -21.78 28.54
CA LEU B 46 3.98 -21.57 29.80
C LEU B 46 2.97 -21.74 30.96
N GLN B 47 3.41 -22.52 31.93
CA GLN B 47 2.59 -22.81 33.11
C GLN B 47 2.86 -21.77 34.17
N ARG B 48 4.06 -21.17 34.14
CA ARG B 48 4.41 -20.09 35.02
C ARG B 48 5.22 -19.01 34.29
N VAL B 49 5.06 -17.77 34.71
CA VAL B 49 5.92 -16.68 34.32
C VAL B 49 6.34 -16.00 35.63
N ASN B 50 7.46 -15.32 35.62
CA ASN B 50 7.97 -14.68 36.84
C ASN B 50 8.59 -13.41 36.36
N PRO B 51 8.57 -12.38 37.19
CA PRO B 51 9.45 -11.24 36.98
C PRO B 51 10.88 -11.74 37.02
N LEU B 52 11.72 -11.12 36.20
CA LEU B 52 13.06 -11.64 35.95
C LEU B 52 14.03 -10.52 36.20
N GLU B 53 15.22 -10.86 36.68
CA GLU B 53 16.33 -9.92 36.80
C GLU B 53 17.46 -10.35 35.88
N PRO B 54 18.40 -9.43 35.56
CA PRO B 54 19.49 -9.80 34.72
C PRO B 54 20.35 -10.94 35.30
N ALA B 55 20.97 -11.71 34.44
CA ALA B 55 21.63 -12.95 34.86
C ALA B 55 23.12 -12.82 34.74
N HIS B 56 23.62 -11.78 34.11
CA HIS B 56 25.05 -11.68 33.81
C HIS B 56 25.33 -10.22 33.64
N ARG B 57 26.52 -9.83 34.06
N ARG B 57 26.52 -9.80 34.07
CA ARG B 57 27.02 -8.48 33.95
CA ARG B 57 26.97 -8.41 33.94
C ARG B 57 28.33 -8.52 33.18
C ARG B 57 28.37 -8.30 33.36
N ILE B 58 28.46 -7.62 32.22
CA ILE B 58 29.73 -7.36 31.56
C ILE B 58 30.24 -6.00 31.93
N GLN B 59 31.46 -5.98 32.47
N GLN B 59 31.44 -5.94 32.51
CA GLN B 59 32.16 -4.72 32.76
CA GLN B 59 32.06 -4.66 32.87
C GLN B 59 32.91 -4.04 31.62
C GLN B 59 32.90 -4.06 31.73
N HIS B 60 32.76 -2.76 31.50
CA HIS B 60 33.61 -2.02 30.61
C HIS B 60 34.38 -1.00 31.41
N GLU B 61 35.24 -0.26 30.73
CA GLU B 61 35.93 0.81 31.38
C GLU B 61 34.98 1.87 31.92
N ALA B 62 33.96 2.22 31.10
CA ALA B 62 33.11 3.34 31.35
C ALA B 62 31.62 2.97 31.53
N GLY B 63 31.39 1.79 32.01
CA GLY B 63 30.05 1.35 32.34
C GLY B 63 30.00 -0.14 32.36
N TYR B 64 28.79 -0.68 32.30
CA TYR B 64 28.54 -2.08 32.28
C TYR B 64 27.24 -2.44 31.59
N SER B 65 27.14 -3.70 31.21
CA SER B 65 25.95 -4.23 30.53
C SER B 65 25.39 -5.40 31.24
N GLU B 66 24.10 -5.37 31.58
CA GLU B 66 23.44 -6.49 32.27
C GLU B 66 22.51 -7.14 31.30
N ILE B 67 22.62 -8.45 31.19
CA ILE B 67 21.89 -9.26 30.23
C ILE B 67 20.92 -10.18 30.90
N TRP B 68 19.65 -10.18 30.46
CA TRP B 68 18.67 -11.16 30.95
C TRP B 68 18.95 -12.44 30.24
N ASP B 69 18.71 -13.56 30.93
CA ASP B 69 19.04 -14.87 30.37
C ASP B 69 18.21 -15.11 29.08
N PRO B 70 18.89 -15.22 27.91
CA PRO B 70 18.21 -15.37 26.61
C PRO B 70 17.57 -16.72 26.42
N THR B 71 17.95 -17.65 27.31
CA THR B 71 17.38 -18.99 27.35
C THR B 71 16.25 -19.21 28.31
N SER B 72 15.83 -18.15 29.01
CA SER B 72 14.67 -18.34 29.82
C SER B 72 13.46 -18.64 28.92
N ARG B 73 12.60 -19.49 29.40
CA ARG B 73 11.40 -19.83 28.63
C ARG B 73 10.56 -18.56 28.26
N GLU B 74 10.41 -17.64 29.20
CA GLU B 74 9.71 -16.35 28.93
C GLU B 74 10.27 -15.62 27.68
N LEU B 75 11.58 -15.44 27.68
CA LEU B 75 12.27 -14.70 26.60
C LEU B 75 12.25 -15.45 25.30
N GLN B 76 12.44 -16.78 25.36
CA GLN B 76 12.38 -17.59 24.16
C GLN B 76 11.01 -17.55 23.54
N CYS B 77 9.96 -17.60 24.38
CA CYS B 77 8.55 -17.53 23.91
C CYS B 77 8.27 -16.14 23.24
N ALA B 78 8.77 -15.08 23.85
CA ALA B 78 8.52 -13.75 23.36
C ALA B 78 9.40 -13.38 22.17
N GLY B 79 10.47 -14.14 21.96
CA GLY B 79 11.33 -13.90 20.85
C GLY B 79 12.22 -12.70 21.04
N ILE B 80 12.62 -12.43 22.29
CA ILE B 80 13.35 -11.20 22.56
C ILE B 80 14.63 -11.42 23.33
N ASP B 81 15.54 -10.45 23.21
CA ASP B 81 16.63 -10.25 24.20
C ASP B 81 16.40 -8.96 24.91
N ALA B 82 16.84 -8.92 26.19
CA ALA B 82 16.78 -7.73 26.98
C ALA B 82 18.14 -7.45 27.64
N THR B 83 18.57 -6.22 27.50
CA THR B 83 19.83 -5.73 28.05
C THR B 83 19.67 -4.40 28.72
N ARG B 84 20.39 -4.21 29.85
CA ARG B 84 20.40 -2.90 30.56
C ARG B 84 21.81 -2.37 30.47
N HIS B 85 22.00 -1.31 29.69
CA HIS B 85 23.33 -0.71 29.65
C HIS B 85 23.39 0.45 30.60
N VAL B 86 24.53 0.59 31.32
CA VAL B 86 24.68 1.63 32.27
C VAL B 86 25.97 2.31 31.88
N ILE B 87 25.89 3.55 31.42
CA ILE B 87 27.01 4.25 30.85
C ILE B 87 27.40 5.35 31.83
N GLU B 88 28.62 5.30 32.33
CA GLU B 88 29.12 6.38 33.20
C GLU B 88 29.20 7.71 32.58
N ASN B 89 29.36 8.73 33.41
CA ASN B 89 29.69 10.08 32.93
C ASN B 89 30.90 10.07 31.98
N ARG B 90 30.81 10.82 30.88
CA ARG B 90 31.75 10.89 29.81
C ARG B 90 32.06 9.54 29.15
N GLY B 91 31.17 8.55 29.32
CA GLY B 91 31.28 7.25 28.68
C GLY B 91 30.70 7.24 27.25
N LEU B 92 31.48 6.61 26.36
CA LEU B 92 31.16 6.42 24.94
C LEU B 92 30.92 4.93 24.67
N PHE B 93 29.68 4.56 24.27
CA PHE B 93 29.32 3.22 23.95
C PHE B 93 29.69 3.03 22.46
N VAL B 94 30.67 2.15 22.21
CA VAL B 94 31.29 1.91 20.92
C VAL B 94 30.15 1.60 19.90
N PRO B 95 30.26 2.21 18.73
CA PRO B 95 29.27 1.88 17.73
C PRO B 95 29.15 0.39 17.40
N SER B 96 27.92 -0.05 17.18
CA SER B 96 27.61 -1.42 16.87
C SER B 96 26.33 -1.51 15.99
N TYR B 97 26.16 -2.66 15.40
CA TYR B 97 24.92 -3.03 14.70
C TYR B 97 24.53 -4.42 15.11
N ASN B 98 23.23 -4.69 14.98
CA ASN B 98 22.65 -5.92 15.40
C ASN B 98 21.88 -6.55 14.25
N ASN B 99 21.59 -7.81 14.44
CA ASN B 99 20.70 -8.54 13.50
C ASN B 99 19.21 -8.41 13.72
N ALA B 100 18.83 -7.71 14.77
CA ALA B 100 17.41 -7.61 15.16
C ALA B 100 17.19 -6.17 15.41
N PRO B 101 16.00 -5.66 15.08
CA PRO B 101 15.54 -4.32 15.48
C PRO B 101 15.31 -4.24 17.01
N MET B 102 15.24 -3.04 17.52
CA MET B 102 15.14 -2.82 18.96
C MET B 102 14.38 -1.58 19.27
N LEU B 103 13.77 -1.51 20.44
CA LEU B 103 13.42 -0.31 21.09
C LEU B 103 14.39 -0.10 22.30
N ILE B 104 14.84 1.13 22.43
CA ILE B 104 15.70 1.55 23.59
C ILE B 104 14.91 2.48 24.47
N ILE B 105 14.74 2.16 25.74
CA ILE B 105 14.07 3.03 26.72
C ILE B 105 15.15 3.74 27.52
N VAL B 106 15.14 5.04 27.50
CA VAL B 106 16.07 5.82 28.31
C VAL B 106 15.46 5.93 29.69
N VAL B 107 16.01 5.12 30.60
CA VAL B 107 15.48 4.93 31.96
C VAL B 107 15.92 6.07 32.88
N GLN B 108 17.11 6.58 32.63
CA GLN B 108 17.71 7.68 33.38
C GLN B 108 18.79 8.34 32.56
N GLY B 109 18.95 9.64 32.73
CA GLY B 109 20.06 10.35 32.19
C GLY B 109 19.72 11.04 30.92
N HIS B 110 20.73 11.56 30.31
CA HIS B 110 20.61 12.25 29.01
C HIS B 110 21.93 12.22 28.31
N GLY B 111 21.85 12.21 26.97
CA GLY B 111 23.06 12.09 26.20
C GLY B 111 22.86 12.24 24.72
N ILE B 112 23.74 11.65 23.94
CA ILE B 112 23.70 11.81 22.46
C ILE B 112 23.65 10.39 21.88
N LEU B 113 22.82 10.22 20.87
CA LEU B 113 22.78 8.90 20.20
C LEU B 113 23.04 9.16 18.75
N GLY B 114 23.89 8.35 18.16
CA GLY B 114 24.09 8.39 16.72
C GLY B 114 23.47 7.19 16.09
N ALA B 115 22.95 7.38 14.87
CA ALA B 115 22.41 6.28 14.09
C ALA B 115 22.77 6.58 12.65
N VAL B 116 23.30 5.60 11.94
CA VAL B 116 23.79 5.81 10.61
C VAL B 116 22.86 5.17 9.57
N PHE B 117 22.41 6.01 8.63
CA PHE B 117 21.72 5.59 7.45
C PHE B 117 22.60 5.57 6.22
N PRO B 118 22.92 4.35 5.75
CA PRO B 118 23.88 4.24 4.66
C PRO B 118 23.39 4.80 3.38
N GLY B 119 24.23 5.68 2.81
CA GLY B 119 23.93 6.31 1.53
C GLY B 119 23.27 7.68 1.68
N CYS B 120 23.11 8.11 2.92
CA CYS B 120 22.61 9.43 3.25
C CYS B 120 23.84 10.30 3.44
N PRO B 121 23.75 11.60 3.00
CA PRO B 121 24.88 12.50 3.21
C PRO B 121 25.05 12.98 4.64
N GLU B 122 26.27 13.43 4.94
CA GLU B 122 26.56 13.97 6.23
C GLU B 122 26.03 15.42 6.33
N THR B 123 24.94 15.68 7.07
CA THR B 123 24.34 17.01 7.08
C THR B 123 24.59 17.87 8.33
N PHE B 124 25.34 17.36 9.30
CA PHE B 124 25.80 18.16 10.44
C PHE B 124 27.25 18.54 10.09
N GLN B 125 27.47 19.80 9.77
CA GLN B 125 28.67 20.25 9.10
C GLN B 125 29.39 21.40 9.84
N SER B 126 30.68 21.25 10.00
CA SER B 126 31.47 22.44 10.47
C SER B 126 32.73 22.55 9.66
N PHE B 127 32.94 23.72 9.08
CA PHE B 127 34.10 23.96 8.23
C PHE B 127 35.19 24.79 8.96
N HIS B 128 35.13 24.86 10.31
CA HIS B 128 36.10 25.58 11.20
C HIS B 128 36.46 24.77 12.46
N PRO B 129 37.66 24.94 13.05
CA PRO B 129 38.79 25.78 12.56
C PRO B 129 39.44 25.29 11.26
N THR B 130 40.44 26.01 10.78
CA THR B 130 41.20 25.59 9.57
C THR B 130 42.70 25.87 9.75
N ASP B 141 40.50 20.72 19.36
CA ASP B 141 39.47 21.69 18.96
C ASP B 141 39.46 22.03 17.46
N GLN B 142 40.53 21.66 16.76
CA GLN B 142 40.48 21.43 15.29
C GLN B 142 39.49 20.27 14.93
N THR B 143 39.22 19.36 15.87
CA THR B 143 38.24 18.28 15.70
C THR B 143 36.81 18.77 15.56
N PHE B 144 36.56 20.05 15.87
CA PHE B 144 35.32 20.68 15.45
C PHE B 144 35.19 20.83 13.94
N ARG B 145 36.29 20.76 13.16
CA ARG B 145 36.16 20.74 11.70
C ARG B 145 35.83 19.30 11.25
N ASP B 146 34.59 19.05 10.85
CA ASP B 146 34.14 17.64 10.63
C ASP B 146 32.74 17.69 10.00
N GLN B 147 32.35 16.61 9.38
CA GLN B 147 30.97 16.50 8.89
C GLN B 147 30.56 15.11 9.32
N HIS B 148 29.36 14.99 9.85
CA HIS B 148 28.84 13.69 10.19
C HIS B 148 27.30 13.64 10.01
N GLN B 149 26.67 12.50 10.22
CA GLN B 149 25.21 12.51 10.15
C GLN B 149 24.63 13.13 11.42
N LYS B 150 23.35 13.47 11.34
N LYS B 150 23.41 13.65 11.30
CA LYS B 150 22.62 14.02 12.48
CA LYS B 150 22.56 14.04 12.41
C LYS B 150 22.78 13.15 13.69
C LYS B 150 22.71 13.17 13.67
N VAL B 151 22.93 13.82 14.82
CA VAL B 151 22.95 13.16 16.09
C VAL B 151 21.67 13.52 16.82
N HIS B 152 21.29 12.66 17.74
CA HIS B 152 20.04 12.75 18.47
C HIS B 152 20.31 13.00 19.92
N PHE B 153 19.54 13.91 20.53
CA PHE B 153 19.76 14.23 21.91
C PHE B 153 18.69 13.49 22.67
N ILE B 154 19.12 12.54 23.44
CA ILE B 154 18.23 11.62 24.14
C ILE B 154 18.16 11.96 25.64
N ARG B 155 17.02 11.65 26.22
CA ARG B 155 16.82 11.95 27.67
C ARG B 155 15.84 11.00 28.23
N GLN B 156 15.78 10.97 29.57
CA GLN B 156 14.91 10.10 30.28
C GLN B 156 13.46 10.18 29.73
N GLY B 157 12.89 9.00 29.47
CA GLY B 157 11.54 8.88 28.95
C GLY B 157 11.49 8.63 27.44
N ASP B 158 12.61 8.88 26.74
CA ASP B 158 12.71 8.55 25.32
C ASP B 158 12.63 7.08 25.05
N VAL B 159 11.90 6.73 23.98
CA VAL B 159 11.89 5.42 23.48
C VAL B 159 12.40 5.59 22.08
N ILE B 160 13.45 4.86 21.74
CA ILE B 160 14.16 5.02 20.48
C ILE B 160 14.01 3.71 19.70
N ALA B 161 13.75 3.81 18.41
CA ALA B 161 13.50 2.68 17.59
C ALA B 161 14.51 2.57 16.54
N LEU B 162 15.20 1.43 16.46
CA LEU B 162 16.23 1.25 15.42
C LEU B 162 16.12 -0.05 14.66
N PRO B 163 16.27 -0.03 13.33
CA PRO B 163 16.28 -1.25 12.57
C PRO B 163 17.50 -2.10 12.80
N ALA B 164 17.35 -3.37 12.39
CA ALA B 164 18.48 -4.27 12.24
C ALA B 164 19.45 -3.74 11.22
N GLY B 165 20.74 -3.95 11.49
CA GLY B 165 21.77 -3.66 10.52
C GLY B 165 22.34 -2.28 10.59
N ILE B 166 21.67 -1.40 11.33
CA ILE B 166 21.99 0.00 11.39
C ILE B 166 23.03 0.24 12.53
N VAL B 167 24.12 0.92 12.20
CA VAL B 167 25.10 1.33 13.22
C VAL B 167 24.53 2.40 14.16
N HIS B 168 24.75 2.20 15.46
CA HIS B 168 24.33 3.18 16.41
C HIS B 168 25.39 3.25 17.56
N TRP B 169 25.37 4.36 18.25
CA TRP B 169 26.33 4.60 19.34
C TRP B 169 25.74 5.58 20.27
N ALA B 170 26.28 5.64 21.49
CA ALA B 170 25.66 6.53 22.49
C ALA B 170 26.80 7.11 23.38
N TYR B 171 26.58 8.33 23.82
CA TYR B 171 27.54 9.07 24.67
C TYR B 171 26.73 9.78 25.78
N ASN B 172 27.21 9.60 27.01
CA ASN B 172 26.61 10.21 28.20
C ASN B 172 27.28 11.55 28.48
N GLU B 173 26.54 12.63 28.31
CA GLU B 173 27.06 13.94 28.65
C GLU B 173 26.67 14.42 30.05
N ALA B 174 25.88 13.66 30.76
CA ALA B 174 25.37 14.07 32.08
C ALA B 174 26.33 13.60 33.16
N THR B 175 26.17 14.14 34.38
CA THR B 175 26.90 13.62 35.52
C THR B 175 26.34 12.31 36.04
N GLU B 176 24.99 12.13 36.02
CA GLU B 176 24.38 10.86 36.41
C GLU B 176 24.52 9.81 35.27
N LYS B 177 24.45 8.56 35.67
CA LYS B 177 24.65 7.46 34.69
C LYS B 177 23.50 7.54 33.70
N LEU B 178 23.81 7.23 32.45
CA LEU B 178 22.81 7.06 31.39
C LEU B 178 22.42 5.61 31.36
N VAL B 179 21.15 5.27 31.54
CA VAL B 179 20.75 3.87 31.75
C VAL B 179 19.77 3.61 30.56
N LEU B 180 20.20 2.69 29.72
CA LEU B 180 19.40 2.23 28.56
C LEU B 180 18.87 0.79 28.72
N LEU B 181 17.57 0.60 28.58
CA LEU B 181 16.97 -0.69 28.57
C LEU B 181 16.66 -0.97 27.08
N VAL B 182 17.28 -2.01 26.52
CA VAL B 182 17.23 -2.38 25.08
C VAL B 182 16.50 -3.70 24.97
N ILE B 183 15.41 -3.67 24.21
CA ILE B 183 14.63 -4.86 23.89
C ILE B 183 14.88 -5.10 22.41
N HIS B 184 15.56 -6.20 22.14
CA HIS B 184 15.80 -6.67 20.75
C HIS B 184 14.76 -7.67 20.34
N ASP B 185 14.14 -7.47 19.18
CA ASP B 185 13.06 -8.36 18.70
C ASP B 185 13.67 -9.39 17.78
N LEU B 186 14.08 -10.51 18.35
CA LEU B 186 14.76 -11.52 17.55
C LEU B 186 13.91 -12.20 16.49
N SER B 187 12.62 -12.37 16.72
CA SER B 187 11.78 -13.08 15.81
C SER B 187 11.31 -12.22 14.66
N ASN B 188 11.73 -10.98 14.64
CA ASN B 188 11.33 -10.00 13.59
C ASN B 188 11.73 -10.45 12.21
N ARG B 189 10.88 -10.12 11.19
CA ARG B 189 11.26 -10.42 9.83
C ARG B 189 12.63 -9.86 9.43
N GLU B 190 13.08 -8.78 10.06
CA GLU B 190 14.37 -8.20 9.69
C GLU B 190 15.56 -9.13 10.05
N ASN B 191 15.35 -10.13 10.90
CA ASN B 191 16.41 -11.04 11.27
C ASN B 191 16.32 -12.31 10.47
N GLN B 192 17.17 -12.46 9.46
CA GLN B 192 17.14 -13.66 8.63
C GLN B 192 18.15 -14.72 9.06
N LEU B 193 18.81 -14.48 10.17
CA LEU B 193 19.89 -15.38 10.62
C LEU B 193 19.25 -16.55 11.39
N ASP B 194 19.16 -16.43 12.71
CA ASP B 194 18.49 -17.40 13.54
C ASP B 194 18.17 -16.65 14.85
N GLN B 195 17.56 -17.34 15.79
CA GLN B 195 16.96 -16.65 16.93
C GLN B 195 17.94 -16.42 18.08
N ASN B 196 19.02 -15.72 17.77
CA ASN B 196 20.09 -15.39 18.71
C ASN B 196 20.58 -14.01 18.33
N LEU B 197 20.86 -13.16 19.34
CA LEU B 197 21.38 -11.84 19.04
C LEU B 197 22.86 -11.82 18.73
N ARG B 198 23.22 -11.08 17.68
CA ARG B 198 24.55 -10.68 17.36
C ARG B 198 24.78 -9.24 17.67
N ARG B 199 25.93 -8.94 18.28
CA ARG B 199 26.36 -7.56 18.47
C ARG B 199 27.69 -7.34 17.84
N TYR B 200 27.68 -6.55 16.76
CA TYR B 200 28.84 -6.35 15.92
C TYR B 200 29.32 -4.95 16.19
N PHE B 201 30.53 -4.82 16.75
CA PHE B 201 31.07 -3.57 17.16
C PHE B 201 32.18 -3.08 16.21
N LEU B 202 32.20 -1.78 15.95
CA LEU B 202 33.24 -1.11 15.13
C LEU B 202 34.29 -0.57 16.10
N GLY B 203 35.16 -1.48 16.51
CA GLY B 203 35.99 -1.23 17.64
C GLY B 203 35.72 -2.04 18.85
N GLY B 204 36.56 -1.80 19.88
CA GLY B 204 36.43 -2.47 21.15
C GLY B 204 37.19 -3.74 21.31
N ASN B 205 37.35 -4.16 22.57
CA ASN B 205 37.94 -5.44 22.90
C ASN B 205 37.52 -5.81 24.32
N GLN B 206 37.58 -7.08 24.70
CA GLN B 206 37.38 -7.57 26.09
C GLN B 206 38.07 -6.65 27.10
N LYS B 207 37.42 -6.32 28.23
CA LYS B 207 38.11 -5.67 29.38
C LYS B 207 38.81 -6.74 30.20
N ASN B 219 26.16 -17.99 25.88
CA ASN B 219 27.27 -17.78 24.98
C ASN B 219 27.00 -16.65 23.93
N LEU B 220 27.76 -15.58 24.06
CA LEU B 220 27.42 -14.34 23.45
C LEU B 220 28.13 -14.20 22.12
N LEU B 221 27.38 -13.67 21.15
CA LEU B 221 27.92 -13.33 19.87
C LEU B 221 28.16 -11.84 19.91
N TRP B 222 29.36 -11.44 20.34
CA TRP B 222 29.69 -10.08 20.63
C TRP B 222 31.13 -9.91 20.20
N ASN B 223 31.40 -9.04 19.25
CA ASN B 223 32.69 -9.04 18.62
C ASN B 223 33.02 -7.68 17.99
N ASN B 224 34.31 -7.29 18.02
CA ASN B 224 34.84 -6.22 17.23
C ASN B 224 35.03 -6.73 15.79
N VAL B 225 34.23 -6.22 14.86
CA VAL B 225 34.23 -6.75 13.46
C VAL B 225 35.50 -6.60 12.67
N PHE B 226 36.43 -5.74 13.16
CA PHE B 226 37.69 -5.55 12.49
C PHE B 226 38.70 -6.62 12.86
N GLN B 227 38.51 -7.26 14.01
CA GLN B 227 39.41 -8.32 14.46
C GLN B 227 39.56 -9.52 13.53
N PRO B 228 38.46 -10.06 12.96
CA PRO B 228 38.64 -11.27 12.08
C PRO B 228 39.10 -11.01 10.69
N LEU B 229 39.70 -9.85 10.42
CA LEU B 229 40.13 -9.45 9.09
C LEU B 229 41.68 -9.31 9.09
N ASP B 230 42.26 -9.46 7.89
CA ASP B 230 43.69 -9.22 7.68
C ASP B 230 43.92 -7.74 7.67
N PRO B 231 44.75 -7.22 8.60
CA PRO B 231 44.94 -5.79 8.62
C PRO B 231 45.57 -5.21 7.39
N GLN B 232 46.35 -5.96 6.64
CA GLN B 232 46.97 -5.45 5.42
C GLN B 232 45.94 -5.30 4.32
N PHE B 233 45.00 -6.24 4.29
CA PHE B 233 43.95 -6.30 3.26
C PHE B 233 42.96 -5.18 3.52
N LEU B 234 42.50 -5.10 4.77
CA LEU B 234 41.69 -3.98 5.17
C LEU B 234 42.38 -2.60 5.01
N GLY B 235 43.69 -2.54 5.35
CA GLY B 235 44.45 -1.35 5.10
C GLY B 235 44.49 -0.91 3.66
N ARG B 236 44.68 -1.86 2.73
CA ARG B 236 44.73 -1.49 1.32
C ARG B 236 43.39 -0.99 0.83
N ALA B 237 42.34 -1.64 1.32
CA ALA B 237 41.02 -1.19 0.97
C ALA B 237 40.69 0.25 1.46
N SER B 238 41.02 0.51 2.74
CA SER B 238 40.81 1.82 3.33
C SER B 238 41.79 2.96 2.95
N GLY B 239 42.89 2.64 2.29
CA GLY B 239 43.95 3.60 1.96
C GLY B 239 44.71 4.12 3.17
N VAL B 240 44.76 3.34 4.24
CA VAL B 240 45.55 3.67 5.40
C VAL B 240 46.55 2.58 5.74
N ASN B 241 47.57 2.95 6.51
CA ASN B 241 48.62 2.00 6.85
C ASN B 241 48.07 0.94 7.79
N SER B 242 48.64 -0.27 7.74
CA SER B 242 48.12 -1.42 8.51
C SER B 242 48.26 -1.25 10.01
N GLU B 243 49.11 -0.30 10.45
CA GLU B 243 49.16 0.00 11.86
C GLU B 243 47.98 0.81 12.38
N ILE B 244 47.45 1.75 11.59
CA ILE B 244 46.13 2.35 11.85
C ILE B 244 45.08 1.23 11.98
N ILE B 245 45.12 0.23 11.09
CA ILE B 245 44.12 -0.83 11.14
C ILE B 245 44.31 -1.64 12.40
N LYS B 246 45.52 -1.80 12.85
CA LYS B 246 45.71 -2.52 14.13
C LYS B 246 45.11 -1.84 15.36
N LYS B 247 45.08 -0.52 15.32
CA LYS B 247 44.33 0.29 16.29
C LYS B 247 42.79 0.07 16.15
N LEU B 248 42.28 -0.06 14.89
CA LEU B 248 40.84 -0.44 14.73
C LEU B 248 40.53 -1.77 15.37
N GLN B 249 41.49 -2.69 15.27
CA GLN B 249 41.38 -4.04 15.84
C GLN B 249 41.61 -4.06 17.33
N SER B 250 42.04 -2.92 17.87
CA SER B 250 42.09 -2.69 19.30
C SER B 250 43.09 -3.60 19.93
N GLU B 251 44.15 -3.94 19.23
CA GLU B 251 45.10 -4.82 19.88
C GLU B 251 45.82 -3.96 20.96
N ASN B 252 46.05 -4.67 22.06
CA ASN B 252 46.59 -4.09 23.28
C ASN B 252 45.72 -2.98 23.87
N ASP B 253 44.40 -3.00 23.61
CA ASP B 253 43.49 -1.95 24.11
C ASP B 253 42.32 -2.75 24.64
N PHE B 254 42.24 -2.89 25.98
CA PHE B 254 41.27 -3.68 26.69
C PHE B 254 40.35 -2.83 27.59
N ARG B 255 39.69 -1.85 26.98
CA ARG B 255 38.72 -1.00 27.69
C ARG B 255 37.27 -1.51 27.65
N GLY B 256 37.04 -2.62 26.97
CA GLY B 256 35.68 -3.09 26.82
C GLY B 256 35.02 -2.25 25.72
N TYR B 257 33.71 -2.11 25.84
CA TYR B 257 32.94 -1.50 24.73
C TYR B 257 32.25 -0.23 25.14
N MET B 258 32.62 0.31 26.30
CA MET B 258 32.24 1.66 26.70
C MET B 258 33.53 2.30 27.21
N VAL B 259 33.97 3.35 26.56
CA VAL B 259 35.25 4.02 26.89
C VAL B 259 35.07 5.43 27.43
N ARG B 260 35.97 5.83 28.33
CA ARG B 260 35.94 7.14 28.90
C ARG B 260 36.53 8.14 27.98
N VAL B 261 35.84 9.25 27.79
CA VAL B 261 36.37 10.35 27.01
C VAL B 261 36.66 11.45 28.07
N ARG B 262 37.94 11.69 28.36
CA ARG B 262 38.32 12.44 29.57
C ARG B 262 37.85 13.88 29.54
N ASP B 263 38.02 14.55 28.41
CA ASP B 263 37.72 15.98 28.29
C ASP B 263 36.37 16.21 27.61
N GLY B 264 35.56 15.17 27.47
CA GLY B 264 34.29 15.33 26.78
C GLY B 264 34.40 15.16 25.25
N LEU B 265 33.39 14.52 24.68
CA LEU B 265 33.32 14.26 23.24
C LEU B 265 33.06 15.54 22.47
N ARG B 266 33.80 15.75 21.39
CA ARG B 266 33.73 16.92 20.56
C ARG B 266 32.95 16.45 19.31
N LEU B 267 31.86 17.11 18.98
CA LEU B 267 31.10 16.79 17.75
C LEU B 267 30.45 18.03 17.20
N VAL B 268 29.85 17.93 16.03
CA VAL B 268 29.25 19.08 15.39
C VAL B 268 27.80 19.08 15.88
N ARG B 269 27.39 20.14 16.53
CA ARG B 269 26.07 20.19 17.07
C ARG B 269 25.50 21.58 17.09
N PRO B 270 24.18 21.67 16.88
CA PRO B 270 23.63 22.98 16.71
C PRO B 270 23.79 23.82 17.96
N SER B 271 24.11 25.06 17.69
CA SER B 271 24.30 26.13 18.63
C SER B 271 22.92 26.83 18.96
N SER B 272 22.85 27.49 20.10
CA SER B 272 21.82 28.51 20.37
C SER B 272 21.50 29.43 19.17
N GLU B 273 20.23 29.69 18.97
CA GLU B 273 19.76 30.50 17.85
C GLU B 273 19.01 31.73 18.40
N GLU B 274 19.74 32.63 19.09
CA GLU B 274 19.12 33.75 19.85
C GLU B 274 19.48 35.13 19.30
N GLY B 285 16.21 17.42 -1.54
CA GLY B 285 16.21 16.05 -2.09
C GLY B 285 15.95 15.08 -0.95
N TYR B 286 16.41 13.84 -1.09
CA TYR B 286 16.10 12.77 -0.09
C TYR B 286 16.70 13.02 1.23
N GLU B 287 17.82 13.80 1.29
CA GLU B 287 18.38 14.21 2.57
C GLU B 287 17.35 14.89 3.50
N GLU B 288 16.33 15.53 2.95
CA GLU B 288 15.20 16.17 3.70
C GLU B 288 14.04 15.24 4.12
N THR B 289 13.98 14.03 3.57
CA THR B 289 12.80 13.16 3.78
C THR B 289 13.33 11.88 4.39
N LEU B 290 13.73 10.93 3.55
N LEU B 290 13.72 10.88 3.60
CA LEU B 290 14.14 9.61 3.99
CA LEU B 290 14.06 9.56 4.17
C LEU B 290 15.19 9.62 5.09
C LEU B 290 15.36 9.45 4.99
N CYS B 291 16.21 10.47 4.88
CA CYS B 291 17.41 10.54 5.71
C CYS B 291 17.16 11.17 7.10
N THR B 292 15.98 11.78 7.26
CA THR B 292 15.55 12.55 8.47
C THR B 292 14.56 11.86 9.35
N VAL B 293 14.28 10.60 9.06
CA VAL B 293 13.18 9.74 9.70
C VAL B 293 13.34 9.95 11.22
N ARG B 294 12.19 10.17 11.89
N ARG B 294 12.21 10.16 11.88
CA ARG B 294 12.18 10.34 13.35
CA ARG B 294 12.26 10.35 13.30
C ARG B 294 12.43 8.97 13.96
C ARG B 294 12.53 9.00 13.91
N ILE B 295 13.28 8.93 14.98
N ILE B 295 13.40 8.97 14.92
CA ILE B 295 13.72 7.69 15.61
CA ILE B 295 13.67 7.70 15.55
C ILE B 295 13.15 7.49 17.04
C ILE B 295 13.32 7.56 17.03
N LYS B 296 12.68 8.57 17.62
CA LYS B 296 12.28 8.48 19.02
C LYS B 296 11.13 9.38 19.37
N GLU B 297 10.55 9.07 20.54
CA GLU B 297 9.57 9.93 21.16
C GLU B 297 9.69 9.77 22.66
N ASN B 298 9.42 10.86 23.36
CA ASN B 298 9.44 10.87 24.83
C ASN B 298 8.06 10.60 25.38
N LEU B 299 7.97 9.64 26.31
CA LEU B 299 6.69 9.21 26.86
C LEU B 299 6.49 9.73 28.30
N LEU B 300 7.45 10.51 28.81
CA LEU B 300 7.47 10.77 30.26
C LEU B 300 6.56 11.84 30.74
N ASN B 301 6.35 12.88 29.92
CA ASN B 301 5.45 13.96 30.32
CA ASN B 301 5.46 13.98 30.25
C ASN B 301 4.01 13.49 30.54
N PRO B 302 3.43 13.80 31.75
CA PRO B 302 1.99 13.36 31.92
C PRO B 302 1.06 13.99 30.88
N GLU B 303 1.43 15.16 30.35
CA GLU B 303 0.69 15.79 29.25
C GLU B 303 0.66 15.01 27.91
N ARG B 304 1.49 13.99 27.77
CA ARG B 304 1.61 13.08 26.56
C ARG B 304 0.66 11.80 26.73
N ALA B 305 -0.04 11.78 27.81
CA ALA B 305 -0.94 10.74 28.11
C ALA B 305 -2.02 10.70 27.03
N ASP B 306 -2.39 9.48 26.74
CA ASP B 306 -3.50 9.20 25.85
C ASP B 306 -4.75 8.82 26.62
N ILE B 307 -4.60 8.11 27.73
CA ILE B 307 -5.67 7.77 28.66
C ILE B 307 -5.30 8.38 30.01
N TYR B 308 -6.24 9.02 30.68
CA TYR B 308 -5.99 9.62 32.00
C TYR B 308 -7.25 9.51 32.80
N THR B 309 -7.11 8.89 33.96
CA THR B 309 -8.14 8.87 34.96
C THR B 309 -7.60 9.59 36.18
N SER B 310 -8.31 10.64 36.58
CA SER B 310 -7.95 11.40 37.72
C SER B 310 -7.90 10.49 38.96
N ARG B 311 -6.84 10.67 39.75
CA ARG B 311 -6.57 9.77 40.91
C ARG B 311 -6.15 8.34 40.59
N GLY B 312 -6.10 7.97 39.30
CA GLY B 312 -5.79 6.63 38.89
C GLY B 312 -4.44 6.58 38.19
N GLY B 313 -4.27 7.36 37.15
CA GLY B 313 -2.98 7.52 36.44
C GLY B 313 -3.17 7.65 34.93
N THR B 314 -2.10 7.31 34.21
CA THR B 314 -1.99 7.53 32.75
C THR B 314 -1.46 6.32 32.01
N VAL B 315 -1.92 6.23 30.77
CA VAL B 315 -1.28 5.44 29.72
C VAL B 315 -0.81 6.35 28.59
N SER B 316 0.46 6.17 28.16
CA SER B 316 1.04 6.98 27.06
C SER B 316 1.55 5.94 26.06
N THR B 317 0.79 5.85 24.95
CA THR B 317 1.02 4.82 23.89
C THR B 317 1.96 5.33 22.78
N LEU B 318 2.72 4.38 22.20
CA LEU B 318 3.68 4.78 21.20
C LEU B 318 3.53 3.73 20.09
N ASN B 319 2.85 4.08 18.98
CA ASN B 319 2.70 3.15 17.89
C ASN B 319 2.86 3.92 16.57
N SER B 320 2.66 3.21 15.49
CA SER B 320 2.88 3.79 14.17
C SER B 320 1.93 4.93 13.78
N TYR B 321 0.92 5.22 14.57
CA TYR B 321 0.15 6.45 14.37
C TYR B 321 0.82 7.69 14.96
N ASN B 322 1.93 7.47 15.67
CA ASN B 322 2.73 8.46 16.35
C ASN B 322 4.10 8.52 15.71
N LEU B 323 4.76 7.40 15.64
CA LEU B 323 6.12 7.34 15.19
C LEU B 323 6.19 6.41 13.97
N PRO B 324 6.41 6.96 12.75
CA PRO B 324 6.24 6.20 11.54
C PRO B 324 7.08 4.99 11.36
N ILE B 325 8.34 5.05 11.83
CA ILE B 325 9.29 3.93 11.65
C ILE B 325 8.83 2.64 12.35
N LEU B 326 7.96 2.79 13.33
CA LEU B 326 7.37 1.62 13.99
C LEU B 326 6.56 0.73 13.11
N ARG B 327 6.00 1.29 12.02
CA ARG B 327 5.27 0.46 11.08
C ARG B 327 6.17 -0.54 10.40
N LYS B 328 7.38 -0.14 10.01
CA LYS B 328 8.38 -1.02 9.34
C LYS B 328 8.91 -2.04 10.36
N LEU B 329 9.08 -1.59 11.58
CA LEU B 329 9.67 -2.42 12.64
C LEU B 329 8.72 -3.40 13.30
N GLN B 330 7.42 -3.16 13.17
CA GLN B 330 6.36 -4.01 13.77
C GLN B 330 6.57 -4.10 15.29
N LEU B 331 6.77 -2.94 15.90
CA LEU B 331 6.88 -2.82 17.37
C LEU B 331 6.06 -1.61 17.84
N SER B 332 5.70 -1.66 19.14
CA SER B 332 4.94 -0.61 19.79
C SER B 332 5.50 -0.49 21.20
N ALA B 333 5.14 0.60 21.88
CA ALA B 333 5.45 0.69 23.32
C ALA B 333 4.48 1.55 24.02
N ASN B 334 4.51 1.49 25.34
CA ASN B 334 3.71 2.38 26.20
C ASN B 334 4.43 2.66 27.52
N ARG B 335 4.00 3.71 28.18
CA ARG B 335 4.39 4.06 29.54
C ARG B 335 3.10 4.04 30.31
N GLU B 336 3.07 3.31 31.44
CA GLU B 336 1.91 3.35 32.31
C GLU B 336 2.37 3.86 33.65
N TYR B 337 1.62 4.83 34.18
CA TYR B 337 1.87 5.41 35.50
C TYR B 337 0.60 5.23 36.32
N LEU B 338 0.72 4.51 37.43
CA LEU B 338 -0.36 4.31 38.34
C LEU B 338 -0.08 4.99 39.66
N TYR B 339 -1.09 5.73 40.11
CA TYR B 339 -1.09 6.21 41.47
C TYR B 339 -1.24 5.11 42.48
N PRO B 340 -0.95 5.46 43.77
CA PRO B 340 -1.00 4.34 44.69
C PRO B 340 -2.32 3.61 44.73
N ASN B 341 -2.27 2.27 44.73
CA ASN B 341 -3.44 1.41 44.73
C ASN B 341 -4.35 1.39 43.47
N ALA B 342 -3.99 2.18 42.45
CA ALA B 342 -4.77 2.22 41.17
C ALA B 342 -4.46 0.96 40.33
N MET B 343 -5.37 0.64 39.39
CA MET B 343 -5.26 -0.59 38.58
C MET B 343 -5.35 -0.23 37.11
N ILE B 344 -4.71 -1.07 36.29
CA ILE B 344 -5.08 -1.14 34.89
C ILE B 344 -6.14 -2.22 34.81
N VAL B 345 -7.14 -2.02 33.95
CA VAL B 345 -8.19 -3.03 33.80
C VAL B 345 -7.59 -4.38 33.44
N PRO B 346 -8.15 -5.49 33.96
CA PRO B 346 -7.80 -6.81 33.50
C PRO B 346 -8.03 -6.92 31.98
N GLU B 347 -7.11 -7.60 31.31
CA GLU B 347 -7.13 -7.59 29.84
C GLU B 347 -6.21 -8.64 29.30
N TRP B 348 -6.16 -8.70 27.98
CA TRP B 348 -5.17 -9.51 27.28
C TRP B 348 -4.73 -8.74 26.05
N ASN B 349 -3.56 -9.09 25.60
CA ASN B 349 -3.01 -8.56 24.35
C ASN B 349 -3.51 -9.46 23.22
N ASN B 350 -4.17 -8.87 22.25
CA ASN B 350 -4.76 -9.70 21.25
CA ASN B 350 -4.80 -9.53 21.10
C ASN B 350 -3.80 -9.99 20.06
N ASN B 351 -2.78 -9.18 19.84
CA ASN B 351 -1.93 -9.33 18.67
C ASN B 351 -0.45 -9.20 18.93
N ALA B 352 0.00 -9.51 20.15
CA ALA B 352 1.33 -9.18 20.56
C ALA B 352 1.68 -9.83 21.86
N HIS B 353 2.96 -10.06 22.06
CA HIS B 353 3.53 -10.25 23.42
C HIS B 353 3.89 -8.92 24.05
N SER B 354 3.82 -8.86 25.40
CA SER B 354 4.15 -7.67 26.14
CA SER B 354 4.23 -7.64 26.10
C SER B 354 5.43 -7.94 26.97
N ILE B 355 6.40 -7.04 26.88
CA ILE B 355 7.62 -7.11 27.68
C ILE B 355 7.67 -5.80 28.50
N SER B 356 7.47 -5.92 29.82
CA SER B 356 7.40 -4.74 30.74
C SER B 356 8.60 -4.61 31.63
N TYR B 357 9.04 -3.36 31.82
CA TYR B 357 10.14 -3.06 32.75
C TYR B 357 9.62 -2.09 33.77
N VAL B 358 9.82 -2.38 35.06
CA VAL B 358 9.34 -1.52 36.11
C VAL B 358 10.40 -0.48 36.45
N THR B 359 10.13 0.78 36.17
CA THR B 359 11.05 1.84 36.41
C THR B 359 10.91 2.47 37.76
N ARG B 360 9.73 2.35 38.37
CA ARG B 360 9.45 3.05 39.64
C ARG B 360 8.43 2.29 40.38
N GLY B 361 8.58 2.19 41.69
CA GLY B 361 7.44 1.67 42.43
C GLY B 361 7.32 0.18 42.49
N SER B 362 6.10 -0.30 42.71
CA SER B 362 5.84 -1.69 42.89
C SER B 362 4.35 -1.93 42.76
N GLY B 363 4.00 -3.18 42.66
CA GLY B 363 2.60 -3.57 42.64
C GLY B 363 2.39 -5.05 42.60
N ARG B 364 1.13 -5.48 42.44
CA ARG B 364 0.76 -6.84 42.30
C ARG B 364 0.37 -7.08 40.82
N LEU B 365 0.88 -8.15 40.28
CA LEU B 365 0.56 -8.68 38.95
C LEU B 365 -0.05 -10.09 39.10
N GLN B 366 -1.19 -10.30 38.49
CA GLN B 366 -1.70 -11.63 38.26
C GLN B 366 -1.83 -11.93 36.78
N VAL B 367 -1.38 -13.11 36.40
CA VAL B 367 -1.45 -13.57 35.03
C VAL B 367 -2.14 -14.93 34.99
N GLY B 368 -3.08 -15.03 34.05
CA GLY B 368 -3.82 -16.27 33.72
C GLY B 368 -3.51 -16.78 32.28
N GLY B 369 -3.33 -18.09 32.13
CA GLY B 369 -3.11 -18.71 30.82
C GLY B 369 -4.11 -19.80 30.51
N SER B 370 -3.56 -20.97 30.19
CA SER B 370 -4.30 -22.09 29.65
C SER B 370 -4.82 -23.07 30.73
N SER B 371 -4.32 -22.96 31.94
CA SER B 371 -4.70 -23.87 33.02
C SER B 371 -5.60 -23.19 34.06
N LYS B 372 -6.30 -24.04 34.81
CA LYS B 372 -7.14 -23.59 35.89
C LYS B 372 -6.34 -22.86 36.95
N SER B 373 -5.08 -23.21 37.08
CA SER B 373 -4.18 -22.55 38.04
C SER B 373 -3.50 -21.30 37.43
N THR B 374 -3.32 -20.30 38.27
CA THR B 374 -2.61 -19.08 37.93
C THR B 374 -1.16 -19.26 37.45
N VAL B 375 -0.80 -18.42 36.48
CA VAL B 375 0.48 -18.49 35.87
C VAL B 375 1.49 -17.65 36.68
N TYR B 376 1.01 -16.58 37.29
CA TYR B 376 1.81 -15.78 38.23
C TYR B 376 0.83 -15.00 39.08
N ASP B 377 1.12 -14.92 40.38
CA ASP B 377 0.35 -13.99 41.23
C ASP B 377 1.30 -13.53 42.31
N GLY B 378 1.83 -12.32 42.16
CA GLY B 378 2.83 -11.78 43.09
C GLY B 378 3.29 -10.37 42.79
N ASP B 379 4.31 -9.93 43.51
CA ASP B 379 4.85 -8.61 43.36
C ASP B 379 5.62 -8.40 42.07
N VAL B 380 5.63 -7.14 41.62
CA VAL B 380 6.61 -6.68 40.70
C VAL B 380 7.22 -5.48 41.31
N ARG B 381 8.48 -5.27 41.04
CA ARG B 381 9.14 -4.10 41.57
C ARG B 381 10.21 -3.58 40.71
N GLN B 382 10.71 -2.39 41.06
CA GLN B 382 11.68 -1.64 40.27
C GLN B 382 12.87 -2.51 39.89
N GLY B 383 13.24 -2.38 38.61
CA GLY B 383 14.34 -3.12 38.03
C GLY B 383 13.99 -4.47 37.48
N GLN B 384 12.76 -4.96 37.64
CA GLN B 384 12.34 -6.20 37.12
C GLN B 384 11.72 -6.03 35.71
N LEU B 385 11.94 -7.07 34.90
CA LEU B 385 11.27 -7.31 33.64
C LEU B 385 10.21 -8.38 33.77
N PHE B 386 9.08 -8.24 33.06
CA PHE B 386 8.05 -9.33 33.01
C PHE B 386 7.42 -9.44 31.64
N ILE B 387 7.23 -10.69 31.22
CA ILE B 387 6.73 -11.03 29.90
C ILE B 387 5.31 -11.58 30.06
N ILE B 388 4.35 -11.02 29.34
CA ILE B 388 3.01 -11.52 29.25
C ILE B 388 2.77 -11.95 27.78
N PRO B 389 2.76 -13.24 27.51
CA PRO B 389 2.46 -13.67 26.09
C PRO B 389 1.09 -13.28 25.63
N GLN B 390 0.97 -13.09 24.31
CA GLN B 390 -0.29 -12.97 23.58
C GLN B 390 -1.41 -13.83 24.15
N ASN B 391 -2.50 -13.15 24.46
CA ASN B 391 -3.76 -13.73 24.85
C ASN B 391 -3.76 -14.17 26.32
N TYR B 392 -2.63 -14.12 27.04
CA TYR B 392 -2.71 -14.42 28.48
C TYR B 392 -3.44 -13.25 29.16
N VAL B 393 -4.34 -13.57 30.12
CA VAL B 393 -5.08 -12.54 30.81
C VAL B 393 -4.25 -12.01 31.96
N TYR B 394 -4.29 -10.71 32.17
CA TYR B 394 -3.53 -10.13 33.30
C TYR B 394 -4.15 -8.96 33.97
N LEU B 395 -3.83 -8.79 35.25
CA LEU B 395 -4.31 -7.68 36.08
C LEU B 395 -3.14 -7.07 36.83
N LYS B 396 -3.07 -5.76 36.95
CA LYS B 396 -2.01 -5.06 37.65
C LYS B 396 -2.67 -4.10 38.65
N GLN B 397 -2.09 -4.01 39.85
CA GLN B 397 -2.47 -2.99 40.84
C GLN B 397 -1.22 -2.43 41.46
N ALA B 398 -1.16 -1.13 41.54
CA ALA B 398 0.03 -0.46 42.11
C ALA B 398 -0.02 -0.64 43.62
N GLY B 399 1.16 -0.67 44.21
CA GLY B 399 1.24 -0.63 45.66
C GLY B 399 1.20 0.78 46.17
N PRO B 400 1.52 0.95 47.48
CA PRO B 400 1.46 2.25 48.14
C PRO B 400 2.38 3.38 47.64
N GLN B 401 3.35 3.09 46.80
CA GLN B 401 4.28 4.10 46.26
C GLN B 401 3.94 4.35 44.77
N GLY B 402 2.91 3.70 44.26
CA GLY B 402 2.62 3.91 42.83
C GLY B 402 3.40 2.87 42.08
N LEU B 403 3.33 2.94 40.75
CA LEU B 403 3.93 1.96 39.89
C LEU B 403 4.11 2.63 38.53
N GLU B 404 5.32 2.63 38.01
CA GLU B 404 5.62 3.12 36.66
C GLU B 404 6.25 1.95 35.89
N LEU B 405 5.73 1.71 34.68
CA LEU B 405 6.23 0.66 33.80
C LEU B 405 6.39 1.26 32.38
N TYR B 406 7.36 0.76 31.67
CA TYR B 406 7.48 0.87 30.20
C TYR B 406 7.33 -0.54 29.59
N THR B 407 6.53 -0.63 28.54
CA THR B 407 6.22 -1.91 27.90
C THR B 407 6.50 -1.83 26.44
N VAL B 408 7.14 -2.87 25.96
CA VAL B 408 7.42 -3.05 24.50
C VAL B 408 6.50 -4.13 24.06
N LYS B 409 5.85 -3.96 22.89
CA LYS B 409 4.92 -5.00 22.42
C LYS B 409 5.30 -5.39 21.01
N THR B 410 5.15 -6.67 20.71
CA THR B 410 5.70 -7.26 19.45
C THR B 410 4.72 -7.15 18.26
N ASN B 411 4.15 -5.98 18.13
CA ASN B 411 3.44 -5.70 16.90
C ASN B 411 3.31 -4.18 16.78
N ASP B 412 3.24 -3.74 15.55
CA ASP B 412 2.89 -2.35 15.57
CA ASP B 412 2.78 -2.47 15.16
C ASP B 412 1.34 -2.43 15.69
N ARG B 413 0.91 -1.34 16.15
CA ARG B 413 -0.48 -1.16 16.53
C ARG B 413 -0.99 -2.25 17.43
N ALA B 414 -0.16 -2.60 18.42
CA ALA B 414 -0.57 -3.56 19.42
C ALA B 414 -1.82 -3.05 20.16
N LYS B 415 -2.77 -3.94 20.38
CA LYS B 415 -4.02 -3.56 21.04
C LYS B 415 -4.31 -4.60 22.12
N ALA B 416 -5.02 -4.14 23.11
CA ALA B 416 -5.38 -4.99 24.23
C ALA B 416 -6.89 -5.02 24.25
N THR B 417 -7.42 -6.04 24.89
CA THR B 417 -8.88 -6.19 25.02
C THR B 417 -9.17 -6.18 26.54
N ALA B 418 -10.07 -5.29 26.94
CA ALA B 418 -10.42 -5.08 28.33
C ALA B 418 -11.58 -6.00 28.74
N LEU B 419 -11.52 -6.43 29.99
CA LEU B 419 -12.60 -7.14 30.64
C LEU B 419 -13.41 -6.29 31.62
N VAL B 420 -13.01 -5.03 31.83
CA VAL B 420 -13.63 -4.10 32.70
C VAL B 420 -13.63 -2.74 32.03
N GLY B 421 -14.65 -1.93 32.30
CA GLY B 421 -14.66 -0.53 31.86
C GLY B 421 -15.49 -0.33 30.60
N ARG B 422 -15.51 0.88 30.10
CA ARG B 422 -16.42 1.24 28.99
C ARG B 422 -16.07 0.58 27.71
N THR B 423 -14.79 0.18 27.53
CA THR B 423 -14.40 -0.54 26.29
C THR B 423 -14.42 -2.09 26.51
N SER B 424 -15.05 -2.55 27.58
CA SER B 424 -15.00 -3.98 27.89
C SER B 424 -15.73 -4.88 26.88
N VAL B 425 -15.18 -6.06 26.71
CA VAL B 425 -15.85 -7.15 26.00
C VAL B 425 -17.15 -7.57 26.74
N ILE B 426 -17.18 -7.43 28.06
CA ILE B 426 -18.43 -7.73 28.83
C ILE B 426 -19.60 -6.83 28.33
N ARG B 427 -19.34 -5.55 28.15
CA ARG B 427 -20.39 -4.65 27.68
CA ARG B 427 -20.33 -4.60 27.66
C ARG B 427 -20.83 -4.94 26.26
N ALA B 428 -19.92 -5.42 25.41
CA ALA B 428 -20.22 -5.67 24.02
C ALA B 428 -21.07 -6.87 23.77
N VAL B 429 -21.08 -7.81 24.73
CA VAL B 429 -21.88 -9.01 24.62
C VAL B 429 -23.31 -8.77 25.22
N PRO B 430 -24.35 -9.34 24.60
CA PRO B 430 -25.70 -9.21 25.19
C PRO B 430 -25.72 -9.62 26.64
N LEU B 431 -26.44 -8.85 27.46
CA LEU B 431 -26.58 -9.20 28.88
C LEU B 431 -27.07 -10.63 29.10
N ASP B 432 -28.00 -11.07 28.25
CA ASP B 432 -28.58 -12.41 28.42
C ASP B 432 -27.62 -13.55 28.14
N VAL B 433 -26.56 -13.25 27.37
CA VAL B 433 -25.47 -14.25 27.23
C VAL B 433 -24.79 -14.47 28.56
N TRP B 434 -24.48 -13.40 29.28
CA TRP B 434 -23.78 -13.52 30.57
C TRP B 434 -24.75 -14.10 31.63
N ILE B 435 -25.99 -13.69 31.54
CA ILE B 435 -27.03 -14.27 32.47
C ILE B 435 -26.98 -15.78 32.40
N ASN B 436 -27.00 -16.34 31.18
CA ASN B 436 -26.96 -17.75 30.98
C ASN B 436 -25.63 -18.44 31.20
N VAL B 437 -24.54 -17.83 30.76
CA VAL B 437 -23.27 -18.46 30.97
C VAL B 437 -22.83 -18.49 32.42
N PHE B 438 -23.01 -17.36 33.11
CA PHE B 438 -22.50 -17.18 34.46
C PHE B 438 -23.54 -17.50 35.54
N GLN B 439 -24.77 -17.79 35.13
CA GLN B 439 -25.88 -18.03 36.06
C GLN B 439 -26.11 -16.86 37.02
N LEU B 440 -26.20 -15.70 36.41
CA LEU B 440 -26.47 -14.47 37.10
C LEU B 440 -27.91 -14.06 36.86
N THR B 441 -28.41 -13.24 37.79
CA THR B 441 -29.61 -12.54 37.56
C THR B 441 -29.30 -11.35 36.70
N GLN B 442 -30.38 -10.82 36.10
CA GLN B 442 -30.27 -9.60 35.32
C GLN B 442 -29.51 -8.47 36.03
N ASP B 443 -29.80 -8.23 37.35
CA ASP B 443 -29.17 -7.14 38.04
C ASP B 443 -27.69 -7.38 38.29
N GLU B 444 -27.35 -8.63 38.56
CA GLU B 444 -25.95 -9.04 38.77
C GLU B 444 -25.12 -8.79 37.46
N ALA B 445 -25.76 -9.12 36.37
CA ALA B 445 -25.11 -8.97 35.04
C ALA B 445 -25.03 -7.51 34.69
N ARG B 446 -26.04 -6.70 35.01
CA ARG B 446 -25.90 -5.25 34.79
C ARG B 446 -24.76 -4.67 35.58
N SER B 447 -24.66 -5.02 36.88
CA SER B 447 -23.59 -4.54 37.68
C SER B 447 -22.28 -4.89 37.06
N LEU B 448 -22.16 -6.12 36.57
CA LEU B 448 -20.92 -6.51 35.88
C LEU B 448 -20.55 -5.60 34.69
N LYS B 449 -21.54 -5.32 33.86
CA LYS B 449 -21.35 -4.40 32.75
C LYS B 449 -20.96 -2.97 33.12
N TYR B 450 -21.67 -2.38 34.12
CA TYR B 450 -21.64 -0.95 34.36
C TYR B 450 -21.02 -0.38 35.61
N ASN B 451 -20.57 -1.19 36.57
CA ASN B 451 -20.11 -0.66 37.87
C ASN B 451 -18.83 0.20 37.73
N ARG B 452 -17.93 -0.20 36.85
CA ARG B 452 -16.78 0.65 36.49
C ARG B 452 -17.05 1.42 35.19
N GLU B 453 -17.06 2.75 35.30
CA GLU B 453 -17.30 3.63 34.18
C GLU B 453 -16.02 4.17 33.57
N GLU B 454 -14.88 3.78 34.13
CA GLU B 454 -13.59 4.21 33.59
C GLU B 454 -13.32 3.49 32.28
N ILE B 455 -12.39 4.04 31.51
CA ILE B 455 -11.69 3.30 30.44
C ILE B 455 -10.28 3.09 30.89
N THR B 456 -9.88 1.80 30.91
CA THR B 456 -8.50 1.33 31.13
C THR B 456 -7.82 1.61 32.47
N VAL B 457 -7.77 2.88 32.88
CA VAL B 457 -7.14 3.25 34.16
C VAL B 457 -8.19 3.35 35.24
N LEU B 458 -8.08 2.50 36.27
CA LEU B 458 -9.05 2.45 37.34
C LEU B 458 -8.64 3.31 38.51
N ASP B 459 -9.61 4.09 38.97
CA ASP B 459 -9.53 4.93 40.16
C ASP B 459 -9.47 3.97 41.38
N PRO B 460 -8.52 4.16 42.30
CA PRO B 460 -8.60 3.29 43.50
C PRO B 460 -9.88 3.66 44.32
N GLU B 461 -10.38 4.91 44.23
CA GLU B 461 -11.56 5.38 44.99
C GLU B 461 -12.96 5.10 44.32
N LEU B 462 -13.12 4.02 43.54
CA LEU B 462 -14.45 3.60 43.03
C LEU B 462 -14.58 2.06 43.01
N SER C 27 6.95 -17.38 19.73
CA SER C 27 7.28 -16.13 19.02
C SER C 27 6.73 -16.22 17.60
N ARG C 28 6.94 -15.16 16.82
CA ARG C 28 6.63 -15.19 15.33
C ARG C 28 7.33 -16.30 14.53
N GLN C 29 8.41 -16.85 15.09
CA GLN C 29 9.24 -17.85 14.44
C GLN C 29 9.01 -19.18 15.15
N SER C 30 8.16 -19.95 14.57
CA SER C 30 7.75 -21.23 15.12
C SER C 30 7.78 -22.35 14.08
N SER C 31 7.34 -23.54 14.45
CA SER C 31 7.31 -24.72 13.57
C SER C 31 6.49 -25.76 14.28
N PRO C 32 5.96 -26.70 13.53
CA PRO C 32 5.14 -27.73 14.16
C PRO C 32 5.99 -28.71 14.95
N GLN C 33 5.40 -29.45 15.91
CA GLN C 33 6.05 -30.70 16.47
C GLN C 33 6.55 -31.77 15.45
N SER C 34 5.90 -31.86 14.28
CA SER C 34 6.44 -32.58 13.08
C SER C 34 7.96 -32.51 12.90
N GLY C 40 13.92 -34.20 0.71
CA GLY C 40 14.20 -34.30 2.15
C GLY C 40 12.95 -34.57 2.96
N ILE C 41 13.12 -35.01 4.21
CA ILE C 41 11.98 -35.42 5.08
C ILE C 41 11.32 -34.27 5.86
N GLY C 42 10.81 -33.37 5.09
CA GLY C 42 10.11 -32.29 5.61
C GLY C 42 8.75 -32.67 6.16
N GLU C 43 8.23 -31.70 6.91
CA GLU C 43 6.94 -31.85 7.54
C GLU C 43 5.81 -31.93 6.54
N CYS C 44 6.03 -31.45 5.30
CA CYS C 44 5.05 -31.57 4.23
C CYS C 44 5.41 -32.54 3.08
N ASP C 45 6.39 -33.40 3.30
CA ASP C 45 6.76 -34.42 2.31
C ASP C 45 5.94 -35.65 2.76
N LEU C 46 4.73 -35.71 2.22
CA LEU C 46 3.70 -36.67 2.59
C LEU C 46 3.64 -37.68 1.52
N GLN C 47 3.94 -38.89 1.88
CA GLN C 47 3.75 -39.99 0.92
C GLN C 47 2.29 -40.46 0.88
N ARG C 48 1.50 -40.16 1.88
CA ARG C 48 0.08 -40.51 1.89
C ARG C 48 -0.75 -39.33 2.38
N VAL C 49 -1.92 -39.15 1.79
CA VAL C 49 -2.92 -38.37 2.48
C VAL C 49 -4.12 -39.25 2.52
N ASN C 50 -5.03 -38.95 3.41
CA ASN C 50 -6.33 -39.60 3.28
C ASN C 50 -7.36 -38.74 3.93
N PRO C 51 -8.60 -38.97 3.55
CA PRO C 51 -9.71 -38.27 4.20
C PRO C 51 -9.77 -38.71 5.67
N LEU C 52 -10.14 -37.77 6.52
CA LEU C 52 -10.03 -37.94 7.98
C LEU C 52 -11.40 -37.64 8.57
N GLU C 53 -11.70 -38.35 9.65
CA GLU C 53 -12.85 -38.04 10.51
C GLU C 53 -12.32 -37.57 11.85
N PRO C 54 -13.18 -36.91 12.66
CA PRO C 54 -12.72 -36.40 13.91
C PRO C 54 -12.31 -37.52 14.82
N ALA C 55 -11.34 -37.27 15.64
CA ALA C 55 -10.78 -38.28 16.53
C ALA C 55 -11.23 -38.23 18.01
N HIS C 56 -11.76 -37.10 18.48
CA HIS C 56 -12.08 -36.91 19.87
C HIS C 56 -13.36 -36.09 19.89
N ARG C 57 -14.21 -36.35 20.87
CA ARG C 57 -15.46 -35.61 21.03
CA ARG C 57 -15.45 -35.60 21.03
C ARG C 57 -15.56 -35.07 22.47
N ILE C 58 -16.03 -33.82 22.60
CA ILE C 58 -16.26 -33.21 23.90
C ILE C 58 -17.75 -32.93 24.04
N GLN C 59 -18.31 -33.40 25.16
N GLN C 59 -18.36 -33.46 25.12
CA GLN C 59 -19.73 -33.35 25.38
CA GLN C 59 -19.80 -33.35 25.27
C GLN C 59 -20.01 -32.11 26.21
C GLN C 59 -20.02 -32.14 26.18
N HIS C 60 -21.03 -31.34 25.82
CA HIS C 60 -21.50 -30.19 26.60
C HIS C 60 -22.96 -30.43 26.93
N GLU C 61 -23.57 -29.57 27.74
CA GLU C 61 -24.98 -29.69 27.97
C GLU C 61 -25.82 -29.54 26.77
N ALA C 62 -25.53 -28.56 25.91
CA ALA C 62 -26.37 -28.27 24.79
C ALA C 62 -25.67 -28.53 23.45
N GLY C 63 -24.85 -29.57 23.43
CA GLY C 63 -24.25 -30.10 22.18
C GLY C 63 -22.88 -30.61 22.42
N TYR C 64 -22.11 -30.72 21.32
CA TYR C 64 -20.83 -31.35 21.42
C TYR C 64 -19.87 -30.81 20.36
N SER C 65 -18.60 -31.08 20.63
CA SER C 65 -17.48 -30.61 19.81
C SER C 65 -16.61 -31.78 19.36
N GLU C 66 -16.34 -31.88 18.05
CA GLU C 66 -15.61 -33.01 17.49
C GLU C 66 -14.29 -32.41 16.92
N ILE C 67 -13.19 -32.92 17.41
CA ILE C 67 -11.86 -32.38 17.13
C ILE C 67 -11.10 -33.38 16.22
N TRP C 68 -10.59 -32.89 15.07
CA TRP C 68 -9.65 -33.68 14.25
C TRP C 68 -8.31 -33.70 14.89
N ASP C 69 -7.61 -34.81 14.73
CA ASP C 69 -6.37 -35.02 15.44
C ASP C 69 -5.34 -34.01 15.05
N PRO C 70 -4.96 -33.14 15.99
CA PRO C 70 -4.02 -32.08 15.63
C PRO C 70 -2.64 -32.61 15.36
N THR C 71 -2.36 -33.87 15.74
CA THR C 71 -1.05 -34.48 15.51
C THR C 71 -0.92 -35.19 14.17
N SER C 72 -1.99 -35.32 13.43
CA SER C 72 -1.91 -35.96 12.14
C SER C 72 -0.96 -35.21 11.20
N ARG C 73 -0.20 -35.99 10.41
CA ARG C 73 0.82 -35.36 9.53
C ARG C 73 0.21 -34.33 8.57
N GLU C 74 -0.99 -34.62 8.07
CA GLU C 74 -1.69 -33.78 7.12
C GLU C 74 -2.02 -32.42 7.77
N LEU C 75 -2.61 -32.49 8.96
CA LEU C 75 -2.99 -31.23 9.66
C LEU C 75 -1.75 -30.41 10.04
N GLN C 76 -0.66 -31.07 10.44
CA GLN C 76 0.50 -30.33 10.85
C GLN C 76 1.16 -29.71 9.63
N CYS C 77 1.14 -30.42 8.49
CA CYS C 77 1.64 -29.84 7.26
C CYS C 77 0.87 -28.58 6.84
N ALA C 78 -0.47 -28.65 6.82
CA ALA C 78 -1.30 -27.56 6.44
C ALA C 78 -1.27 -26.42 7.47
N GLY C 79 -0.80 -26.70 8.67
CA GLY C 79 -0.79 -25.73 9.76
C GLY C 79 -2.17 -25.30 10.29
N ILE C 80 -3.10 -26.24 10.42
CA ILE C 80 -4.48 -25.98 10.80
C ILE C 80 -4.99 -26.93 11.87
N ASP C 81 -5.97 -26.45 12.58
CA ASP C 81 -6.81 -27.25 13.50
C ASP C 81 -8.18 -27.30 12.84
N ALA C 82 -8.89 -28.40 12.99
CA ALA C 82 -10.29 -28.48 12.48
C ALA C 82 -11.26 -29.00 13.57
N THR C 83 -12.36 -28.26 13.79
CA THR C 83 -13.38 -28.62 14.82
C THR C 83 -14.73 -28.60 14.24
N ARG C 84 -15.61 -29.56 14.59
CA ARG C 84 -16.97 -29.56 14.17
C ARG C 84 -17.79 -29.38 15.43
N HIS C 85 -18.40 -28.22 15.58
CA HIS C 85 -19.23 -27.97 16.74
C HIS C 85 -20.67 -28.29 16.34
N VAL C 86 -21.39 -29.02 17.19
CA VAL C 86 -22.80 -29.27 16.95
C VAL C 86 -23.59 -28.68 18.16
N ILE C 87 -24.45 -27.71 17.89
CA ILE C 87 -25.14 -26.95 18.89
C ILE C 87 -26.62 -27.24 18.74
N GLU C 88 -27.16 -27.79 19.84
CA GLU C 88 -28.55 -28.20 19.91
C GLU C 88 -29.45 -26.98 19.94
N ASN C 89 -30.73 -27.21 19.68
CA ASN C 89 -31.78 -26.20 19.80
C ASN C 89 -31.71 -25.46 21.13
N ARG C 90 -31.87 -24.14 21.10
N ARG C 90 -31.80 -24.14 20.98
CA ARG C 90 -31.73 -23.27 22.27
CA ARG C 90 -31.68 -23.15 22.03
C ARG C 90 -30.34 -23.34 22.92
C ARG C 90 -30.38 -23.29 22.83
N GLY C 91 -29.34 -23.81 22.16
CA GLY C 91 -27.98 -23.88 22.70
C GLY C 91 -27.10 -22.63 22.42
N LEU C 92 -26.36 -22.27 23.45
CA LEU C 92 -25.49 -21.16 23.51
C LEU C 92 -24.05 -21.57 23.72
N PHE C 93 -23.24 -21.21 22.72
CA PHE C 93 -21.84 -21.54 22.68
C PHE C 93 -21.12 -20.45 23.41
N VAL C 94 -20.56 -20.78 24.57
CA VAL C 94 -19.96 -19.79 25.47
C VAL C 94 -18.91 -18.91 24.75
N PRO C 95 -18.89 -17.61 25.05
CA PRO C 95 -17.85 -16.79 24.35
C PRO C 95 -16.44 -17.25 24.58
N SER C 96 -15.60 -17.10 23.53
CA SER C 96 -14.25 -17.50 23.56
C SER C 96 -13.42 -16.68 22.54
N TYR C 97 -12.13 -16.74 22.75
CA TYR C 97 -11.15 -16.20 21.79
C TYR C 97 -10.01 -17.17 21.62
N ASN C 98 -9.39 -17.13 20.44
CA ASN C 98 -8.31 -18.02 20.08
C ASN C 98 -7.03 -17.25 19.64
N ASN C 99 -5.94 -17.99 19.53
CA ASN C 99 -4.69 -17.42 19.16
C ASN C 99 -4.51 -17.44 17.64
N ALA C 100 -5.46 -17.99 16.92
CA ALA C 100 -5.36 -18.19 15.45
C ALA C 100 -6.62 -17.69 14.83
N PRO C 101 -6.51 -17.02 13.66
CA PRO C 101 -7.75 -16.70 12.91
C PRO C 101 -8.45 -17.97 12.46
N MET C 102 -9.64 -17.84 11.95
CA MET C 102 -10.43 -18.99 11.54
C MET C 102 -11.40 -18.63 10.48
N LEU C 103 -11.76 -19.61 9.65
CA LEU C 103 -12.98 -19.52 8.91
C LEU C 103 -14.00 -20.53 9.51
N ILE C 104 -15.28 -20.16 9.53
CA ILE C 104 -16.31 -21.00 10.12
C ILE C 104 -17.29 -21.23 9.00
N ILE C 105 -17.57 -22.47 8.66
CA ILE C 105 -18.55 -22.81 7.64
C ILE C 105 -19.83 -23.29 8.39
N VAL C 106 -20.94 -22.68 8.06
CA VAL C 106 -22.23 -23.09 8.64
C VAL C 106 -22.73 -24.24 7.77
N VAL C 107 -22.44 -25.42 8.24
CA VAL C 107 -22.84 -26.63 7.52
C VAL C 107 -24.35 -26.87 7.49
N GLN C 108 -24.99 -26.58 8.61
CA GLN C 108 -26.43 -26.80 8.79
C GLN C 108 -26.97 -25.83 9.83
N GLY C 109 -28.19 -25.39 9.60
CA GLY C 109 -28.90 -24.63 10.61
C GLY C 109 -28.82 -23.17 10.44
N HIS C 110 -29.34 -22.46 11.44
CA HIS C 110 -29.24 -21.02 11.48
C HIS C 110 -29.30 -20.51 12.91
N GLY C 111 -28.80 -19.29 13.09
CA GLY C 111 -28.55 -18.81 14.43
C GLY C 111 -27.98 -17.44 14.48
N ILE C 112 -27.32 -17.17 15.59
CA ILE C 112 -26.80 -15.83 15.83
C ILE C 112 -25.36 -16.01 16.19
N LEU C 113 -24.54 -15.08 15.70
CA LEU C 113 -23.09 -15.08 15.99
C LEU C 113 -22.74 -13.70 16.45
N GLY C 114 -22.05 -13.67 17.58
CA GLY C 114 -21.45 -12.43 18.13
C GLY C 114 -19.96 -12.41 17.90
N ALA C 115 -19.41 -11.20 17.66
CA ALA C 115 -17.99 -10.97 17.53
C ALA C 115 -17.71 -9.61 18.08
N VAL C 116 -16.77 -9.52 18.98
CA VAL C 116 -16.53 -8.26 19.65
C VAL C 116 -15.25 -7.58 19.13
N PHE C 117 -15.41 -6.33 18.71
CA PHE C 117 -14.30 -5.43 18.31
C PHE C 117 -14.02 -4.46 19.44
N PRO C 118 -12.88 -4.68 20.11
CA PRO C 118 -12.51 -3.85 21.24
C PRO C 118 -12.29 -2.41 20.89
N GLY C 119 -12.91 -1.52 21.66
CA GLY C 119 -12.80 -0.10 21.38
C GLY C 119 -13.90 0.45 20.49
N CYS C 120 -14.77 -0.40 19.95
CA CYS C 120 -15.95 0.04 19.22
C CYS C 120 -17.16 0.21 20.21
N PRO C 121 -18.05 1.15 19.94
CA PRO C 121 -19.18 1.37 20.84
C PRO C 121 -20.32 0.32 20.56
N GLU C 122 -21.22 0.18 21.55
CA GLU C 122 -22.33 -0.74 21.45
C GLU C 122 -23.44 -0.08 20.65
N THR C 123 -23.68 -0.51 19.41
CA THR C 123 -24.58 0.19 18.49
C THR C 123 -25.92 -0.54 18.25
N PHE C 124 -26.14 -1.64 18.94
CA PHE C 124 -27.46 -2.31 19.01
C PHE C 124 -28.05 -1.97 20.39
N GLN C 125 -29.07 -1.11 20.40
CA GLN C 125 -29.44 -0.36 21.59
C GLN C 125 -30.92 -0.44 21.89
N SER C 126 -31.27 -0.77 23.12
CA SER C 126 -32.67 -0.61 23.50
C SER C 126 -32.77 0.07 24.81
N PHE C 127 -33.63 1.09 24.91
CA PHE C 127 -33.72 1.90 26.14
C PHE C 127 -35.04 1.66 26.89
N HIS C 128 -35.72 0.57 26.56
CA HIS C 128 -37.00 0.17 27.12
C HIS C 128 -36.89 -1.30 27.56
N PRO C 129 -37.63 -1.74 28.60
CA PRO C 129 -38.35 -0.88 29.57
C PRO C 129 -37.38 -0.21 30.54
N THR C 130 -37.78 0.86 31.23
CA THR C 130 -36.96 1.46 32.33
C THR C 130 -37.65 1.42 33.70
N THR C 143 -34.44 -9.41 29.43
CA THR C 143 -33.58 -8.29 29.68
C THR C 143 -33.47 -7.48 28.41
N PHE C 144 -34.59 -6.87 28.03
CA PHE C 144 -34.67 -6.09 26.83
C PHE C 144 -34.08 -4.69 26.94
N ARG C 145 -33.78 -4.19 28.15
CA ARG C 145 -33.04 -2.93 28.24
C ARG C 145 -31.58 -3.36 28.16
N ASP C 146 -30.89 -3.03 27.05
CA ASP C 146 -29.50 -3.42 26.93
C ASP C 146 -28.89 -2.68 25.74
N GLN C 147 -27.58 -2.58 25.77
CA GLN C 147 -26.78 -2.14 24.61
C GLN C 147 -25.65 -3.15 24.42
N HIS C 148 -25.46 -3.56 23.19
CA HIS C 148 -24.40 -4.50 22.84
C HIS C 148 -23.92 -4.25 21.42
N GLN C 149 -22.84 -4.93 21.05
CA GLN C 149 -22.39 -4.85 19.65
C GLN C 149 -23.24 -5.58 18.70
N LYS C 150 -23.11 -5.17 17.44
CA LYS C 150 -23.85 -5.78 16.36
C LYS C 150 -23.70 -7.30 16.41
N VAL C 151 -24.83 -7.99 16.32
CA VAL C 151 -24.85 -9.42 16.16
C VAL C 151 -25.24 -9.79 14.75
N HIS C 152 -24.81 -10.98 14.38
CA HIS C 152 -24.88 -11.45 12.99
C HIS C 152 -25.81 -12.64 12.90
N PHE C 153 -26.63 -12.62 11.86
CA PHE C 153 -27.61 -13.70 11.72
C PHE C 153 -27.01 -14.66 10.71
N ILE C 154 -26.67 -15.88 11.16
CA ILE C 154 -25.91 -16.88 10.34
C ILE C 154 -26.84 -18.05 9.91
N ARG C 155 -26.57 -18.61 8.75
CA ARG C 155 -27.31 -19.69 8.20
C ARG C 155 -26.47 -20.54 7.29
N GLN C 156 -27.00 -21.69 6.96
CA GLN C 156 -26.32 -22.68 6.14
C GLN C 156 -25.80 -22.03 4.90
N GLY C 157 -24.54 -22.33 4.67
CA GLY C 157 -23.83 -21.80 3.51
C GLY C 157 -22.95 -20.60 3.83
N ASP C 158 -23.14 -20.00 5.01
CA ASP C 158 -22.27 -18.86 5.42
C ASP C 158 -20.81 -19.32 5.72
N VAL C 159 -19.84 -18.52 5.25
CA VAL C 159 -18.48 -18.64 5.69
C VAL C 159 -18.18 -17.41 6.47
N ILE C 160 -17.79 -17.55 7.72
CA ILE C 160 -17.57 -16.43 8.60
C ILE C 160 -16.04 -16.35 8.85
N ALA C 161 -15.47 -15.15 8.83
CA ALA C 161 -14.02 -15.00 9.04
C ALA C 161 -13.72 -14.20 10.30
N LEU C 162 -12.94 -14.74 11.22
CA LEU C 162 -12.62 -14.04 12.48
C LEU C 162 -11.14 -13.97 12.72
N PRO C 163 -10.62 -12.81 13.09
CA PRO C 163 -9.23 -12.76 13.49
C PRO C 163 -8.92 -13.47 14.81
N ALA C 164 -7.65 -13.76 15.01
CA ALA C 164 -7.15 -14.07 16.34
C ALA C 164 -7.45 -13.05 17.38
N GLY C 165 -7.77 -13.52 18.58
CA GLY C 165 -7.85 -12.64 19.73
C GLY C 165 -9.24 -12.02 19.95
N ILE C 166 -10.19 -12.25 19.04
CA ILE C 166 -11.54 -11.66 19.03
C ILE C 166 -12.52 -12.62 19.71
N VAL C 167 -13.27 -12.04 20.63
CA VAL C 167 -14.26 -12.82 21.31
C VAL C 167 -15.41 -13.09 20.41
N HIS C 168 -15.81 -14.35 20.35
CA HIS C 168 -16.95 -14.69 19.59
C HIS C 168 -17.84 -15.66 20.35
N TRP C 169 -19.09 -15.72 19.93
CA TRP C 169 -20.06 -16.64 20.53
C TRP C 169 -21.14 -16.99 19.54
N ALA C 170 -21.95 -18.03 19.83
CA ALA C 170 -22.96 -18.40 18.87
C ALA C 170 -24.16 -19.04 19.58
N TYR C 171 -25.31 -18.85 18.99
CA TYR C 171 -26.60 -19.33 19.58
C TYR C 171 -27.46 -19.96 18.52
N ASN C 172 -28.00 -21.12 18.83
CA ASN C 172 -28.82 -21.81 17.86
C ASN C 172 -30.27 -21.41 18.09
N GLU C 173 -30.84 -20.74 17.10
CA GLU C 173 -32.27 -20.35 17.10
C GLU C 173 -33.26 -21.43 16.65
N ALA C 174 -32.77 -22.34 15.83
CA ALA C 174 -33.60 -23.24 15.08
C ALA C 174 -33.78 -24.52 15.80
N THR C 175 -34.72 -25.33 15.29
CA THR C 175 -35.04 -26.59 15.94
C THR C 175 -33.99 -27.66 15.57
N GLU C 176 -33.54 -27.68 14.31
CA GLU C 176 -32.42 -28.52 13.85
C GLU C 176 -31.11 -28.03 14.47
N LYS C 177 -30.18 -28.95 14.55
CA LYS C 177 -28.89 -28.66 15.10
C LYS C 177 -28.18 -27.64 14.19
N LEU C 178 -27.39 -26.81 14.86
CA LEU C 178 -26.54 -25.77 14.19
C LEU C 178 -25.19 -26.40 14.13
N VAL C 179 -24.67 -26.59 12.92
CA VAL C 179 -23.39 -27.33 12.77
C VAL C 179 -22.39 -26.38 12.09
N LEU C 180 -21.29 -26.14 12.80
CA LEU C 180 -20.20 -25.23 12.42
C LEU C 180 -18.93 -26.00 12.26
N LEU C 181 -18.29 -25.85 11.09
CA LEU C 181 -17.01 -26.50 10.87
C LEU C 181 -16.01 -25.32 10.90
N VAL C 182 -15.10 -25.38 11.83
CA VAL C 182 -14.20 -24.30 12.13
C VAL C 182 -12.81 -24.75 11.70
N ILE C 183 -12.18 -23.97 10.84
CA ILE C 183 -10.82 -24.20 10.46
C ILE C 183 -9.95 -23.05 11.03
N HIS C 184 -9.16 -23.37 12.01
CA HIS C 184 -8.18 -22.47 12.57
C HIS C 184 -6.84 -22.56 11.85
N ASP C 185 -6.28 -21.40 11.52
CA ASP C 185 -5.05 -21.35 10.77
C ASP C 185 -3.89 -21.05 11.70
N LEU C 186 -3.32 -22.12 12.24
CA LEU C 186 -2.35 -21.94 13.25
C LEU C 186 -1.06 -21.26 12.74
N SER C 187 -0.70 -21.42 11.45
CA SER C 187 0.60 -20.92 11.05
C SER C 187 0.51 -19.47 10.63
N ASN C 188 -0.68 -18.91 10.80
CA ASN C 188 -0.95 -17.51 10.45
C ASN C 188 -0.05 -16.57 11.23
N ARG C 189 0.29 -15.49 10.59
CA ARG C 189 1.12 -14.47 11.23
C ARG C 189 0.50 -13.91 12.49
N GLU C 190 -0.81 -14.02 12.61
CA GLU C 190 -1.49 -13.44 13.77
C GLU C 190 -1.16 -14.27 15.02
N ASN C 191 -0.73 -15.51 14.84
CA ASN C 191 -0.46 -16.41 15.99
C ASN C 191 1.02 -16.30 16.31
N GLN C 192 1.33 -15.52 17.35
CA GLN C 192 2.74 -15.34 17.80
C GLN C 192 3.22 -16.29 18.91
N LEU C 193 2.36 -17.20 19.25
CA LEU C 193 2.64 -18.12 20.41
C LEU C 193 3.40 -19.35 19.92
N ASP C 194 2.71 -20.41 19.53
CA ASP C 194 3.38 -21.57 18.93
C ASP C 194 2.33 -22.33 18.17
N GLN C 195 2.68 -23.44 17.51
CA GLN C 195 1.73 -24.08 16.60
C GLN C 195 0.74 -25.05 17.28
N ASN C 196 0.00 -24.50 18.23
CA ASN C 196 -1.05 -25.24 19.01
C ASN C 196 -2.16 -24.21 19.24
N LEU C 197 -3.41 -24.67 19.11
CA LEU C 197 -4.63 -23.85 19.36
C LEU C 197 -4.83 -23.67 20.85
N ARG C 198 -5.13 -22.45 21.25
CA ARG C 198 -5.69 -22.05 22.56
C ARG C 198 -7.16 -21.71 22.36
N ARG C 199 -8.05 -22.22 23.23
CA ARG C 199 -9.43 -21.76 23.31
C ARG C 199 -9.65 -21.22 24.71
N TYR C 200 -9.84 -19.93 24.80
CA TYR C 200 -9.93 -19.25 26.04
C TYR C 200 -11.34 -18.77 26.16
N PHE C 201 -12.07 -19.38 27.10
CA PHE C 201 -13.49 -19.12 27.23
C PHE C 201 -13.78 -18.09 28.39
N LEU C 202 -14.76 -17.24 28.19
CA LEU C 202 -15.25 -16.24 29.18
C LEU C 202 -16.43 -16.92 29.84
N GLY C 203 -16.09 -17.76 30.80
CA GLY C 203 -17.07 -18.66 31.44
C GLY C 203 -16.91 -20.12 31.05
N GLY C 204 -17.82 -20.95 31.55
CA GLY C 204 -17.77 -22.37 31.27
C GLY C 204 -16.97 -23.22 32.26
N ASN C 205 -17.21 -24.54 32.20
CA ASN C 205 -16.41 -25.50 32.96
C ASN C 205 -16.67 -26.94 32.49
N GLN C 206 -15.71 -27.85 32.70
CA GLN C 206 -15.87 -29.31 32.33
C GLN C 206 -17.29 -29.85 32.53
N LYS C 207 -17.88 -30.50 31.52
CA LYS C 207 -19.27 -31.02 31.60
C LYS C 207 -19.33 -32.25 32.49
N ASN C 219 -2.75 -32.82 24.62
CA ASN C 219 -3.23 -31.86 25.64
C ASN C 219 -3.94 -30.66 24.99
N LEU C 220 -5.23 -30.45 25.28
CA LEU C 220 -5.96 -29.31 24.72
C LEU C 220 -5.74 -28.10 25.63
N LEU C 221 -5.50 -26.95 25.04
CA LEU C 221 -5.39 -25.71 25.82
C LEU C 221 -6.78 -25.04 25.75
N TRP C 222 -7.70 -25.51 26.60
CA TRP C 222 -9.10 -25.13 26.56
C TRP C 222 -9.42 -24.74 28.03
N ASN C 223 -9.88 -23.50 28.31
CA ASN C 223 -9.91 -22.99 29.67
C ASN C 223 -10.88 -21.83 29.83
N ASN C 224 -11.57 -21.80 30.94
CA ASN C 224 -12.31 -20.60 31.40
C ASN C 224 -11.29 -19.68 32.00
N VAL C 225 -11.04 -18.55 31.32
CA VAL C 225 -10.00 -17.59 31.75
C VAL C 225 -10.17 -16.94 33.11
N PHE C 226 -11.38 -16.95 33.64
CA PHE C 226 -11.63 -16.41 34.98
C PHE C 226 -11.11 -17.34 36.12
N GLN C 227 -10.99 -18.64 35.82
CA GLN C 227 -10.61 -19.64 36.81
C GLN C 227 -9.26 -19.42 37.41
N PRO C 228 -8.26 -19.04 36.61
CA PRO C 228 -6.95 -18.81 37.22
C PRO C 228 -6.69 -17.42 37.80
N LEU C 229 -7.75 -16.65 38.09
CA LEU C 229 -7.61 -15.35 38.64
C LEU C 229 -8.24 -15.41 40.04
N ASP C 230 -7.76 -14.51 40.87
CA ASP C 230 -8.21 -14.40 42.25
C ASP C 230 -9.58 -13.66 42.25
N PRO C 231 -10.61 -14.27 42.84
CA PRO C 231 -11.92 -13.61 42.77
C PRO C 231 -11.99 -12.30 43.48
N GLN C 232 -11.23 -12.10 44.55
CA GLN C 232 -11.22 -10.80 45.27
C GLN C 232 -10.47 -9.69 44.49
N PHE C 233 -9.41 -10.09 43.79
CA PHE C 233 -8.59 -9.17 42.99
C PHE C 233 -9.38 -8.75 41.76
N LEU C 234 -9.96 -9.75 41.07
CA LEU C 234 -10.82 -9.51 39.90
C LEU C 234 -12.12 -8.75 40.28
N GLY C 235 -12.65 -9.05 41.46
CA GLY C 235 -13.74 -8.26 42.02
C GLY C 235 -13.51 -6.80 42.28
N ARG C 236 -12.42 -6.50 42.93
CA ARG C 236 -11.99 -5.13 43.14
C ARG C 236 -11.89 -4.39 41.75
N ALA C 237 -11.18 -4.98 40.81
CA ALA C 237 -11.07 -4.31 39.48
C ALA C 237 -12.47 -4.11 38.84
N SER C 238 -13.30 -5.15 38.89
CA SER C 238 -14.63 -5.10 38.23
C SER C 238 -15.70 -4.27 38.97
N GLY C 239 -15.42 -3.92 40.21
CA GLY C 239 -16.37 -3.29 41.10
C GLY C 239 -17.57 -4.15 41.41
N VAL C 240 -17.36 -5.44 41.62
CA VAL C 240 -18.47 -6.36 42.04
C VAL C 240 -17.95 -7.23 43.18
N ASN C 241 -18.87 -7.81 43.92
CA ASN C 241 -18.49 -8.74 44.96
C ASN C 241 -17.78 -9.98 44.43
N SER C 242 -16.86 -10.52 45.22
CA SER C 242 -16.12 -11.68 44.80
C SER C 242 -17.04 -12.88 44.57
N GLU C 243 -18.21 -12.91 45.22
CA GLU C 243 -19.19 -13.97 44.96
C GLU C 243 -19.78 -13.90 43.56
N ILE C 244 -19.86 -12.72 42.98
CA ILE C 244 -20.18 -12.61 41.57
C ILE C 244 -19.04 -13.18 40.73
N ILE C 245 -17.82 -12.84 41.08
CA ILE C 245 -16.68 -13.44 40.34
C ILE C 245 -16.65 -14.96 40.38
N LYS C 246 -16.96 -15.56 41.55
CA LYS C 246 -17.08 -17.02 41.59
C LYS C 246 -18.10 -17.64 40.65
N LYS C 247 -19.16 -16.94 40.34
CA LYS C 247 -20.07 -17.37 39.33
C LYS C 247 -19.44 -17.31 37.93
N LEU C 248 -18.57 -16.33 37.69
CA LEU C 248 -17.86 -16.30 36.39
C LEU C 248 -16.91 -17.48 36.25
N GLN C 249 -16.37 -17.90 37.38
CA GLN C 249 -15.46 -19.00 37.39
C GLN C 249 -16.18 -20.36 37.25
N SER C 250 -17.51 -20.34 37.33
CA SER C 250 -18.38 -21.43 37.06
C SER C 250 -18.03 -22.65 37.90
N GLU C 251 -17.37 -22.48 39.03
CA GLU C 251 -16.99 -23.67 39.76
C GLU C 251 -18.30 -24.00 40.56
N ASN C 252 -18.69 -25.27 40.49
CA ASN C 252 -20.01 -25.84 40.83
C ASN C 252 -20.98 -25.85 39.64
N ASP C 253 -20.49 -25.50 38.44
CA ASP C 253 -21.33 -25.47 37.25
C ASP C 253 -20.60 -26.33 36.26
N PHE C 254 -21.22 -27.43 35.83
CA PHE C 254 -20.61 -28.42 34.99
C PHE C 254 -21.43 -28.65 33.75
N ARG C 255 -21.73 -27.59 33.00
CA ARG C 255 -22.51 -27.77 31.79
C ARG C 255 -21.62 -27.77 30.52
N GLY C 256 -20.31 -27.67 30.68
CA GLY C 256 -19.45 -27.57 29.52
C GLY C 256 -19.56 -26.18 28.92
N TYR C 257 -19.27 -26.11 27.63
CA TYR C 257 -19.17 -24.82 26.88
C TYR C 257 -20.25 -24.58 25.87
N MET C 258 -21.35 -25.31 25.96
CA MET C 258 -22.56 -25.01 25.24
C MET C 258 -23.69 -25.25 26.28
N VAL C 259 -24.44 -24.20 26.56
CA VAL C 259 -25.43 -24.24 27.65
C VAL C 259 -26.79 -24.09 27.10
N ARG C 260 -27.76 -24.76 27.72
CA ARG C 260 -29.12 -24.54 27.28
C ARG C 260 -29.77 -23.26 27.87
N VAL C 261 -30.43 -22.49 26.99
CA VAL C 261 -31.26 -21.32 27.30
C VAL C 261 -32.73 -21.72 27.12
N ARG C 262 -33.31 -22.14 28.23
CA ARG C 262 -34.69 -22.62 28.31
C ARG C 262 -35.73 -21.82 27.47
N ASP C 263 -35.82 -20.50 27.73
CA ASP C 263 -36.91 -19.67 27.18
C ASP C 263 -36.46 -18.86 25.96
N GLY C 264 -35.24 -19.12 25.47
CA GLY C 264 -34.72 -18.43 24.29
C GLY C 264 -33.91 -17.24 24.70
N LEU C 265 -32.88 -16.91 23.93
CA LEU C 265 -31.97 -15.82 24.27
C LEU C 265 -32.62 -14.51 23.98
N ARG C 266 -32.56 -13.56 24.90
CA ARG C 266 -33.11 -12.23 24.67
C ARG C 266 -31.99 -11.30 24.30
N LEU C 267 -32.03 -10.78 23.10
CA LEU C 267 -31.07 -9.74 22.74
C LEU C 267 -31.73 -8.59 22.02
N VAL C 268 -30.94 -7.55 21.75
CA VAL C 268 -31.37 -6.40 21.00
C VAL C 268 -31.20 -6.67 19.52
N ARG C 269 -32.29 -6.82 18.78
CA ARG C 269 -32.21 -7.22 17.40
C ARG C 269 -33.21 -6.45 16.60
N PRO C 270 -32.85 -6.11 15.36
CA PRO C 270 -33.73 -5.28 14.62
C PRO C 270 -35.07 -5.93 14.30
N SER C 271 -36.09 -5.13 14.52
CA SER C 271 -37.49 -5.41 14.29
C SER C 271 -37.87 -5.26 12.78
N SER C 272 -39.03 -5.79 12.41
CA SER C 272 -39.58 -5.57 11.04
C SER C 272 -39.72 -4.07 10.70
N GLU C 273 -39.42 -3.73 9.43
CA GLU C 273 -39.55 -2.34 8.99
C GLU C 273 -40.60 -2.19 7.85
N GLU C 274 -41.76 -2.82 8.03
CA GLU C 274 -42.86 -2.78 7.01
C GLU C 274 -43.92 -1.71 7.25
N GLY C 285 -18.87 8.56 12.47
CA GLY C 285 -17.44 8.39 12.78
C GLY C 285 -17.05 6.96 12.53
N TYR C 286 -15.99 6.49 13.23
CA TYR C 286 -15.39 5.12 13.05
C TYR C 286 -16.37 4.01 13.31
N GLU C 287 -17.41 4.30 14.09
CA GLU C 287 -18.48 3.35 14.29
C GLU C 287 -19.19 2.94 13.01
N GLU C 288 -19.14 3.82 11.97
CA GLU C 288 -19.77 3.56 10.67
C GLU C 288 -18.85 2.82 9.68
N THR C 289 -17.55 2.73 9.96
CA THR C 289 -16.56 2.19 9.02
C THR C 289 -15.90 0.96 9.63
N LEU C 290 -14.77 1.17 10.32
CA LEU C 290 -13.98 0.10 10.91
C LEU C 290 -14.75 -0.87 11.78
N CYS C 291 -15.65 -0.36 12.62
CA CYS C 291 -16.45 -1.18 13.51
C CYS C 291 -17.56 -2.03 12.86
N THR C 292 -17.87 -1.77 11.58
CA THR C 292 -18.93 -2.47 10.87
C THR C 292 -18.44 -3.41 9.79
N VAL C 293 -17.16 -3.75 9.86
N VAL C 293 -17.22 -3.86 9.94
CA VAL C 293 -16.49 -4.60 8.86
CA VAL C 293 -16.60 -4.79 8.97
C VAL C 293 -17.22 -5.92 8.71
C VAL C 293 -17.54 -5.98 8.70
N ARG C 294 -17.61 -6.25 7.47
N ARG C 294 -17.56 -6.38 7.43
CA ARG C 294 -18.35 -7.48 7.19
CA ARG C 294 -18.28 -7.58 7.10
C ARG C 294 -17.52 -8.67 7.57
C ARG C 294 -17.46 -8.78 7.48
N ILE C 295 -18.16 -9.73 8.09
CA ILE C 295 -17.44 -10.94 8.58
CA ILE C 295 -17.58 -10.93 8.71
C ILE C 295 -17.87 -12.20 7.86
N LYS C 296 -18.88 -12.16 7.01
CA LYS C 296 -19.26 -13.41 6.37
C LYS C 296 -19.84 -13.24 5.03
N GLU C 297 -19.84 -14.31 4.23
CA GLU C 297 -20.58 -14.30 2.99
C GLU C 297 -21.25 -15.67 2.80
N ASN C 298 -22.44 -15.73 2.22
CA ASN C 298 -23.11 -17.02 1.97
C ASN C 298 -22.73 -17.54 0.58
N LEU C 299 -22.29 -18.79 0.52
CA LEU C 299 -21.89 -19.43 -0.70
C LEU C 299 -22.89 -20.42 -1.29
N LEU C 300 -24.06 -20.56 -0.68
CA LEU C 300 -24.93 -21.69 -1.07
C LEU C 300 -25.75 -21.56 -2.34
N ASN C 301 -26.25 -20.38 -2.62
CA ASN C 301 -27.12 -20.18 -3.75
C ASN C 301 -26.33 -20.44 -5.05
N PRO C 302 -26.81 -21.38 -5.93
CA PRO C 302 -26.08 -21.60 -7.22
C PRO C 302 -25.94 -20.28 -7.99
N GLU C 303 -26.83 -19.32 -7.74
CA GLU C 303 -26.71 -18.00 -8.36
C GLU C 303 -25.47 -17.18 -7.95
N ARG C 304 -24.83 -17.51 -6.83
CA ARG C 304 -23.55 -16.88 -6.33
C ARG C 304 -22.26 -17.55 -7.03
N ALA C 305 -22.52 -18.52 -7.88
CA ALA C 305 -21.50 -19.13 -8.69
C ALA C 305 -20.63 -18.14 -9.47
N ASP C 306 -19.33 -18.41 -9.49
CA ASP C 306 -18.38 -17.69 -10.29
C ASP C 306 -18.03 -18.46 -11.54
N ILE C 307 -18.02 -19.81 -11.45
CA ILE C 307 -17.83 -20.69 -12.61
C ILE C 307 -19.05 -21.61 -12.62
N TYR C 308 -19.67 -21.73 -13.80
CA TYR C 308 -20.84 -22.65 -13.98
C TYR C 308 -20.74 -23.30 -15.32
N THR C 309 -20.79 -24.63 -15.28
CA THR C 309 -20.88 -25.41 -16.48
C THR C 309 -22.19 -26.23 -16.37
N SER C 310 -23.10 -25.95 -17.29
CA SER C 310 -24.37 -26.65 -17.33
C SER C 310 -24.12 -28.17 -17.44
N ARG C 311 -24.87 -28.89 -16.63
CA ARG C 311 -24.72 -30.38 -16.34
C ARG C 311 -23.52 -30.79 -15.55
N GLY C 312 -22.68 -29.79 -15.18
CA GLY C 312 -21.42 -30.03 -14.57
C GLY C 312 -21.45 -29.63 -13.11
N GLY C 313 -21.70 -28.34 -12.92
CA GLY C 313 -21.76 -27.76 -11.59
C GLY C 313 -21.23 -26.33 -11.49
N THR C 314 -20.93 -25.98 -10.24
CA THR C 314 -20.48 -24.65 -9.87
C THR C 314 -19.29 -24.63 -8.95
N VAL C 315 -18.53 -23.52 -9.07
CA VAL C 315 -17.53 -23.11 -8.09
C VAL C 315 -17.92 -21.70 -7.71
N SER C 316 -17.93 -21.47 -6.41
CA SER C 316 -18.36 -20.16 -5.78
C SER C 316 -17.18 -19.79 -4.87
N THR C 317 -16.44 -18.77 -5.28
CA THR C 317 -15.14 -18.47 -4.62
C THR C 317 -15.33 -17.33 -3.62
N LEU C 318 -14.54 -17.32 -2.56
CA LEU C 318 -14.61 -16.33 -1.54
C LEU C 318 -13.16 -15.89 -1.22
N ASN C 319 -12.83 -14.71 -1.70
CA ASN C 319 -11.53 -14.16 -1.52
C ASN C 319 -11.61 -12.67 -1.22
N SER C 320 -10.44 -12.01 -1.08
CA SER C 320 -10.46 -10.64 -0.63
C SER C 320 -11.01 -9.65 -1.66
N TYR C 321 -11.24 -10.07 -2.89
CA TYR C 321 -12.00 -9.21 -3.85
C TYR C 321 -13.51 -9.28 -3.57
N ASN C 322 -13.90 -10.11 -2.62
CA ASN C 322 -15.31 -10.34 -2.21
C ASN C 322 -15.50 -9.84 -0.77
N LEU C 323 -14.71 -10.41 0.12
CA LEU C 323 -14.83 -10.13 1.57
C LEU C 323 -13.51 -9.47 2.08
N PRO C 324 -13.50 -8.14 2.35
CA PRO C 324 -12.28 -7.42 2.61
C PRO C 324 -11.37 -7.97 3.75
N ILE C 325 -11.98 -8.38 4.83
CA ILE C 325 -11.27 -8.90 6.00
C ILE C 325 -10.37 -10.09 5.66
N LEU C 326 -10.63 -10.75 4.55
CA LEU C 326 -9.79 -11.91 4.15
C LEU C 326 -8.37 -11.47 3.78
N ARG C 327 -8.21 -10.21 3.34
CA ARG C 327 -6.87 -9.71 2.98
C ARG C 327 -5.95 -9.75 4.23
N LYS C 328 -6.47 -9.27 5.35
CA LYS C 328 -5.71 -9.18 6.57
C LYS C 328 -5.52 -10.61 7.09
N LEU C 329 -6.54 -11.44 7.01
CA LEU C 329 -6.42 -12.81 7.49
C LEU C 329 -5.56 -13.77 6.66
N GLN C 330 -5.34 -13.49 5.38
CA GLN C 330 -4.62 -14.37 4.45
C GLN C 330 -5.27 -15.71 4.29
N LEU C 331 -6.61 -15.70 4.19
CA LEU C 331 -7.45 -16.93 3.96
C LEU C 331 -8.42 -16.72 2.86
N SER C 332 -8.76 -17.83 2.20
CA SER C 332 -9.94 -17.78 1.35
C SER C 332 -10.68 -19.10 1.39
N ALA C 333 -11.78 -19.13 0.65
CA ALA C 333 -12.64 -20.31 0.65
C ALA C 333 -13.38 -20.48 -0.65
N ASN C 334 -13.97 -21.66 -0.82
CA ASN C 334 -14.83 -21.86 -1.94
C ASN C 334 -15.85 -22.92 -1.63
N ARG C 335 -16.93 -22.90 -2.38
CA ARG C 335 -17.90 -24.03 -2.42
C ARG C 335 -17.93 -24.61 -3.83
N GLU C 336 -17.76 -25.95 -3.91
CA GLU C 336 -17.81 -26.67 -5.20
C GLU C 336 -19.02 -27.60 -5.17
N TYR C 337 -19.82 -27.53 -6.20
CA TYR C 337 -20.98 -28.41 -6.32
C TYR C 337 -20.83 -29.12 -7.64
N LEU C 338 -20.79 -30.45 -7.60
CA LEU C 338 -20.70 -31.23 -8.82
C LEU C 338 -21.93 -32.17 -8.98
N TYR C 339 -22.52 -32.14 -10.14
CA TYR C 339 -23.60 -33.06 -10.48
C TYR C 339 -23.02 -34.44 -10.65
N PRO C 340 -23.89 -35.46 -10.62
CA PRO C 340 -23.34 -36.78 -10.72
C PRO C 340 -22.40 -36.96 -11.93
N ASN C 341 -21.29 -37.59 -11.65
CA ASN C 341 -20.25 -37.95 -12.60
C ASN C 341 -19.43 -36.75 -13.12
N ALA C 342 -19.72 -35.54 -12.68
CA ALA C 342 -18.96 -34.38 -13.20
C ALA C 342 -17.62 -34.31 -12.49
N MET C 343 -16.69 -33.49 -13.03
CA MET C 343 -15.36 -33.36 -12.45
C MET C 343 -14.97 -31.90 -12.37
N ILE C 344 -14.06 -31.65 -11.44
CA ILE C 344 -13.25 -30.42 -11.43
C ILE C 344 -11.95 -30.83 -12.19
N VAL C 345 -11.49 -29.96 -13.08
CA VAL C 345 -10.27 -30.26 -13.85
C VAL C 345 -9.11 -30.64 -12.93
N PRO C 346 -8.22 -31.52 -13.35
CA PRO C 346 -7.00 -31.79 -12.61
C PRO C 346 -6.18 -30.52 -12.56
N GLU C 347 -5.52 -30.34 -11.44
CA GLU C 347 -4.89 -29.08 -11.11
C GLU C 347 -4.00 -29.18 -9.92
N TRP C 348 -3.36 -28.05 -9.56
CA TRP C 348 -2.69 -27.89 -8.27
C TRP C 348 -2.94 -26.48 -7.73
N ASN C 349 -2.80 -26.34 -6.42
CA ASN C 349 -2.88 -25.05 -5.78
C ASN C 349 -1.52 -24.44 -5.85
N ASN C 350 -1.41 -23.25 -6.42
N ASN C 350 -1.42 -23.22 -6.41
CA ASN C 350 -0.08 -22.69 -6.63
CA ASN C 350 -0.13 -22.56 -6.59
C ASN C 350 0.47 -21.82 -5.48
C ASN C 350 0.51 -22.07 -5.29
N ASN C 351 -0.33 -21.47 -4.47
CA ASN C 351 0.12 -20.63 -3.37
C ASN C 351 -0.58 -20.88 -2.05
N ALA C 352 -1.05 -22.09 -1.83
CA ALA C 352 -1.88 -22.34 -0.65
C ALA C 352 -2.06 -23.87 -0.47
N HIS C 353 -2.29 -24.27 0.75
CA HIS C 353 -2.88 -25.60 1.03
C HIS C 353 -4.39 -25.48 0.97
N SER C 354 -5.06 -26.59 0.61
CA SER C 354 -6.50 -26.65 0.64
C SER C 354 -6.95 -27.68 1.69
N ILE C 355 -7.99 -27.28 2.42
CA ILE C 355 -8.60 -28.08 3.50
C ILE C 355 -10.08 -28.17 3.09
N SER C 356 -10.53 -29.35 2.64
CA SER C 356 -11.88 -29.52 2.10
C SER C 356 -12.74 -30.34 3.05
N TYR C 357 -13.98 -29.96 3.16
CA TYR C 357 -14.95 -30.74 3.90
C TYR C 357 -16.08 -31.10 3.00
N VAL C 358 -16.49 -32.39 3.06
CA VAL C 358 -17.53 -32.90 2.20
C VAL C 358 -18.86 -32.74 2.92
N THR C 359 -19.71 -31.86 2.42
CA THR C 359 -20.98 -31.58 3.07
C THR C 359 -22.09 -32.47 2.53
N ARG C 360 -21.97 -32.92 1.29
CA ARG C 360 -23.00 -33.72 0.66
C ARG C 360 -22.41 -34.66 -0.35
N GLY C 361 -23.01 -35.85 -0.47
CA GLY C 361 -22.60 -36.77 -1.49
C GLY C 361 -21.24 -37.41 -1.26
N SER C 362 -20.57 -37.67 -2.36
CA SER C 362 -19.42 -38.54 -2.38
C SER C 362 -18.74 -38.43 -3.73
N GLY C 363 -17.51 -38.91 -3.77
CA GLY C 363 -16.76 -38.94 -5.02
C GLY C 363 -15.41 -39.61 -4.91
N ARG C 364 -14.71 -39.57 -6.04
CA ARG C 364 -13.40 -40.08 -6.09
C ARG C 364 -12.45 -38.87 -6.12
N LEU C 365 -11.40 -39.02 -5.38
CA LEU C 365 -10.31 -38.01 -5.25
C LEU C 365 -9.01 -38.77 -5.52
N GLN C 366 -8.22 -38.28 -6.47
CA GLN C 366 -6.86 -38.78 -6.63
C GLN C 366 -5.87 -37.62 -6.40
N VAL C 367 -4.88 -37.85 -5.57
CA VAL C 367 -3.75 -36.91 -5.32
C VAL C 367 -2.39 -37.46 -5.69
N GLY C 368 -1.59 -36.59 -6.34
CA GLY C 368 -0.27 -36.94 -6.74
C GLY C 368 0.67 -35.93 -6.06
N GLY C 369 1.84 -36.42 -5.70
CA GLY C 369 2.82 -35.73 -4.92
C GLY C 369 4.20 -35.79 -5.57
N SER C 370 5.21 -36.05 -4.74
CA SER C 370 6.57 -36.06 -5.28
C SER C 370 7.05 -37.39 -5.83
N SER C 371 6.26 -38.44 -5.73
CA SER C 371 6.74 -39.75 -6.16
C SER C 371 5.99 -40.32 -7.34
N LYS C 372 6.54 -41.38 -7.91
CA LYS C 372 5.81 -42.18 -8.86
C LYS C 372 4.50 -42.79 -8.31
N SER C 373 4.39 -42.95 -7.00
CA SER C 373 3.21 -43.56 -6.37
C SER C 373 2.21 -42.51 -5.98
N THR C 374 0.95 -42.75 -6.30
CA THR C 374 -0.13 -41.85 -5.85
C THR C 374 -0.16 -41.66 -4.34
N VAL C 375 -0.48 -40.44 -3.88
CA VAL C 375 -0.63 -40.13 -2.48
C VAL C 375 -1.99 -40.52 -1.92
N TYR C 376 -3.04 -40.43 -2.73
CA TYR C 376 -4.33 -41.01 -2.42
C TYR C 376 -5.06 -41.23 -3.64
N ASP C 377 -5.88 -42.29 -3.66
CA ASP C 377 -6.76 -42.50 -4.74
C ASP C 377 -7.88 -43.31 -4.20
N GLY C 378 -8.95 -42.62 -3.90
CA GLY C 378 -10.16 -43.31 -3.41
C GLY C 378 -11.32 -42.43 -3.08
N ASP C 379 -12.28 -42.95 -2.29
CA ASP C 379 -13.53 -42.26 -2.07
C ASP C 379 -13.35 -41.08 -1.08
N VAL C 380 -14.17 -40.07 -1.27
CA VAL C 380 -14.44 -39.09 -0.26
C VAL C 380 -15.91 -39.11 -0.01
N ARG C 381 -16.31 -38.86 1.22
CA ARG C 381 -17.74 -38.80 1.50
C ARG C 381 -18.11 -37.85 2.62
N GLN C 382 -19.41 -37.66 2.74
CA GLN C 382 -19.99 -36.72 3.65
C GLN C 382 -19.38 -36.83 5.02
N GLY C 383 -18.95 -35.67 5.55
CA GLY C 383 -18.41 -35.64 6.90
C GLY C 383 -16.93 -35.74 7.09
N GLN C 384 -16.25 -36.04 6.01
CA GLN C 384 -14.81 -36.25 5.98
C GLN C 384 -14.16 -34.89 5.57
N LEU C 385 -12.94 -34.71 6.13
CA LEU C 385 -11.97 -33.61 5.86
C LEU C 385 -10.80 -34.14 5.03
N PHE C 386 -10.38 -33.45 3.95
CA PHE C 386 -9.18 -33.85 3.26
C PHE C 386 -8.29 -32.63 3.02
N ILE C 387 -7.00 -32.87 3.13
CA ILE C 387 -5.98 -31.80 2.91
C ILE C 387 -5.18 -32.07 1.62
N ILE C 388 -5.07 -31.07 0.76
CA ILE C 388 -4.24 -31.19 -0.39
C ILE C 388 -3.15 -30.12 -0.20
N PRO C 389 -1.92 -30.54 0.00
CA PRO C 389 -0.88 -29.51 0.14
C PRO C 389 -0.61 -28.76 -1.15
N GLN C 390 -0.07 -27.57 -0.98
CA GLN C 390 0.44 -26.75 -2.06
C GLN C 390 1.19 -27.57 -3.06
N ASN C 391 0.89 -27.33 -4.36
CA ASN C 391 1.54 -27.94 -5.53
C ASN C 391 1.21 -29.42 -5.87
N TYR C 392 0.65 -30.16 -4.89
CA TYR C 392 0.16 -31.53 -5.16
C TYR C 392 -0.94 -31.49 -6.21
N VAL C 393 -0.87 -32.38 -7.23
CA VAL C 393 -1.84 -32.46 -8.28
C VAL C 393 -3.02 -33.28 -7.77
N TYR C 394 -4.21 -32.81 -8.09
CA TYR C 394 -5.43 -33.52 -7.75
C TYR C 394 -6.47 -33.51 -8.76
N LEU C 395 -7.32 -34.58 -8.71
CA LEU C 395 -8.47 -34.72 -9.60
C LEU C 395 -9.65 -35.17 -8.78
N LYS C 396 -10.82 -34.65 -9.08
CA LYS C 396 -12.06 -35.03 -8.35
C LYS C 396 -13.15 -35.36 -9.34
N GLN C 397 -13.92 -36.42 -9.01
CA GLN C 397 -15.09 -36.73 -9.76
C GLN C 397 -16.20 -37.11 -8.78
N ALA C 398 -17.37 -36.53 -9.00
CA ALA C 398 -18.53 -36.80 -8.14
C ALA C 398 -19.07 -38.20 -8.44
N GLY C 399 -19.52 -38.88 -7.38
CA GLY C 399 -20.23 -40.14 -7.55
C GLY C 399 -21.67 -39.97 -8.01
N PRO C 400 -22.48 -41.04 -7.88
CA PRO C 400 -23.83 -40.99 -8.48
C PRO C 400 -24.87 -40.03 -7.79
N GLN C 401 -24.62 -39.61 -6.57
CA GLN C 401 -25.45 -38.61 -5.90
C GLN C 401 -24.91 -37.15 -6.04
N GLY C 402 -23.94 -36.91 -6.91
CA GLY C 402 -23.22 -35.61 -6.79
C GLY C 402 -22.29 -35.47 -5.61
N LEU C 403 -21.75 -34.23 -5.46
CA LEU C 403 -20.71 -33.98 -4.47
C LEU C 403 -20.75 -32.47 -4.15
N GLU C 404 -20.78 -32.16 -2.87
CA GLU C 404 -20.63 -30.77 -2.38
C GLU C 404 -19.48 -30.68 -1.39
N LEU C 405 -18.60 -29.68 -1.61
CA LEU C 405 -17.37 -29.54 -0.83
C LEU C 405 -17.31 -28.07 -0.45
N TYR C 406 -16.90 -27.79 0.76
CA TYR C 406 -16.46 -26.42 1.08
C TYR C 406 -14.97 -26.54 1.33
N THR C 407 -14.19 -25.57 0.85
CA THR C 407 -12.78 -25.66 1.05
C THR C 407 -12.24 -24.36 1.59
N VAL C 408 -11.30 -24.45 2.51
CA VAL C 408 -10.53 -23.29 3.00
C VAL C 408 -9.12 -23.38 2.43
N LYS C 409 -8.58 -22.24 1.99
CA LYS C 409 -7.22 -22.20 1.42
C LYS C 409 -6.42 -21.20 2.18
N THR C 410 -5.18 -21.56 2.45
CA THR C 410 -4.24 -20.79 3.27
C THR C 410 -3.55 -19.62 2.58
N ASN C 411 -4.32 -18.85 1.85
CA ASN C 411 -3.85 -17.65 1.28
C ASN C 411 -5.04 -16.83 0.86
N ASP C 412 -4.74 -15.58 1.01
CA ASP C 412 -5.36 -14.49 0.36
CA ASP C 412 -5.37 -14.59 0.33
C ASP C 412 -5.14 -14.87 -1.14
N ARG C 413 -6.24 -14.71 -1.85
CA ARG C 413 -6.34 -14.81 -3.30
C ARG C 413 -5.64 -16.08 -3.75
N ALA C 414 -5.96 -17.16 -3.07
CA ALA C 414 -5.56 -18.49 -3.52
C ALA C 414 -6.00 -18.82 -4.90
N LYS C 415 -5.09 -19.37 -5.68
CA LYS C 415 -5.30 -19.68 -7.06
C LYS C 415 -4.84 -21.11 -7.40
N ALA C 416 -5.56 -21.71 -8.34
CA ALA C 416 -5.25 -23.01 -8.88
C ALA C 416 -4.81 -22.92 -10.28
N THR C 417 -4.03 -23.91 -10.68
CA THR C 417 -3.53 -24.04 -12.02
C THR C 417 -4.17 -25.29 -12.61
N ALA C 418 -4.73 -25.16 -13.80
CA ALA C 418 -5.45 -26.28 -14.46
C ALA C 418 -4.56 -26.99 -15.45
N LEU C 419 -4.71 -28.31 -15.56
CA LEU C 419 -4.10 -29.13 -16.59
C LEU C 419 -5.03 -29.48 -17.70
N VAL C 420 -6.30 -29.11 -17.53
CA VAL C 420 -7.29 -29.37 -18.52
C VAL C 420 -8.16 -28.18 -18.67
N GLY C 421 -8.60 -27.94 -19.89
CA GLY C 421 -9.60 -26.96 -20.17
C GLY C 421 -9.07 -25.62 -20.69
N ARG C 422 -9.94 -24.63 -20.91
CA ARG C 422 -9.50 -23.42 -21.66
C ARG C 422 -8.42 -22.57 -20.90
N THR C 423 -8.31 -22.75 -19.59
CA THR C 423 -7.28 -22.08 -18.80
C THR C 423 -6.06 -22.95 -18.51
N SER C 424 -5.92 -24.02 -19.27
CA SER C 424 -4.91 -25.03 -18.94
C SER C 424 -3.46 -24.57 -19.27
N VAL C 425 -2.56 -25.08 -18.49
CA VAL C 425 -1.13 -24.89 -18.77
C VAL C 425 -0.73 -25.58 -20.10
N ILE C 426 -1.48 -26.62 -20.48
CA ILE C 426 -1.19 -27.38 -21.70
C ILE C 426 -1.39 -26.43 -22.89
N ARG C 427 -2.46 -25.61 -22.87
CA ARG C 427 -2.78 -24.68 -23.92
CA ARG C 427 -2.73 -24.71 -23.96
C ARG C 427 -1.71 -23.60 -24.06
N ALA C 428 -1.18 -23.18 -22.89
CA ALA C 428 -0.24 -22.04 -22.83
C ALA C 428 1.16 -22.30 -23.31
N VAL C 429 1.53 -23.59 -23.36
CA VAL C 429 2.74 -24.10 -23.88
C VAL C 429 2.66 -24.44 -25.37
N PRO C 430 3.70 -24.09 -26.13
CA PRO C 430 3.71 -24.45 -27.60
C PRO C 430 3.51 -25.93 -27.88
N LEU C 431 2.68 -26.18 -28.87
CA LEU C 431 2.35 -27.54 -29.29
C LEU C 431 3.61 -28.41 -29.45
N ASP C 432 4.66 -27.83 -30.03
CA ASP C 432 5.84 -28.64 -30.36
C ASP C 432 6.65 -29.01 -29.07
N VAL C 433 6.46 -28.24 -27.99
CA VAL C 433 7.03 -28.66 -26.73
C VAL C 433 6.41 -29.99 -26.31
N TRP C 434 5.09 -30.08 -26.31
CA TRP C 434 4.40 -31.32 -25.90
C TRP C 434 4.69 -32.47 -26.91
N ILE C 435 4.77 -32.12 -28.18
CA ILE C 435 5.17 -33.14 -29.22
C ILE C 435 6.46 -33.86 -28.87
N ASN C 436 7.47 -33.06 -28.54
CA ASN C 436 8.75 -33.58 -28.18
C ASN C 436 8.89 -34.18 -26.84
N VAL C 437 8.23 -33.59 -25.83
CA VAL C 437 8.36 -34.08 -24.46
C VAL C 437 7.63 -35.42 -24.32
N PHE C 438 6.45 -35.49 -24.88
CA PHE C 438 5.59 -36.68 -24.73
C PHE C 438 5.67 -37.67 -25.91
N GLN C 439 6.38 -37.31 -26.95
CA GLN C 439 6.49 -38.10 -28.21
C GLN C 439 5.11 -38.33 -28.81
N LEU C 440 4.37 -37.25 -28.98
CA LEU C 440 3.01 -37.28 -29.46
C LEU C 440 3.04 -36.92 -30.93
N THR C 441 2.07 -37.41 -31.73
CA THR C 441 1.83 -36.80 -33.01
C THR C 441 1.24 -35.42 -32.84
N GLN C 442 1.31 -34.64 -33.90
CA GLN C 442 0.65 -33.32 -33.94
C GLN C 442 -0.88 -33.38 -33.62
N ASP C 443 -1.58 -34.38 -34.14
CA ASP C 443 -3.04 -34.54 -33.87
C ASP C 443 -3.29 -34.85 -32.42
N GLU C 444 -2.47 -35.73 -31.84
CA GLU C 444 -2.57 -36.04 -30.44
C GLU C 444 -2.30 -34.82 -29.54
N ALA C 445 -1.26 -34.09 -29.86
CA ALA C 445 -0.94 -32.87 -29.12
C ALA C 445 -2.06 -31.84 -29.23
N ARG C 446 -2.67 -31.70 -30.41
CA ARG C 446 -3.89 -30.89 -30.51
C ARG C 446 -5.08 -31.40 -29.73
N SER C 447 -5.32 -32.71 -29.78
CA SER C 447 -6.32 -33.37 -28.86
C SER C 447 -6.15 -33.01 -27.39
N LEU C 448 -4.90 -33.07 -26.93
CA LEU C 448 -4.60 -32.76 -25.59
C LEU C 448 -4.92 -31.30 -25.23
N LYS C 449 -4.55 -30.36 -26.11
CA LYS C 449 -4.92 -28.96 -25.91
C LYS C 449 -6.42 -28.70 -25.89
N TYR C 450 -7.10 -29.25 -26.88
CA TYR C 450 -8.43 -28.72 -27.26
C TYR C 450 -9.65 -29.59 -27.02
N ASN C 451 -9.48 -30.83 -26.59
CA ASN C 451 -10.67 -31.72 -26.51
C ASN C 451 -11.70 -31.27 -25.50
N ARG C 452 -11.25 -30.60 -24.45
CA ARG C 452 -12.13 -30.13 -23.37
C ARG C 452 -12.19 -28.63 -23.52
N GLU C 453 -13.39 -28.12 -23.74
CA GLU C 453 -13.60 -26.74 -24.03
C GLU C 453 -14.12 -25.96 -22.83
N GLU C 454 -14.29 -26.68 -21.71
CA GLU C 454 -14.79 -26.08 -20.45
C GLU C 454 -13.68 -25.36 -19.74
N ILE C 455 -14.05 -24.42 -18.86
CA ILE C 455 -13.16 -23.92 -17.82
C ILE C 455 -13.60 -24.53 -16.50
N THR C 456 -12.65 -25.17 -15.84
CA THR C 456 -12.70 -25.69 -14.48
C THR C 456 -13.71 -26.82 -14.10
N VAL C 457 -14.95 -26.61 -14.48
CA VAL C 457 -16.02 -27.53 -14.20
C VAL C 457 -16.28 -28.29 -15.51
N LEU C 458 -16.10 -29.61 -15.45
CA LEU C 458 -16.27 -30.47 -16.62
C LEU C 458 -17.67 -31.18 -16.58
N ASP C 459 -18.26 -31.18 -17.75
CA ASP C 459 -19.55 -31.71 -18.10
C ASP C 459 -19.36 -33.21 -18.23
N PRO C 460 -20.13 -34.01 -17.49
CA PRO C 460 -19.89 -35.45 -17.58
C PRO C 460 -20.19 -36.02 -18.97
N GLU C 461 -20.95 -35.30 -19.81
CA GLU C 461 -21.01 -35.58 -21.28
C GLU C 461 -20.04 -34.69 -22.10
N SER D 27 -17.52 20.19 -5.88
CA SER D 27 -17.16 18.76 -6.01
C SER D 27 -15.65 18.61 -5.91
N ARG D 28 -15.16 17.38 -6.10
CA ARG D 28 -13.74 17.11 -6.15
C ARG D 28 -13.06 17.87 -7.31
N GLN D 29 -13.85 18.22 -8.36
CA GLN D 29 -13.29 18.90 -9.52
C GLN D 29 -13.59 20.36 -9.43
N SER D 30 -12.60 21.13 -8.95
CA SER D 30 -12.75 22.54 -8.72
C SER D 30 -11.57 23.36 -9.28
N SER D 31 -11.58 24.67 -9.00
N SER D 31 -11.59 24.68 -9.03
CA SER D 31 -10.63 25.62 -9.57
CA SER D 31 -10.58 25.61 -9.55
C SER D 31 -10.80 26.96 -8.83
C SER D 31 -10.80 26.94 -8.87
N PRO D 32 -9.72 27.75 -8.75
CA PRO D 32 -9.86 29.02 -8.07
C PRO D 32 -10.74 29.99 -8.84
N GLN D 33 -11.32 30.96 -8.13
CA GLN D 33 -12.24 32.00 -8.63
C GLN D 33 -11.95 32.43 -10.07
N SER D 34 -10.80 33.09 -10.31
CA SER D 34 -10.29 33.36 -11.67
C SER D 34 -8.78 33.10 -11.76
N GLY D 40 1.45 29.73 -21.50
CA GLY D 40 0.62 30.92 -21.65
C GLY D 40 -0.06 31.28 -20.35
N ILE D 41 -1.20 31.99 -20.44
CA ILE D 41 -1.88 32.48 -19.22
C ILE D 41 -2.47 31.30 -18.41
N GLY D 42 -2.44 31.50 -17.10
CA GLY D 42 -2.75 30.50 -16.10
C GLY D 42 -2.70 31.11 -14.71
N GLU D 43 -3.37 30.44 -13.79
CA GLU D 43 -3.51 30.98 -12.43
C GLU D 43 -2.19 31.07 -11.66
N CYS D 44 -1.20 30.29 -12.07
CA CYS D 44 0.08 30.29 -11.46
C CYS D 44 1.19 30.84 -12.38
N ASP D 45 0.82 31.49 -13.46
CA ASP D 45 1.79 32.22 -14.29
C ASP D 45 1.93 33.61 -13.71
N LEU D 46 2.72 33.70 -12.66
CA LEU D 46 2.98 34.89 -11.90
C LEU D 46 4.26 35.59 -12.36
N GLN D 47 4.05 36.82 -12.86
CA GLN D 47 5.18 37.74 -13.23
C GLN D 47 5.76 38.40 -11.99
N ARG D 48 4.95 38.48 -10.92
CA ARG D 48 5.47 38.98 -9.65
C ARG D 48 4.95 38.24 -8.41
N VAL D 49 5.76 38.22 -7.37
CA VAL D 49 5.29 37.84 -6.02
C VAL D 49 5.77 38.90 -5.05
N ASN D 50 5.06 39.04 -3.97
CA ASN D 50 5.33 40.05 -2.95
C ASN D 50 5.17 39.36 -1.59
N PRO D 51 5.98 39.70 -0.60
CA PRO D 51 5.63 39.47 0.83
C PRO D 51 4.32 40.17 1.16
N LEU D 52 3.47 39.48 1.94
CA LEU D 52 2.14 39.92 2.18
C LEU D 52 1.82 39.97 3.64
N GLU D 53 0.95 40.94 3.98
CA GLU D 53 0.49 41.08 5.35
C GLU D 53 -1.01 40.96 5.33
N PRO D 54 -1.66 40.75 6.52
CA PRO D 54 -3.06 40.54 6.52
C PRO D 54 -3.81 41.75 6.00
N ALA D 55 -4.99 41.50 5.45
CA ALA D 55 -5.75 42.53 4.78
C ALA D 55 -6.97 42.95 5.62
N HIS D 56 -7.25 42.24 6.72
CA HIS D 56 -8.50 42.42 7.45
C HIS D 56 -8.30 41.94 8.87
N ARG D 57 -8.90 42.64 9.83
CA ARG D 57 -8.78 42.26 11.23
C ARG D 57 -10.15 42.15 11.85
N ILE D 58 -10.42 41.07 12.59
CA ILE D 58 -11.77 40.85 13.21
C ILE D 58 -11.53 40.81 14.69
N GLN D 59 -12.16 41.72 15.45
CA GLN D 59 -11.94 41.77 16.89
C GLN D 59 -12.97 40.90 17.62
N HIS D 60 -12.50 40.25 18.69
CA HIS D 60 -13.30 39.41 19.57
C HIS D 60 -13.15 39.96 20.98
N GLU D 61 -13.92 39.46 21.95
CA GLU D 61 -13.68 39.84 23.38
C GLU D 61 -12.28 39.60 23.83
N ALA D 62 -11.77 38.42 23.53
CA ALA D 62 -10.56 37.91 24.09
C ALA D 62 -9.42 37.69 23.02
N GLY D 63 -9.45 38.44 21.97
CA GLY D 63 -8.35 38.39 20.97
C GLY D 63 -8.82 38.95 19.65
N TYR D 64 -8.07 38.69 18.58
CA TYR D 64 -8.53 39.08 17.28
C TYR D 64 -7.97 38.12 16.24
N SER D 65 -8.54 38.15 15.06
CA SER D 65 -8.11 37.30 13.94
C SER D 65 -7.75 38.17 12.73
N GLU D 66 -6.62 37.92 12.14
CA GLU D 66 -6.16 38.66 10.99
C GLU D 66 -6.15 37.71 9.80
N ILE D 67 -6.73 38.14 8.70
CA ILE D 67 -6.99 37.30 7.54
C ILE D 67 -6.21 37.87 6.34
N TRP D 68 -5.50 37.01 5.61
CA TRP D 68 -4.77 37.45 4.42
C TRP D 68 -5.75 37.45 3.31
N ASP D 69 -5.61 38.35 2.35
CA ASP D 69 -6.55 38.49 1.28
C ASP D 69 -6.59 37.20 0.43
N PRO D 70 -7.75 36.50 0.42
CA PRO D 70 -7.83 35.24 -0.27
C PRO D 70 -7.84 35.37 -1.77
N THR D 71 -8.12 36.59 -2.26
CA THR D 71 -8.10 36.88 -3.71
C THR D 71 -6.74 37.28 -4.24
N SER D 72 -5.73 37.38 -3.39
CA SER D 72 -4.43 37.67 -3.89
C SER D 72 -3.98 36.56 -4.89
N ARG D 73 -3.30 36.98 -5.96
CA ARG D 73 -2.90 36.06 -7.01
C ARG D 73 -2.01 34.91 -6.45
N GLU D 74 -1.05 35.29 -5.61
CA GLU D 74 -0.18 34.38 -4.83
C GLU D 74 -1.01 33.31 -4.06
N LEU D 75 -1.97 33.71 -3.26
CA LEU D 75 -2.77 32.76 -2.48
C LEU D 75 -3.66 31.90 -3.35
N GLN D 76 -4.19 32.43 -4.45
CA GLN D 76 -5.06 31.66 -5.31
C GLN D 76 -4.23 30.64 -6.09
N CYS D 77 -3.03 31.03 -6.48
CA CYS D 77 -2.09 30.08 -7.14
C CYS D 77 -1.71 28.92 -6.16
N ALA D 78 -1.34 29.29 -4.93
CA ALA D 78 -0.91 28.28 -4.00
C ALA D 78 -2.07 27.38 -3.45
N GLY D 79 -3.29 27.81 -3.64
CA GLY D 79 -4.48 27.09 -3.18
C GLY D 79 -4.60 27.14 -1.66
N ILE D 80 -4.16 28.25 -1.06
CA ILE D 80 -4.24 28.40 0.42
C ILE D 80 -4.93 29.64 0.91
N ASP D 81 -5.47 29.54 2.13
CA ASP D 81 -5.80 30.70 3.01
C ASP D 81 -4.82 30.78 4.21
N ALA D 82 -4.59 31.97 4.71
CA ALA D 82 -3.74 32.19 5.85
C ALA D 82 -4.47 33.14 6.83
N THR D 83 -4.37 32.81 8.11
CA THR D 83 -5.01 33.54 9.17
C THR D 83 -4.05 33.60 10.30
N ARG D 84 -3.96 34.72 11.02
CA ARG D 84 -3.22 34.76 12.25
C ARG D 84 -4.17 35.05 13.38
N HIS D 85 -4.33 34.13 14.31
CA HIS D 85 -5.25 34.35 15.44
C HIS D 85 -4.38 34.77 16.63
N VAL D 86 -4.77 35.85 17.35
CA VAL D 86 -4.07 36.28 18.53
C VAL D 86 -5.07 36.11 19.69
N ILE D 87 -4.71 35.31 20.68
CA ILE D 87 -5.62 34.99 21.74
C ILE D 87 -5.02 35.55 23.00
N GLU D 88 -5.77 36.40 23.69
CA GLU D 88 -5.30 36.96 24.92
C GLU D 88 -5.36 35.99 26.07
N ASN D 89 -4.66 36.37 27.14
CA ASN D 89 -4.74 35.61 28.41
C ASN D 89 -6.16 35.24 28.85
N ARG D 90 -6.34 33.99 29.20
CA ARG D 90 -7.62 33.37 29.56
C ARG D 90 -8.66 33.47 28.43
N GLY D 91 -8.19 33.57 27.20
CA GLY D 91 -9.12 33.56 26.03
C GLY D 91 -9.34 32.13 25.52
N LEU D 92 -10.57 31.83 25.12
CA LEU D 92 -11.05 30.56 24.67
C LEU D 92 -11.55 30.83 23.26
N PHE D 93 -10.93 30.16 22.28
CA PHE D 93 -11.30 30.29 20.86
C PHE D 93 -12.37 29.20 20.67
N VAL D 94 -13.56 29.67 20.31
CA VAL D 94 -14.78 28.86 20.19
C VAL D 94 -14.51 27.67 19.26
N PRO D 95 -15.02 26.48 19.59
CA PRO D 95 -14.70 25.35 18.68
C PRO D 95 -15.30 25.54 17.23
N SER D 96 -14.53 25.13 16.22
CA SER D 96 -14.92 25.23 14.88
C SER D 96 -14.37 24.12 14.07
N TYR D 97 -14.92 24.01 12.85
CA TYR D 97 -14.42 23.01 11.88
C TYR D 97 -14.43 23.66 10.53
N ASN D 98 -13.58 23.18 9.64
CA ASN D 98 -13.34 23.77 8.35
C ASN D 98 -13.44 22.70 7.26
N ASN D 99 -13.56 23.18 6.03
CA ASN D 99 -13.60 22.28 4.85
C ASN D 99 -12.23 21.93 4.28
N ALA D 100 -11.15 22.47 4.86
CA ALA D 100 -9.80 22.23 4.44
C ALA D 100 -8.95 21.85 5.60
N PRO D 101 -7.96 20.98 5.36
CA PRO D 101 -6.95 20.64 6.32
C PRO D 101 -6.06 21.84 6.53
N MET D 102 -5.36 21.84 7.64
CA MET D 102 -4.49 22.96 7.97
C MET D 102 -3.28 22.52 8.73
N LEU D 103 -2.24 23.34 8.56
CA LEU D 103 -1.13 23.40 9.53
C LEU D 103 -1.25 24.70 10.36
N ILE D 104 -1.08 24.56 11.66
CA ILE D 104 -1.07 25.69 12.62
C ILE D 104 0.34 25.75 13.20
N ILE D 105 0.97 26.90 13.04
CA ILE D 105 2.26 27.20 13.67
CA ILE D 105 2.26 27.19 13.65
C ILE D 105 2.02 27.99 14.94
N VAL D 106 2.54 27.53 16.06
CA VAL D 106 2.41 28.28 17.29
C VAL D 106 3.62 29.26 17.27
N VAL D 107 3.35 30.47 16.92
CA VAL D 107 4.37 31.52 16.81
C VAL D 107 4.87 31.94 18.18
N GLN D 108 3.96 32.00 19.15
CA GLN D 108 4.27 32.61 20.44
C GLN D 108 3.28 32.04 21.45
N GLY D 109 3.76 31.79 22.64
CA GLY D 109 2.89 31.54 23.75
C GLY D 109 2.71 30.08 23.99
N HIS D 110 1.85 29.76 24.91
CA HIS D 110 1.45 28.37 25.12
C HIS D 110 0.05 28.20 25.67
N GLY D 111 -0.50 27.02 25.42
CA GLY D 111 -1.88 26.77 25.80
C GLY D 111 -2.32 25.37 25.59
N ILE D 112 -3.61 25.24 25.32
CA ILE D 112 -4.27 23.96 25.18
C ILE D 112 -5.06 23.96 23.90
N LEU D 113 -4.92 22.88 23.15
CA LEU D 113 -5.68 22.71 21.94
C LEU D 113 -6.50 21.41 22.10
N GLY D 114 -7.74 21.51 21.68
CA GLY D 114 -8.60 20.35 21.56
C GLY D 114 -8.81 20.02 20.11
N ALA D 115 -8.96 18.72 19.83
CA ALA D 115 -9.33 18.24 18.48
C ALA D 115 -10.19 17.01 18.72
N VAL D 116 -11.34 16.90 18.06
CA VAL D 116 -12.24 15.81 18.33
C VAL D 116 -12.20 14.79 17.20
N PHE D 117 -11.97 13.51 17.55
CA PHE D 117 -12.12 12.46 16.59
C PHE D 117 -13.47 11.76 16.76
N PRO D 118 -14.34 11.85 15.78
CA PRO D 118 -15.70 11.33 15.96
C PRO D 118 -15.72 9.82 16.06
N GLY D 119 -16.41 9.32 17.07
CA GLY D 119 -16.47 7.90 17.24
C GLY D 119 -15.40 7.42 18.17
N CYS D 120 -14.47 8.26 18.60
CA CYS D 120 -13.52 7.86 19.63
C CYS D 120 -14.09 8.15 21.01
N PRO D 121 -13.80 7.28 21.97
CA PRO D 121 -14.27 7.50 23.33
C PRO D 121 -13.55 8.62 24.07
N GLU D 122 -14.19 9.19 25.09
CA GLU D 122 -13.58 10.17 25.97
C GLU D 122 -12.67 9.52 27.00
N THR D 123 -11.35 9.67 26.81
CA THR D 123 -10.37 8.94 27.62
C THR D 123 -9.63 9.87 28.62
N PHE D 124 -10.05 11.15 28.74
CA PHE D 124 -9.54 12.06 29.83
C PHE D 124 -10.73 12.16 30.81
N GLN D 125 -10.62 11.57 32.01
CA GLN D 125 -11.75 11.21 32.81
C GLN D 125 -11.55 11.62 34.23
N SER D 126 -12.53 12.34 34.78
CA SER D 126 -12.56 12.56 36.23
C SER D 126 -13.95 12.25 36.76
N PHE D 127 -13.99 11.43 37.80
CA PHE D 127 -15.24 10.95 38.36
C PHE D 127 -15.48 11.60 39.72
N HIS D 128 -14.70 12.62 40.07
CA HIS D 128 -14.91 13.43 41.30
C HIS D 128 -14.99 14.92 40.94
N PRO D 129 -15.62 15.76 41.79
CA PRO D 129 -16.47 15.34 42.95
C PRO D 129 -17.82 14.73 42.51
N THR D 130 -18.60 14.14 43.44
CA THR D 130 -19.97 13.65 43.13
C THR D 130 -21.01 14.03 44.19
N THR D 143 -16.41 22.41 37.32
CA THR D 143 -16.82 21.17 36.81
C THR D 143 -15.62 20.28 36.71
N PHE D 144 -15.06 19.94 37.88
CA PHE D 144 -14.03 18.90 38.03
C PHE D 144 -14.53 17.50 37.55
N ARG D 145 -15.81 17.17 37.69
CA ARG D 145 -16.33 15.89 37.17
C ARG D 145 -16.70 16.07 35.70
N ASP D 146 -15.92 15.43 34.82
CA ASP D 146 -16.15 15.49 33.39
C ASP D 146 -15.36 14.33 32.74
N GLN D 147 -15.74 13.99 31.52
CA GLN D 147 -15.01 13.16 30.62
C GLN D 147 -14.95 13.85 29.25
N HIS D 148 -13.74 13.94 28.67
CA HIS D 148 -13.62 14.56 27.35
C HIS D 148 -12.47 13.89 26.60
N GLN D 149 -12.32 14.20 25.35
CA GLN D 149 -11.17 13.63 24.62
C GLN D 149 -9.87 14.30 25.04
N LYS D 150 -8.80 13.64 24.67
CA LYS D 150 -7.48 14.15 24.94
C LYS D 150 -7.32 15.59 24.54
N VAL D 151 -6.62 16.34 25.34
CA VAL D 151 -6.30 17.70 25.04
C VAL D 151 -4.78 17.74 24.94
N HIS D 152 -4.32 18.70 24.15
CA HIS D 152 -2.94 18.80 23.71
C HIS D 152 -2.40 20.11 24.28
N PHE D 153 -1.21 19.99 24.84
CA PHE D 153 -0.48 21.09 25.38
C PHE D 153 0.41 21.63 24.32
N ILE D 154 0.08 22.83 23.87
CA ILE D 154 0.80 23.46 22.73
C ILE D 154 1.72 24.58 23.20
N ARG D 155 2.80 24.76 22.47
N ARG D 155 2.80 24.77 22.46
CA ARG D 155 3.78 25.80 22.85
CA ARG D 155 3.82 25.76 22.83
C ARG D 155 4.53 26.30 21.61
C ARG D 155 4.51 26.30 21.60
N GLN D 156 5.19 27.44 21.76
CA GLN D 156 5.90 28.07 20.70
C GLN D 156 6.81 27.06 19.98
N GLY D 157 6.68 27.04 18.66
CA GLY D 157 7.46 26.12 17.82
C GLY D 157 6.68 24.91 17.35
N ASP D 158 5.50 24.66 17.96
CA ASP D 158 4.72 23.53 17.56
C ASP D 158 4.08 23.77 16.21
N VAL D 159 4.05 22.71 15.42
CA VAL D 159 3.32 22.67 14.18
C VAL D 159 2.29 21.57 14.38
N ILE D 160 1.02 21.95 14.27
CA ILE D 160 -0.11 21.10 14.51
C ILE D 160 -0.78 20.88 13.15
N ALA D 161 -1.13 19.62 12.89
CA ALA D 161 -1.82 19.23 11.63
C ALA D 161 -3.20 18.69 11.92
N LEU D 162 -4.24 19.25 11.25
CA LEU D 162 -5.62 18.88 11.45
C LEU D 162 -6.30 18.62 10.10
N PRO D 163 -6.98 17.48 10.00
CA PRO D 163 -7.78 17.27 8.80
C PRO D 163 -8.93 18.21 8.68
N ALA D 164 -9.51 18.22 7.49
CA ALA D 164 -10.77 18.91 7.26
C ALA D 164 -11.89 18.23 8.07
N GLY D 165 -12.85 19.03 8.51
CA GLY D 165 -14.04 18.46 9.12
C GLY D 165 -13.96 18.20 10.60
N ILE D 166 -12.79 18.36 11.19
CA ILE D 166 -12.50 18.01 12.62
C ILE D 166 -12.72 19.24 13.47
N VAL D 167 -13.52 19.12 14.51
CA VAL D 167 -13.72 20.21 15.45
C VAL D 167 -12.44 20.43 16.29
N HIS D 168 -12.08 21.68 16.43
CA HIS D 168 -10.89 22.05 17.22
C HIS D 168 -11.14 23.32 17.96
N TRP D 169 -10.41 23.49 19.03
CA TRP D 169 -10.55 24.67 19.82
C TRP D 169 -9.24 24.94 20.55
N ALA D 170 -9.08 26.14 21.07
CA ALA D 170 -7.79 26.51 21.76
C ALA D 170 -8.03 27.45 22.93
N TYR D 171 -7.17 27.38 23.92
CA TYR D 171 -7.32 28.22 25.13
C TYR D 171 -5.92 28.70 25.55
N ASN D 172 -5.79 29.98 25.91
CA ASN D 172 -4.50 30.54 26.30
C ASN D 172 -4.36 30.55 27.82
N GLU D 173 -3.44 29.73 28.33
CA GLU D 173 -3.09 29.56 29.75
C GLU D 173 -2.24 30.68 30.32
N ALA D 174 -1.47 31.31 29.46
CA ALA D 174 -0.39 32.17 29.86
C ALA D 174 -0.72 33.65 29.86
N THR D 175 0.23 34.44 30.38
CA THR D 175 0.05 35.88 30.41
C THR D 175 0.26 36.51 29.05
N GLU D 176 1.27 36.06 28.32
CA GLU D 176 1.52 36.54 26.97
C GLU D 176 0.51 35.95 26.01
N LYS D 177 0.24 36.74 24.97
CA LYS D 177 -0.67 36.33 23.91
C LYS D 177 -0.20 35.00 23.24
N LEU D 178 -1.20 34.16 22.89
CA LEU D 178 -0.98 32.97 22.15
C LEU D 178 -1.23 33.32 20.69
N VAL D 179 -0.29 33.01 19.81
CA VAL D 179 -0.39 33.54 18.46
C VAL D 179 -0.30 32.34 17.56
N LEU D 180 -1.35 32.07 16.79
CA LEU D 180 -1.42 30.92 15.92
C LEU D 180 -1.46 31.39 14.50
N LEU D 181 -0.56 30.88 13.66
CA LEU D 181 -0.60 31.16 12.22
C LEU D 181 -1.15 29.93 11.55
N VAL D 182 -2.31 30.05 10.94
CA VAL D 182 -3.01 28.91 10.35
C VAL D 182 -2.97 28.97 8.84
N ILE D 183 -2.42 27.95 8.22
CA ILE D 183 -2.41 27.77 6.78
C ILE D 183 -3.43 26.69 6.39
N HIS D 184 -4.50 27.06 5.68
CA HIS D 184 -5.52 26.07 5.23
C HIS D 184 -5.18 25.75 3.81
N ASP D 185 -5.18 24.46 3.52
CA ASP D 185 -4.87 23.98 2.18
C ASP D 185 -6.20 23.74 1.39
N LEU D 186 -6.68 24.77 0.67
CA LEU D 186 -7.95 24.71 0.05
C LEU D 186 -7.95 23.72 -1.11
N SER D 187 -6.86 23.54 -1.81
CA SER D 187 -6.87 22.70 -3.00
C SER D 187 -6.77 21.21 -2.63
N ASN D 188 -6.62 20.91 -1.36
CA ASN D 188 -6.48 19.56 -0.92
C ASN D 188 -7.68 18.68 -1.31
N ARG D 189 -7.37 17.43 -1.58
CA ARG D 189 -8.44 16.45 -1.91
C ARG D 189 -9.50 16.36 -0.83
N GLU D 190 -9.19 16.67 0.43
CA GLU D 190 -10.19 16.65 1.49
C GLU D 190 -11.30 17.69 1.31
N ASN D 191 -11.07 18.76 0.55
CA ASN D 191 -12.07 19.75 0.27
C ASN D 191 -12.82 19.47 -0.97
N GLN D 192 -14.02 18.91 -0.83
CA GLN D 192 -14.88 18.62 -1.95
C GLN D 192 -15.89 19.69 -2.32
N LEU D 193 -15.80 20.81 -1.65
CA LEU D 193 -16.74 21.90 -1.87
C LEU D 193 -16.29 22.79 -3.02
N ASP D 194 -15.53 23.81 -2.74
CA ASP D 194 -15.01 24.63 -3.80
C ASP D 194 -13.88 25.41 -3.14
N GLN D 195 -13.21 26.29 -3.91
CA GLN D 195 -11.88 26.81 -3.50
C GLN D 195 -12.04 28.09 -2.63
N ASN D 196 -12.77 27.93 -1.55
CA ASN D 196 -13.08 28.96 -0.56
C ASN D 196 -13.16 28.31 0.80
N LEU D 197 -12.62 28.99 1.81
CA LEU D 197 -12.68 28.48 3.21
C LEU D 197 -14.05 28.75 3.89
N ARG D 198 -14.57 27.74 4.56
CA ARG D 198 -15.65 27.81 5.52
C ARG D 198 -15.14 27.63 6.92
N ARG D 199 -15.65 28.45 7.86
CA ARG D 199 -15.34 28.33 9.30
C ARG D 199 -16.62 28.19 10.02
N TYR D 200 -16.98 26.93 10.40
CA TYR D 200 -18.21 26.64 11.00
C TYR D 200 -17.99 26.51 12.50
N PHE D 201 -18.54 27.44 13.25
CA PHE D 201 -18.35 27.48 14.70
C PHE D 201 -19.48 26.85 15.49
N LEU D 202 -19.14 26.22 16.62
CA LEU D 202 -20.10 25.65 17.50
C LEU D 202 -20.25 26.69 18.61
N GLY D 203 -21.03 27.74 18.30
CA GLY D 203 -21.16 28.92 19.15
C GLY D 203 -20.57 30.15 18.49
N GLY D 204 -20.56 31.26 19.25
CA GLY D 204 -20.15 32.52 18.74
C GLY D 204 -21.22 33.32 18.02
N ASN D 205 -20.90 34.57 17.77
CA ASN D 205 -21.84 35.50 17.15
C ASN D 205 -21.03 36.79 16.97
N GLN D 206 -21.30 37.57 15.94
CA GLN D 206 -20.47 38.81 15.71
C GLN D 206 -20.16 39.67 16.99
N LYS D 207 -18.95 40.24 17.04
CA LYS D 207 -18.56 41.21 18.10
C LYS D 207 -18.68 42.66 17.58
N ASN D 219 -15.76 38.14 1.07
CA ASN D 219 -16.95 37.56 1.73
C ASN D 219 -16.69 36.25 2.54
N LEU D 220 -16.68 36.34 3.86
CA LEU D 220 -16.30 35.19 4.71
C LEU D 220 -17.46 34.28 5.02
N LEU D 221 -17.22 32.98 4.88
CA LEU D 221 -18.18 31.93 5.24
C LEU D 221 -17.81 31.56 6.68
N TRP D 222 -18.27 32.40 7.62
CA TRP D 222 -17.88 32.30 9.03
C TRP D 222 -19.17 32.40 9.81
N ASN D 223 -19.61 31.35 10.50
CA ASN D 223 -20.98 31.23 11.00
C ASN D 223 -21.03 30.33 12.23
N ASN D 224 -21.89 30.63 13.18
CA ASN D 224 -22.31 29.72 14.26
C ASN D 224 -23.32 28.78 13.66
N VAL D 225 -22.97 27.48 13.57
CA VAL D 225 -23.81 26.45 12.86
C VAL D 225 -25.16 26.24 13.50
N PHE D 226 -25.33 26.67 14.77
CA PHE D 226 -26.62 26.48 15.43
C PHE D 226 -27.62 27.56 14.98
N GLN D 227 -27.13 28.71 14.49
CA GLN D 227 -28.05 29.81 14.18
C GLN D 227 -29.08 29.49 13.12
N PRO D 228 -28.66 28.79 12.03
CA PRO D 228 -29.67 28.54 10.99
C PRO D 228 -30.62 27.41 11.32
N LEU D 229 -30.59 26.84 12.52
CA LEU D 229 -31.42 25.65 12.85
C LEU D 229 -32.62 26.10 13.67
N ASP D 230 -33.72 25.39 13.52
CA ASP D 230 -34.93 25.64 14.29
C ASP D 230 -34.71 25.16 15.74
N PRO D 231 -34.92 26.05 16.73
CA PRO D 231 -34.56 25.65 18.10
C PRO D 231 -35.40 24.55 18.66
N GLN D 232 -36.67 24.48 18.29
CA GLN D 232 -37.60 23.42 18.75
C GLN D 232 -37.14 22.05 18.19
N PHE D 233 -36.78 22.08 16.91
CA PHE D 233 -36.40 20.87 16.21
C PHE D 233 -35.05 20.39 16.76
N LEU D 234 -34.07 21.31 16.83
CA LEU D 234 -32.78 20.96 17.44
C LEU D 234 -32.91 20.59 18.93
N GLY D 235 -33.76 21.28 19.66
CA GLY D 235 -34.01 20.88 21.03
C GLY D 235 -34.59 19.47 21.21
N ARG D 236 -35.56 19.12 20.38
CA ARG D 236 -36.18 17.80 20.39
C ARG D 236 -35.11 16.74 20.11
N ALA D 237 -34.28 17.00 19.09
CA ALA D 237 -33.19 16.03 18.79
C ALA D 237 -32.18 15.90 19.97
N SER D 238 -31.78 17.04 20.55
CA SER D 238 -30.79 17.05 21.62
C SER D 238 -31.34 16.66 22.97
N GLY D 239 -32.68 16.57 23.13
CA GLY D 239 -33.30 16.27 24.41
C GLY D 239 -33.18 17.39 25.43
N VAL D 240 -33.02 18.63 24.97
CA VAL D 240 -32.89 19.75 25.88
C VAL D 240 -33.99 20.75 25.58
N ASN D 241 -34.33 21.57 26.60
CA ASN D 241 -35.25 22.65 26.39
C ASN D 241 -34.84 23.73 25.36
N SER D 242 -35.78 24.33 24.68
CA SER D 242 -35.38 25.22 23.58
C SER D 242 -34.62 26.50 24.07
N GLU D 243 -34.79 26.91 25.34
CA GLU D 243 -33.97 27.91 26.00
C GLU D 243 -32.43 27.57 25.99
N ILE D 244 -32.06 26.32 26.30
CA ILE D 244 -30.68 25.90 26.07
C ILE D 244 -30.32 26.11 24.61
N ILE D 245 -31.20 25.73 23.66
CA ILE D 245 -30.78 25.87 22.26
C ILE D 245 -30.62 27.33 21.87
N LYS D 246 -31.44 28.20 22.41
CA LYS D 246 -31.21 29.63 22.14
C LYS D 246 -29.88 30.19 22.69
N LYS D 247 -29.36 29.65 23.81
CA LYS D 247 -28.02 29.93 24.29
C LYS D 247 -27.01 29.44 23.25
N LEU D 248 -27.23 28.25 22.69
CA LEU D 248 -26.35 27.76 21.61
C LEU D 248 -26.25 28.75 20.44
N GLN D 249 -27.39 29.31 20.07
CA GLN D 249 -27.51 30.21 18.97
C GLN D 249 -26.89 31.58 19.25
N SER D 250 -26.80 31.96 20.52
CA SER D 250 -25.97 33.10 20.93
C SER D 250 -26.35 34.42 20.28
N GLU D 251 -27.62 34.60 19.99
CA GLU D 251 -27.99 35.70 19.11
C GLU D 251 -27.98 37.07 19.86
N ASN D 252 -27.93 37.05 21.21
CA ASN D 252 -27.69 38.28 21.98
C ASN D 252 -26.35 38.27 22.75
N ASP D 253 -25.37 37.55 22.20
CA ASP D 253 -23.98 37.47 22.72
C ASP D 253 -23.12 38.31 21.80
N PHE D 254 -22.36 39.24 22.33
CA PHE D 254 -21.54 40.06 21.47
C PHE D 254 -20.03 39.93 21.72
N ARG D 255 -19.62 38.78 22.26
CA ARG D 255 -18.21 38.52 22.57
C ARG D 255 -17.44 38.00 21.36
N GLY D 256 -18.13 37.68 20.29
CA GLY D 256 -17.31 37.21 19.12
C GLY D 256 -16.91 35.78 19.30
N TYR D 257 -15.75 35.42 18.72
CA TYR D 257 -15.37 33.99 18.64
C TYR D 257 -14.24 33.63 19.51
N MET D 258 -13.79 34.57 20.34
CA MET D 258 -12.83 34.28 21.41
C MET D 258 -13.34 34.94 22.71
N VAL D 259 -13.62 34.13 23.71
CA VAL D 259 -14.30 34.60 24.92
C VAL D 259 -13.36 34.53 26.14
N ARG D 260 -13.52 35.49 27.04
CA ARG D 260 -12.76 35.49 28.27
C ARG D 260 -13.32 34.51 29.30
N VAL D 261 -12.45 33.70 29.87
CA VAL D 261 -12.83 32.72 30.88
C VAL D 261 -12.29 33.32 32.16
N ARG D 262 -13.20 33.85 32.96
CA ARG D 262 -12.75 34.68 34.11
C ARG D 262 -11.71 34.09 35.07
N ASP D 263 -11.97 32.91 35.61
CA ASP D 263 -11.09 32.33 36.67
C ASP D 263 -10.49 31.03 36.20
N GLY D 264 -10.28 30.94 34.89
CA GLY D 264 -9.58 29.80 34.30
C GLY D 264 -10.54 28.71 33.87
N LEU D 265 -10.20 28.04 32.77
CA LEU D 265 -10.89 26.90 32.28
C LEU D 265 -10.68 25.68 33.13
N ARG D 266 -11.74 24.97 33.49
CA ARG D 266 -11.65 23.73 34.26
C ARG D 266 -11.65 22.53 33.29
N LEU D 267 -10.53 21.87 33.15
CA LEU D 267 -10.34 20.71 32.24
C LEU D 267 -9.88 19.54 33.03
N VAL D 268 -10.05 18.33 32.52
CA VAL D 268 -9.50 17.12 33.06
C VAL D 268 -8.19 16.94 32.39
N ARG D 269 -7.12 17.04 33.17
CA ARG D 269 -5.79 17.00 32.59
C ARG D 269 -4.82 16.37 33.59
N PRO D 270 -3.85 15.59 33.11
CA PRO D 270 -2.85 14.98 33.99
C PRO D 270 -1.99 16.00 34.73
N SER D 271 -1.43 15.61 35.87
CA SER D 271 -0.71 16.57 36.75
C SER D 271 0.46 15.93 37.54
N SER D 272 0.34 15.82 38.87
CA SER D 272 1.45 15.36 39.74
C SER D 272 1.73 13.87 39.58
N GLU D 273 2.78 13.50 38.83
CA GLU D 273 3.22 12.11 38.72
C GLU D 273 4.42 11.77 39.62
N GLY D 285 -7.78 -1.56 22.66
CA GLY D 285 -8.58 -1.57 21.40
C GLY D 285 -8.18 -0.36 20.60
N TYR D 286 -9.05 0.11 19.71
CA TYR D 286 -8.72 1.24 18.82
C TYR D 286 -8.55 2.56 19.54
N GLU D 287 -9.12 2.67 20.75
CA GLU D 287 -8.83 3.85 21.54
C GLU D 287 -7.32 4.06 21.76
N GLU D 288 -6.51 2.97 21.73
CA GLU D 288 -5.01 3.06 21.97
C GLU D 288 -4.24 3.31 20.69
N THR D 289 -4.93 3.25 19.55
CA THR D 289 -4.18 3.29 18.26
C THR D 289 -4.70 4.45 17.41
N LEU D 290 -5.76 4.25 16.64
CA LEU D 290 -6.17 5.33 15.76
C LEU D 290 -6.76 6.53 16.45
N CYS D 291 -7.25 6.36 17.67
CA CYS D 291 -7.78 7.52 18.40
C CYS D 291 -6.60 8.35 19.05
N THR D 292 -5.39 7.84 18.97
CA THR D 292 -4.20 8.45 19.58
C THR D 292 -3.30 9.19 18.71
N VAL D 293 -3.65 9.26 17.44
CA VAL D 293 -2.76 9.80 16.35
C VAL D 293 -2.11 11.10 16.77
N ARG D 294 -0.78 11.21 16.64
CA ARG D 294 -0.10 12.41 17.05
C ARG D 294 -0.46 13.52 16.05
N ILE D 295 -0.75 14.72 16.56
CA ILE D 295 -1.16 15.83 15.75
C ILE D 295 -0.09 16.95 15.62
N LYS D 296 1.00 16.88 16.34
CA LYS D 296 1.92 17.98 16.30
C LYS D 296 3.35 17.58 16.63
N GLU D 297 4.28 18.42 16.19
CA GLU D 297 5.67 18.27 16.51
C GLU D 297 6.27 19.65 16.69
N ASN D 298 7.19 19.78 17.62
CA ASN D 298 7.86 21.05 17.87
C ASN D 298 9.13 21.15 17.06
N LEU D 299 9.35 22.28 16.41
CA LEU D 299 10.49 22.47 15.56
C LEU D 299 11.50 23.43 16.15
N LEU D 300 11.26 23.98 17.34
CA LEU D 300 12.03 25.15 17.79
C LEU D 300 13.43 24.84 18.27
N ASN D 301 13.62 23.68 18.89
CA ASN D 301 14.92 23.38 19.45
C ASN D 301 16.02 23.20 18.37
N PRO D 302 17.17 23.93 18.52
CA PRO D 302 18.18 23.73 17.44
C PRO D 302 18.61 22.30 17.33
N GLU D 303 18.47 21.54 18.44
CA GLU D 303 18.80 20.11 18.49
C GLU D 303 17.89 19.25 17.62
N ARG D 304 16.74 19.73 17.24
CA ARG D 304 15.80 19.01 16.29
C ARG D 304 16.21 19.18 14.79
N ALA D 305 17.30 19.87 14.59
CA ALA D 305 17.74 20.20 13.28
C ALA D 305 18.09 18.94 12.48
N ASP D 306 17.75 18.96 11.23
CA ASP D 306 18.10 17.88 10.35
C ASP D 306 19.29 18.25 9.51
N ILE D 307 19.41 19.55 9.15
CA ILE D 307 20.58 20.05 8.48
C ILE D 307 21.17 21.15 9.36
N TYR D 308 22.47 21.14 9.53
CA TYR D 308 23.15 22.12 10.40
C TYR D 308 24.51 22.44 9.80
N THR D 309 24.75 23.73 9.56
CA THR D 309 26.11 24.21 9.16
C THR D 309 26.53 25.18 10.28
N SER D 310 27.59 24.85 10.99
CA SER D 310 28.22 25.77 11.96
C SER D 310 28.34 27.13 11.37
N ARG D 311 27.81 28.15 12.07
CA ARG D 311 27.91 29.59 11.65
C ARG D 311 26.94 30.01 10.57
N GLY D 312 26.10 29.07 10.16
CA GLY D 312 25.17 29.28 9.04
C GLY D 312 23.73 29.20 9.55
N GLY D 313 23.41 28.08 10.16
CA GLY D 313 22.09 27.88 10.67
C GLY D 313 21.59 26.43 10.55
N THR D 314 20.29 26.33 10.63
CA THR D 314 19.62 25.03 10.64
C THR D 314 18.39 24.97 9.76
N VAL D 315 18.11 23.75 9.32
CA VAL D 315 16.83 23.39 8.71
C VAL D 315 16.25 22.21 9.48
N SER D 316 15.00 22.33 9.93
CA SER D 316 14.36 21.27 10.73
C SER D 316 13.08 20.94 9.99
N THR D 317 13.00 19.73 9.44
CA THR D 317 11.96 19.41 8.48
C THR D 317 10.87 18.61 9.17
N LEU D 318 9.65 18.66 8.63
CA LEU D 318 8.52 17.95 9.24
C LEU D 318 7.69 17.38 8.14
N ASN D 319 7.86 16.06 7.93
CA ASN D 319 7.13 15.39 6.90
C ASN D 319 6.62 14.09 7.42
N SER D 320 6.02 13.29 6.53
CA SER D 320 5.40 12.07 6.98
C SER D 320 6.35 10.95 7.45
N TYR D 321 7.65 11.09 7.30
CA TYR D 321 8.58 10.22 8.02
C TYR D 321 8.82 10.62 9.46
N ASN D 322 8.26 11.75 9.84
CA ASN D 322 8.29 12.29 11.22
C ASN D 322 6.92 12.18 11.86
N LEU D 323 5.92 12.69 11.17
CA LEU D 323 4.56 12.88 11.76
C LEU D 323 3.59 12.16 10.85
N PRO D 324 3.11 10.96 11.24
CA PRO D 324 2.38 10.12 10.30
C PRO D 324 1.17 10.79 9.60
N ILE D 325 0.43 11.58 10.35
CA ILE D 325 -0.80 12.17 9.79
C ILE D 325 -0.56 13.03 8.53
N LEU D 326 0.67 13.52 8.39
CA LEU D 326 0.99 14.33 7.22
C LEU D 326 0.86 13.53 5.90
N ARG D 327 0.98 12.22 5.98
CA ARG D 327 0.82 11.41 4.74
C ARG D 327 -0.62 11.54 4.16
N LYS D 328 -1.59 11.41 5.04
CA LYS D 328 -3.02 11.56 4.74
C LYS D 328 -3.32 13.00 4.30
N LEU D 329 -2.70 13.94 4.97
CA LEU D 329 -2.93 15.40 4.65
C LEU D 329 -2.21 15.92 3.41
N GLN D 330 -1.15 15.26 2.97
CA GLN D 330 -0.35 15.76 1.85
C GLN D 330 0.25 17.11 2.10
N LEU D 331 0.77 17.30 3.32
CA LEU D 331 1.39 18.59 3.68
C LEU D 331 2.68 18.28 4.42
N SER D 332 3.60 19.23 4.34
CA SER D 332 4.77 19.16 5.21
C SER D 332 5.22 20.58 5.59
N ALA D 333 6.14 20.63 6.52
CA ALA D 333 6.57 21.94 7.00
C ALA D 333 8.06 21.91 7.29
N ASN D 334 8.64 23.08 7.50
CA ASN D 334 10.00 23.12 8.07
C ASN D 334 10.20 24.40 8.88
N ARG D 335 11.24 24.43 9.67
CA ARG D 335 11.73 25.70 10.26
C ARG D 335 13.17 25.94 9.80
N GLU D 336 13.46 27.13 9.28
CA GLU D 336 14.79 27.55 8.86
C GLU D 336 15.24 28.64 9.80
N TYR D 337 16.45 28.51 10.36
CA TYR D 337 17.05 29.57 11.18
C TYR D 337 18.42 29.88 10.53
N LEU D 338 18.61 31.13 10.17
CA LEU D 338 19.85 31.60 9.61
C LEU D 338 20.45 32.67 10.51
N TYR D 339 21.70 32.44 10.85
CA TYR D 339 22.58 33.48 11.40
C TYR D 339 22.76 34.64 10.46
N PRO D 340 23.11 35.80 11.01
CA PRO D 340 23.29 36.98 10.18
C PRO D 340 24.15 36.76 8.93
N ASN D 341 23.59 37.13 7.79
CA ASN D 341 24.22 37.06 6.43
C ASN D 341 24.35 35.63 5.91
N ALA D 342 23.91 34.62 6.67
CA ALA D 342 23.95 33.25 6.12
C ALA D 342 22.87 33.12 5.03
N MET D 343 23.06 32.11 4.17
CA MET D 343 22.10 31.82 3.09
C MET D 343 21.60 30.39 3.10
N ILE D 344 20.40 30.18 2.53
CA ILE D 344 20.00 28.87 2.05
C ILE D 344 20.41 28.83 0.54
N VAL D 345 20.95 27.70 0.13
CA VAL D 345 21.34 27.55 -1.29
C VAL D 345 20.17 27.88 -2.24
N PRO D 346 20.45 28.46 -3.42
CA PRO D 346 19.41 28.67 -4.38
C PRO D 346 18.89 27.31 -4.82
N GLU D 347 17.63 27.27 -5.12
CA GLU D 347 16.96 26.03 -5.30
C GLU D 347 15.59 26.27 -5.88
N TRP D 348 14.87 25.17 -6.14
CA TRP D 348 13.45 25.21 -6.35
C TRP D 348 12.79 24.03 -5.64
N ASN D 349 11.50 24.23 -5.41
CA ASN D 349 10.61 23.19 -4.89
C ASN D 349 10.15 22.34 -6.08
N ASN D 350 10.43 21.04 -6.02
CA ASN D 350 10.26 20.23 -7.16
C ASN D 350 8.84 19.68 -7.18
N ASN D 351 8.14 19.64 -6.02
CA ASN D 351 6.82 18.94 -5.93
C ASN D 351 5.76 19.59 -5.04
N ALA D 352 5.88 20.89 -4.84
CA ALA D 352 4.96 21.59 -3.92
C ALA D 352 5.15 23.09 -4.07
N HIS D 353 4.14 23.83 -3.65
CA HIS D 353 4.34 25.23 -3.32
C HIS D 353 4.86 25.41 -1.93
N SER D 354 5.54 26.54 -1.68
CA SER D 354 6.04 26.90 -0.39
C SER D 354 5.35 28.17 0.11
N ILE D 355 4.98 28.21 1.40
CA ILE D 355 4.23 29.29 2.03
C ILE D 355 5.03 29.50 3.32
N SER D 356 5.85 30.57 3.30
CA SER D 356 6.78 30.90 4.37
C SER D 356 6.25 32.11 5.22
N TYR D 357 6.39 31.97 6.52
CA TYR D 357 6.08 33.04 7.49
C TYR D 357 7.31 33.41 8.29
N VAL D 358 7.62 34.73 8.29
CA VAL D 358 8.81 35.17 8.94
C VAL D 358 8.50 35.42 10.41
N THR D 359 9.08 34.64 11.30
CA THR D 359 8.84 34.80 12.72
C THR D 359 9.86 35.67 13.41
N ARG D 360 11.06 35.79 12.88
CA ARG D 360 12.08 36.61 13.54
C ARG D 360 12.98 37.14 12.50
N GLY D 361 13.41 38.40 12.67
CA GLY D 361 14.42 38.89 11.80
C GLY D 361 13.98 39.33 10.44
N SER D 362 14.91 39.19 9.48
CA SER D 362 14.67 39.74 8.15
C SER D 362 15.73 39.24 7.21
N GLY D 363 15.47 39.45 5.94
CA GLY D 363 16.43 39.06 4.89
C GLY D 363 16.01 39.47 3.51
N ARG D 364 16.88 39.15 2.57
CA ARG D 364 16.68 39.39 1.15
C ARG D 364 16.22 38.07 0.53
N LEU D 365 15.22 38.19 -0.28
CA LEU D 365 14.64 37.04 -1.01
C LEU D 365 14.62 37.42 -2.44
N GLN D 366 15.19 36.57 -3.28
CA GLN D 366 15.06 36.75 -4.73
C GLN D 366 14.37 35.52 -5.32
N VAL D 367 13.41 35.78 -6.19
CA VAL D 367 12.63 34.71 -6.85
C VAL D 367 12.67 34.93 -8.37
N GLY D 368 12.91 33.84 -9.11
CA GLY D 368 12.90 33.79 -10.54
C GLY D 368 11.81 32.86 -11.04
N GLY D 369 11.29 33.14 -12.21
CA GLY D 369 10.21 32.36 -12.70
C GLY D 369 10.40 32.05 -14.16
N SER D 370 9.39 32.37 -15.00
CA SER D 370 9.35 31.95 -16.39
C SER D 370 9.93 32.95 -17.33
N SER D 371 10.40 34.11 -16.87
CA SER D 371 10.92 35.13 -17.82
C SER D 371 12.32 35.55 -17.46
N LYS D 372 12.91 36.46 -18.25
CA LYS D 372 14.22 37.00 -17.89
C LYS D 372 14.16 37.99 -16.72
N SER D 373 12.97 38.49 -16.44
CA SER D 373 12.75 39.45 -15.36
C SER D 373 12.48 38.73 -14.04
N THR D 374 13.19 39.14 -13.01
CA THR D 374 12.95 38.66 -11.65
C THR D 374 11.52 38.86 -11.24
N VAL D 375 11.04 37.88 -10.48
CA VAL D 375 9.67 37.85 -10.00
C VAL D 375 9.54 38.65 -8.67
N TYR D 376 10.61 38.64 -7.88
CA TYR D 376 10.73 39.42 -6.70
C TYR D 376 12.18 39.54 -6.33
N ASP D 377 12.59 40.73 -5.85
CA ASP D 377 13.89 40.86 -5.23
C ASP D 377 13.77 41.99 -4.25
N GLY D 378 13.83 41.66 -2.97
CA GLY D 378 13.52 42.62 -1.91
C GLY D 378 13.63 41.96 -0.57
N ASP D 379 13.30 42.67 0.49
CA ASP D 379 13.40 42.15 1.80
C ASP D 379 12.14 41.39 2.18
N VAL D 380 12.28 40.51 3.18
CA VAL D 380 11.09 39.90 3.85
C VAL D 380 11.37 40.17 5.31
N ARG D 381 10.30 40.44 6.05
CA ARG D 381 10.41 40.91 7.46
C ARG D 381 9.48 40.18 8.37
N GLN D 382 9.77 40.21 9.66
CA GLN D 382 8.87 39.65 10.69
C GLN D 382 7.40 39.93 10.49
N GLY D 383 6.57 38.87 10.50
CA GLY D 383 5.14 39.05 10.36
C GLY D 383 4.60 38.94 8.97
N GLN D 384 5.50 38.78 7.97
CA GLN D 384 5.12 38.70 6.58
C GLN D 384 5.06 37.22 6.10
N LEU D 385 4.15 36.97 5.19
CA LEU D 385 3.96 35.69 4.48
C LEU D 385 4.52 35.84 3.10
N PHE D 386 5.16 34.81 2.58
CA PHE D 386 5.52 34.87 1.15
C PHE D 386 5.37 33.48 0.51
N ILE D 387 4.91 33.51 -0.72
CA ILE D 387 4.60 32.28 -1.43
C ILE D 387 5.62 32.07 -2.54
N ILE D 388 6.24 30.90 -2.63
CA ILE D 388 7.07 30.57 -3.81
C ILE D 388 6.43 29.41 -4.52
N PRO D 389 5.90 29.62 -5.74
CA PRO D 389 5.27 28.48 -6.39
C PRO D 389 6.26 27.38 -6.78
N GLN D 390 5.73 26.17 -6.90
CA GLN D 390 6.48 25.04 -7.46
C GLN D 390 7.38 25.49 -8.63
N ASN D 391 8.64 25.03 -8.61
CA ASN D 391 9.57 25.17 -9.71
C ASN D 391 10.20 26.57 -9.86
N TYR D 392 9.66 27.60 -9.18
CA TYR D 392 10.28 28.89 -9.20
C TYR D 392 11.55 28.80 -8.45
N VAL D 393 12.64 29.38 -9.00
CA VAL D 393 13.91 29.39 -8.36
C VAL D 393 14.00 30.52 -7.30
N TYR D 394 14.66 30.26 -6.17
CA TYR D 394 14.77 31.27 -5.13
C TYR D 394 16.05 31.19 -4.36
N LEU D 395 16.48 32.36 -3.84
CA LEU D 395 17.68 32.50 -2.99
C LEU D 395 17.25 33.36 -1.81
N LYS D 396 17.72 33.03 -0.65
CA LYS D 396 17.41 33.74 0.59
C LYS D 396 18.71 34.05 1.30
N GLN D 397 18.87 35.30 1.77
CA GLN D 397 19.96 35.65 2.65
C GLN D 397 19.47 36.37 3.91
N ALA D 398 19.94 35.96 5.09
CA ALA D 398 19.57 36.62 6.34
C ALA D 398 20.23 38.00 6.43
N GLY D 399 19.50 38.95 7.00
CA GLY D 399 20.02 40.29 7.31
C GLY D 399 20.82 40.24 8.59
N PRO D 400 21.15 41.43 9.11
CA PRO D 400 22.10 41.50 10.24
C PRO D 400 21.59 40.96 11.59
N GLN D 401 20.27 40.82 11.75
CA GLN D 401 19.73 40.19 12.95
C GLN D 401 19.43 38.69 12.73
N GLY D 402 19.86 38.10 11.61
CA GLY D 402 19.42 36.74 11.32
C GLY D 402 18.01 36.67 10.77
N LEU D 403 17.55 35.43 10.52
CA LEU D 403 16.22 35.18 9.91
C LEU D 403 15.71 33.83 10.43
N GLU D 404 14.46 33.86 10.90
CA GLU D 404 13.76 32.62 11.22
C GLU D 404 12.44 32.58 10.45
N LEU D 405 12.24 31.43 9.79
CA LEU D 405 11.10 31.14 8.90
C LEU D 405 10.47 29.82 9.32
N TYR D 406 9.14 29.77 9.25
CA TYR D 406 8.42 28.53 9.25
C TYR D 406 7.73 28.45 7.89
N THR D 407 7.85 27.28 7.21
CA THR D 407 7.32 27.14 5.88
C THR D 407 6.36 25.96 5.86
N VAL D 408 5.26 26.11 5.17
CA VAL D 408 4.30 25.03 4.88
C VAL D 408 4.48 24.71 3.40
N LYS D 409 4.57 23.40 3.06
CA LYS D 409 4.66 22.98 1.66
C LYS D 409 3.49 22.08 1.32
N THR D 410 2.98 22.25 0.12
CA THR D 410 1.74 21.54 -0.35
C THR D 410 2.01 20.11 -0.90
N ASN D 411 2.79 19.36 -0.16
CA ASN D 411 2.95 17.95 -0.45
C ASN D 411 3.53 17.26 0.72
N ASP D 412 3.11 16.00 0.77
CA ASP D 412 3.68 14.98 1.52
C ASP D 412 5.11 14.86 0.90
N ARG D 413 6.04 14.85 1.80
CA ARG D 413 7.48 14.61 1.47
C ARG D 413 7.97 15.59 0.44
N ALA D 414 7.69 16.87 0.68
CA ALA D 414 8.11 17.92 -0.22
C ALA D 414 9.61 17.99 -0.24
N LYS D 415 10.17 18.17 -1.42
CA LYS D 415 11.58 18.18 -1.61
C LYS D 415 11.99 19.32 -2.51
N ALA D 416 13.19 19.82 -2.24
CA ALA D 416 13.76 20.93 -3.01
C ALA D 416 14.97 20.39 -3.72
N THR D 417 15.32 21.08 -4.79
CA THR D 417 16.52 20.78 -5.55
C THR D 417 17.49 21.92 -5.38
N ALA D 418 18.74 21.60 -5.10
CA ALA D 418 19.76 22.64 -4.89
C ALA D 418 20.52 22.95 -6.17
N LEU D 419 20.76 24.25 -6.44
CA LEU D 419 21.78 24.65 -7.43
C LEU D 419 23.23 24.81 -6.90
N VAL D 420 23.47 24.76 -5.60
CA VAL D 420 24.81 24.90 -5.01
C VAL D 420 24.95 23.88 -3.91
N GLY D 421 26.19 23.49 -3.61
CA GLY D 421 26.48 22.60 -2.49
C GLY D 421 26.55 21.15 -2.93
N ARG D 422 26.80 20.29 -1.96
CA ARG D 422 27.17 18.89 -2.26
C ARG D 422 26.05 18.14 -2.83
N THR D 423 24.83 18.56 -2.56
CA THR D 423 23.65 17.92 -3.20
C THR D 423 23.19 18.56 -4.50
N SER D 424 23.98 19.47 -5.06
CA SER D 424 23.49 20.26 -6.16
C SER D 424 23.28 19.45 -7.47
N VAL D 425 22.38 19.97 -8.31
CA VAL D 425 22.21 19.45 -9.66
C VAL D 425 23.49 19.74 -10.47
N ILE D 426 24.22 20.80 -10.10
CA ILE D 426 25.47 21.13 -10.85
C ILE D 426 26.51 20.01 -10.73
N ARG D 427 26.66 19.46 -9.53
N ARG D 427 26.65 19.47 -9.52
CA ARG D 427 27.58 18.35 -9.37
CA ARG D 427 27.56 18.35 -9.31
C ARG D 427 27.14 17.09 -10.11
C ARG D 427 27.13 17.09 -10.06
N ALA D 428 25.84 16.89 -10.20
CA ALA D 428 25.29 15.63 -10.74
C ALA D 428 25.44 15.52 -12.27
N VAL D 429 25.58 16.65 -12.93
CA VAL D 429 25.72 16.76 -14.37
C VAL D 429 27.21 16.76 -14.75
N PRO D 430 27.56 16.11 -15.90
CA PRO D 430 28.97 16.08 -16.21
C PRO D 430 29.59 17.47 -16.36
N LEU D 431 30.84 17.58 -15.93
CA LEU D 431 31.56 18.83 -16.06
C LEU D 431 31.52 19.41 -17.49
N ASP D 432 31.67 18.53 -18.48
CA ASP D 432 31.74 18.97 -19.88
C ASP D 432 30.43 19.46 -20.42
N VAL D 433 29.28 19.00 -19.89
CA VAL D 433 28.04 19.62 -20.20
C VAL D 433 28.05 21.11 -19.84
N TRP D 434 28.48 21.46 -18.62
CA TRP D 434 28.43 22.89 -18.19
C TRP D 434 29.51 23.71 -18.96
N ILE D 435 30.61 23.05 -19.27
CA ILE D 435 31.73 23.70 -20.01
C ILE D 435 31.12 24.11 -21.35
N ASN D 436 30.42 23.23 -22.04
CA ASN D 436 29.75 23.58 -23.29
C ASN D 436 28.56 24.48 -23.21
N VAL D 437 27.68 24.29 -22.24
CA VAL D 437 26.53 25.16 -22.12
C VAL D 437 26.91 26.61 -21.79
N PHE D 438 27.81 26.76 -20.82
CA PHE D 438 28.07 28.09 -20.24
C PHE D 438 29.36 28.70 -20.83
N GLN D 439 30.09 27.95 -21.66
CA GLN D 439 31.36 28.41 -22.27
C GLN D 439 32.35 28.78 -21.19
N LEU D 440 32.55 27.84 -20.28
CA LEU D 440 33.47 27.91 -19.17
C LEU D 440 34.74 27.18 -19.49
N THR D 441 35.80 27.59 -18.81
CA THR D 441 37.00 26.86 -18.82
C THR D 441 36.75 25.66 -17.88
N GLN D 442 37.60 24.67 -18.00
CA GLN D 442 37.51 23.53 -17.14
C GLN D 442 37.73 23.97 -15.68
N ASP D 443 38.63 24.91 -15.41
CA ASP D 443 38.79 25.39 -14.02
C ASP D 443 37.58 26.13 -13.49
N GLU D 444 36.91 26.90 -14.34
CA GLU D 444 35.70 27.62 -13.97
C GLU D 444 34.56 26.65 -13.60
N ALA D 445 34.40 25.64 -14.41
CA ALA D 445 33.34 24.64 -14.22
C ALA D 445 33.64 23.80 -12.96
N ARG D 446 34.91 23.48 -12.65
CA ARG D 446 35.25 22.83 -11.36
C ARG D 446 34.89 23.74 -10.18
N SER D 447 35.24 25.03 -10.30
CA SER D 447 34.86 26.00 -9.24
C SER D 447 33.38 25.98 -8.99
N LEU D 448 32.60 26.04 -10.08
CA LEU D 448 31.17 26.01 -10.06
C LEU D 448 30.65 24.74 -9.33
N LYS D 449 31.22 23.58 -9.62
CA LYS D 449 30.76 22.36 -8.87
C LYS D 449 31.17 22.32 -7.44
N TYR D 450 32.41 22.70 -7.15
CA TYR D 450 33.04 22.42 -5.85
C TYR D 450 33.30 23.55 -4.85
N ASN D 451 33.15 24.81 -5.22
CA ASN D 451 33.59 25.91 -4.34
C ASN D 451 32.81 25.95 -3.06
N ARG D 452 31.53 25.54 -3.08
CA ARG D 452 30.73 25.41 -1.83
C ARG D 452 30.58 23.95 -1.44
N GLU D 453 31.15 23.60 -0.32
CA GLU D 453 31.16 22.25 0.18
C GLU D 453 30.05 21.97 1.16
N GLU D 454 29.25 22.99 1.50
CA GLU D 454 28.08 22.80 2.38
C GLU D 454 26.92 22.09 1.64
N ILE D 455 26.04 21.50 2.44
CA ILE D 455 24.72 21.07 1.96
C ILE D 455 23.68 22.06 2.59
N THR D 456 22.94 22.73 1.72
CA THR D 456 21.72 23.50 1.97
C THR D 456 21.92 24.80 2.74
N VAL D 457 22.57 24.74 3.88
CA VAL D 457 22.83 25.96 4.66
C VAL D 457 24.28 26.41 4.43
N LEU D 458 24.46 27.64 3.92
CA LEU D 458 25.78 28.19 3.60
C LEU D 458 26.28 29.08 4.75
N ASP D 459 27.52 28.83 5.08
CA ASP D 459 28.35 29.60 6.02
C ASP D 459 28.51 31.01 5.42
N PRO D 460 28.27 32.06 6.16
CA PRO D 460 28.55 33.38 5.58
C PRO D 460 30.08 33.59 5.43
N GLU D 461 30.92 32.88 6.20
CA GLU D 461 32.39 32.81 5.98
C GLU D 461 32.82 31.54 5.21
N SER E 27 -9.67 16.47 -19.46
CA SER E 27 -8.44 15.93 -18.77
C SER E 27 -8.81 15.62 -17.31
N ARG E 28 -7.88 15.02 -16.60
CA ARG E 28 -7.97 14.90 -15.12
C ARG E 28 -8.31 16.23 -14.40
N GLN E 29 -7.97 17.37 -15.01
CA GLN E 29 -8.24 18.67 -14.40
C GLN E 29 -9.46 19.33 -15.03
N SER E 30 -10.55 19.23 -14.32
CA SER E 30 -11.83 19.70 -14.85
C SER E 30 -12.57 20.55 -13.79
N SER E 31 -13.80 20.92 -14.11
N SER E 31 -13.80 20.90 -14.13
CA SER E 31 -14.63 21.71 -13.19
CA SER E 31 -14.65 21.68 -13.22
C SER E 31 -16.01 21.83 -13.82
C SER E 31 -16.06 21.66 -13.81
N PRO E 32 -17.05 22.02 -12.99
CA PRO E 32 -18.41 22.16 -13.55
C PRO E 32 -18.48 23.49 -14.30
N GLN E 33 -19.40 23.59 -15.25
CA GLN E 33 -19.79 24.90 -15.85
C GLN E 33 -20.44 25.91 -14.86
N SER E 34 -20.98 25.42 -13.74
CA SER E 34 -21.41 26.25 -12.58
C SER E 34 -20.34 27.28 -12.09
N GLY E 40 -23.09 32.97 -3.99
CA GLY E 40 -21.79 33.51 -3.58
C GLY E 40 -20.61 32.89 -4.31
N ILE E 41 -20.64 33.02 -5.64
CA ILE E 41 -19.61 32.53 -6.60
C ILE E 41 -19.14 31.06 -6.45
N GLY E 42 -18.73 30.58 -5.25
CA GLY E 42 -18.26 29.21 -5.12
C GLY E 42 -19.36 28.23 -5.56
N GLU E 43 -19.02 27.23 -6.35
CA GLU E 43 -19.98 26.30 -6.85
C GLU E 43 -20.70 25.45 -5.82
N CYS E 44 -20.14 25.31 -4.59
CA CYS E 44 -20.82 24.68 -3.53
C CYS E 44 -21.26 25.67 -2.40
N ASP E 45 -21.28 26.95 -2.73
CA ASP E 45 -21.78 27.95 -1.72
C ASP E 45 -23.27 28.09 -2.07
N LEU E 46 -24.04 27.18 -1.52
CA LEU E 46 -25.47 27.04 -1.79
C LEU E 46 -26.26 27.72 -0.63
N GLN E 47 -27.02 28.72 -1.00
CA GLN E 47 -27.94 29.41 -0.10
C GLN E 47 -29.20 28.58 0.15
N ARG E 48 -29.54 27.71 -0.81
CA ARG E 48 -30.68 26.84 -0.73
C ARG E 48 -30.39 25.46 -1.29
N VAL E 49 -30.98 24.46 -0.66
CA VAL E 49 -31.02 23.16 -1.31
C VAL E 49 -32.47 22.84 -1.21
N ASN E 50 -32.94 22.01 -2.11
CA ASN E 50 -34.28 21.54 -1.96
C ASN E 50 -34.34 20.22 -2.62
N PRO E 51 -35.28 19.39 -2.18
CA PRO E 51 -35.48 18.09 -2.77
C PRO E 51 -35.93 18.27 -4.21
N LEU E 52 -35.40 17.40 -5.07
CA LEU E 52 -35.57 17.51 -6.52
C LEU E 52 -36.29 16.30 -7.05
N GLU E 53 -37.14 16.50 -8.08
CA GLU E 53 -37.69 15.38 -8.82
C GLU E 53 -37.02 15.39 -10.17
N PRO E 54 -37.15 14.27 -10.92
CA PRO E 54 -36.59 14.28 -12.26
C PRO E 54 -37.14 15.36 -13.16
N ALA E 55 -36.31 15.82 -14.06
CA ALA E 55 -36.66 16.87 -14.96
C ALA E 55 -37.25 16.41 -16.31
N HIS E 56 -36.96 15.18 -16.71
CA HIS E 56 -37.31 14.73 -18.05
C HIS E 56 -37.43 13.24 -18.04
N ARG E 57 -38.39 12.70 -18.83
CA ARG E 57 -38.60 11.28 -19.01
C ARG E 57 -38.36 10.94 -20.49
N ILE E 58 -37.60 9.88 -20.71
CA ILE E 58 -37.31 9.34 -22.05
C ILE E 58 -38.02 8.01 -22.14
N GLN E 59 -38.85 7.89 -23.18
CA GLN E 59 -39.65 6.74 -23.31
C GLN E 59 -38.89 5.75 -24.22
N HIS E 60 -38.88 4.51 -23.77
CA HIS E 60 -38.34 3.37 -24.55
C HIS E 60 -39.50 2.43 -24.85
N GLU E 61 -39.24 1.39 -25.65
CA GLU E 61 -40.25 0.33 -25.85
C GLU E 61 -40.68 -0.39 -24.60
N ALA E 62 -39.71 -0.80 -23.77
CA ALA E 62 -39.95 -1.64 -22.61
C ALA E 62 -39.69 -1.01 -21.25
N GLY E 63 -39.75 0.30 -21.22
CA GLY E 63 -39.69 1.10 -20.01
C GLY E 63 -39.32 2.53 -20.29
N TYR E 64 -38.85 3.23 -19.26
CA TYR E 64 -38.48 4.62 -19.42
C TYR E 64 -37.35 5.00 -18.45
N SER E 65 -36.71 6.11 -18.75
CA SER E 65 -35.56 6.70 -18.02
C SER E 65 -35.89 8.14 -17.60
N GLU E 66 -35.84 8.40 -16.29
CA GLU E 66 -36.10 9.75 -15.80
C GLU E 66 -34.77 10.35 -15.33
N ILE E 67 -34.46 11.53 -15.79
CA ILE E 67 -33.21 12.22 -15.57
C ILE E 67 -33.36 13.50 -14.74
N TRP E 68 -32.59 13.60 -13.65
CA TRP E 68 -32.55 14.83 -12.86
C TRP E 68 -31.71 15.84 -13.64
N ASP E 69 -32.07 17.10 -13.57
CA ASP E 69 -31.43 18.15 -14.35
C ASP E 69 -29.94 18.28 -13.97
N PRO E 70 -28.99 17.89 -14.86
CA PRO E 70 -27.61 17.93 -14.46
C PRO E 70 -27.03 19.37 -14.25
N THR E 71 -27.78 20.42 -14.68
CA THR E 71 -27.35 21.82 -14.44
C THR E 71 -27.85 22.38 -13.09
N SER E 72 -28.64 21.63 -12.35
CA SER E 72 -28.99 22.02 -11.02
C SER E 72 -27.68 22.40 -10.22
N ARG E 73 -27.73 23.49 -9.50
CA ARG E 73 -26.58 23.91 -8.66
C ARG E 73 -26.21 22.79 -7.62
N GLU E 74 -27.19 22.13 -7.04
CA GLU E 74 -26.98 21.05 -6.07
C GLU E 74 -26.21 19.91 -6.71
N LEU E 75 -26.74 19.48 -7.86
CA LEU E 75 -26.00 18.42 -8.59
C LEU E 75 -24.63 18.81 -9.05
N GLN E 76 -24.44 20.03 -9.60
CA GLN E 76 -23.14 20.47 -10.01
C GLN E 76 -22.19 20.54 -8.83
N CYS E 77 -22.69 21.01 -7.68
CA CYS E 77 -21.84 21.05 -6.48
C CYS E 77 -21.40 19.66 -6.06
N ALA E 78 -22.30 18.68 -6.06
CA ALA E 78 -21.99 17.35 -5.58
C ALA E 78 -21.22 16.56 -6.59
N GLY E 79 -21.20 17.04 -7.82
CA GLY E 79 -20.51 16.30 -8.91
C GLY E 79 -21.14 15.03 -9.34
N ILE E 80 -22.47 15.02 -9.41
CA ILE E 80 -23.14 13.83 -9.80
C ILE E 80 -24.20 14.07 -10.87
N ASP E 81 -24.64 12.95 -11.42
N ASP E 81 -24.61 12.93 -11.44
CA ASP E 81 -25.83 12.86 -12.22
CA ASP E 81 -25.79 12.76 -12.27
C ASP E 81 -26.66 11.72 -11.64
C ASP E 81 -26.68 11.75 -11.56
N ALA E 82 -28.00 11.85 -11.78
CA ALA E 82 -28.93 10.91 -11.20
C ALA E 82 -29.94 10.53 -12.26
N THR E 83 -30.20 9.26 -12.31
CA THR E 83 -31.14 8.69 -13.28
C THR E 83 -31.99 7.69 -12.57
N ARG E 84 -33.30 7.67 -12.90
CA ARG E 84 -34.14 6.59 -12.48
C ARG E 84 -34.60 5.85 -13.73
N HIS E 85 -34.21 4.59 -13.81
CA HIS E 85 -34.63 3.72 -14.93
C HIS E 85 -35.75 2.82 -14.46
N VAL E 86 -36.82 2.71 -15.25
CA VAL E 86 -37.92 1.80 -14.90
C VAL E 86 -38.01 0.80 -16.06
N ILE E 87 -37.80 -0.46 -15.78
CA ILE E 87 -37.71 -1.47 -16.80
C ILE E 87 -38.99 -2.34 -16.59
N GLU E 88 -39.81 -2.41 -17.64
CA GLU E 88 -40.99 -3.27 -17.57
C GLU E 88 -40.73 -4.74 -17.67
N ASN E 89 -41.77 -5.52 -17.40
CA ASN E 89 -41.73 -6.93 -17.51
C ASN E 89 -41.17 -7.38 -18.88
N ARG E 90 -40.21 -8.31 -18.84
CA ARG E 90 -39.44 -8.81 -20.03
C ARG E 90 -38.66 -7.74 -20.81
N GLY E 91 -38.32 -6.60 -20.16
CA GLY E 91 -37.64 -5.50 -20.75
C GLY E 91 -36.12 -5.73 -20.54
N LEU E 92 -35.36 -5.47 -21.61
CA LEU E 92 -33.91 -5.60 -21.62
C LEU E 92 -33.30 -4.21 -21.85
N PHE E 93 -32.48 -3.74 -20.90
CA PHE E 93 -31.81 -2.47 -21.01
C PHE E 93 -30.55 -2.79 -21.77
N VAL E 94 -30.40 -2.19 -22.93
CA VAL E 94 -29.36 -2.40 -23.85
C VAL E 94 -28.00 -2.13 -23.16
N PRO E 95 -26.98 -2.95 -23.45
CA PRO E 95 -25.68 -2.74 -22.84
C PRO E 95 -25.12 -1.37 -23.12
N SER E 96 -24.49 -0.78 -22.10
CA SER E 96 -23.85 0.48 -22.20
C SER E 96 -22.67 0.59 -21.24
N TYR E 97 -21.88 1.60 -21.54
CA TYR E 97 -20.80 2.07 -20.69
C TYR E 97 -20.84 3.56 -20.53
N ASN E 98 -20.31 3.97 -19.37
CA ASN E 98 -20.15 5.38 -19.04
C ASN E 98 -18.70 5.81 -18.74
N ASN E 99 -18.52 7.10 -18.71
CA ASN E 99 -17.28 7.76 -18.27
C ASN E 99 -17.15 7.99 -16.76
N ALA E 100 -18.14 7.61 -16.01
CA ALA E 100 -18.10 7.79 -14.58
C ALA E 100 -18.52 6.56 -13.91
N PRO E 101 -17.91 6.24 -12.73
CA PRO E 101 -18.46 5.19 -11.95
C PRO E 101 -19.85 5.52 -11.32
N MET E 102 -20.51 4.48 -10.91
CA MET E 102 -21.87 4.63 -10.39
C MET E 102 -22.18 3.64 -9.28
N LEU E 103 -23.10 4.01 -8.39
CA LEU E 103 -23.85 3.09 -7.58
C LEU E 103 -25.29 3.04 -8.14
N ILE E 104 -25.81 1.82 -8.22
CA ILE E 104 -27.17 1.55 -8.68
C ILE E 104 -27.92 0.96 -7.49
N ILE E 105 -29.03 1.60 -7.10
CA ILE E 105 -29.86 1.10 -6.00
C ILE E 105 -31.09 0.47 -6.66
N VAL E 106 -31.35 -0.76 -6.32
CA VAL E 106 -32.52 -1.50 -6.84
C VAL E 106 -33.66 -1.12 -5.90
N VAL E 107 -34.43 -0.16 -6.35
CA VAL E 107 -35.56 0.40 -5.59
C VAL E 107 -36.73 -0.58 -5.48
N GLN E 108 -36.92 -1.37 -6.50
CA GLN E 108 -38.07 -2.24 -6.57
C GLN E 108 -37.72 -3.28 -7.63
N GLY E 109 -38.24 -4.47 -7.38
CA GLY E 109 -38.25 -5.57 -8.34
C GLY E 109 -37.05 -6.44 -8.28
N HIS E 110 -36.91 -7.34 -9.27
CA HIS E 110 -35.76 -8.20 -9.34
C HIS E 110 -35.51 -8.62 -10.78
N GLY E 111 -34.26 -8.94 -11.04
CA GLY E 111 -33.80 -9.09 -12.40
C GLY E 111 -32.42 -9.60 -12.50
N ILE E 112 -31.84 -9.44 -13.69
CA ILE E 112 -30.51 -9.90 -13.95
C ILE E 112 -29.70 -8.69 -14.37
N LEU E 113 -28.43 -8.64 -13.93
CA LEU E 113 -27.50 -7.60 -14.31
C LEU E 113 -26.25 -8.28 -14.85
N GLY E 114 -25.78 -7.78 -16.00
CA GLY E 114 -24.48 -8.17 -16.49
C GLY E 114 -23.52 -7.03 -16.40
N ALA E 115 -22.26 -7.40 -16.24
CA ALA E 115 -21.14 -6.45 -16.17
C ALA E 115 -19.97 -7.19 -16.78
N VAL E 116 -19.34 -6.60 -17.79
CA VAL E 116 -18.23 -7.22 -18.45
C VAL E 116 -16.85 -6.72 -17.99
N PHE E 117 -15.96 -7.63 -17.58
CA PHE E 117 -14.55 -7.23 -17.31
C PHE E 117 -13.68 -7.69 -18.45
N PRO E 118 -13.13 -6.76 -19.22
CA PRO E 118 -12.33 -7.15 -20.41
C PRO E 118 -11.11 -7.94 -20.07
N GLY E 119 -10.90 -9.00 -20.82
CA GLY E 119 -9.77 -9.88 -20.59
C GLY E 119 -10.01 -11.00 -19.62
N CYS E 120 -11.22 -11.11 -19.05
CA CYS E 120 -11.58 -12.24 -18.20
C CYS E 120 -12.29 -13.25 -19.12
N PRO E 121 -12.08 -14.54 -18.86
CA PRO E 121 -12.80 -15.53 -19.64
C PRO E 121 -14.28 -15.65 -19.34
N GLU E 122 -15.01 -16.26 -20.28
CA GLU E 122 -16.45 -16.59 -20.12
C GLU E 122 -16.63 -17.82 -19.28
N THR E 123 -17.03 -17.67 -18.03
CA THR E 123 -17.02 -18.78 -17.15
C THR E 123 -18.42 -19.33 -16.87
N PHE E 124 -19.43 -18.69 -17.44
CA PHE E 124 -20.81 -19.31 -17.44
C PHE E 124 -21.04 -20.00 -18.78
N GLN E 125 -21.16 -21.32 -18.77
CA GLN E 125 -20.87 -22.12 -19.98
C GLN E 125 -21.95 -23.25 -20.13
N SER E 126 -22.43 -23.38 -21.34
CA SER E 126 -23.34 -24.45 -21.69
C SER E 126 -22.95 -24.95 -23.05
N PHE E 127 -22.76 -26.26 -23.11
CA PHE E 127 -22.35 -26.95 -24.34
C PHE E 127 -23.49 -27.73 -25.00
N HIS E 128 -24.70 -27.51 -24.53
CA HIS E 128 -25.89 -28.15 -25.06
C HIS E 128 -26.97 -27.06 -25.36
N PRO E 129 -27.90 -27.31 -26.31
CA PRO E 129 -27.89 -28.53 -27.17
C PRO E 129 -26.89 -28.46 -28.33
N THR E 130 -26.78 -29.55 -29.07
CA THR E 130 -25.71 -29.72 -30.04
C THR E 130 -26.30 -30.12 -31.40
N THR E 143 -30.56 -21.11 -28.38
CA THR E 143 -29.53 -20.20 -27.89
C THR E 143 -28.98 -20.54 -26.49
N PHE E 144 -29.34 -21.70 -25.96
CA PHE E 144 -28.82 -22.19 -24.67
C PHE E 144 -27.41 -22.69 -24.81
N ARG E 145 -26.99 -23.06 -26.02
CA ARG E 145 -25.57 -23.32 -26.23
C ARG E 145 -24.83 -21.96 -26.32
N ASP E 146 -24.12 -21.55 -25.24
CA ASP E 146 -23.46 -20.24 -25.21
C ASP E 146 -22.46 -20.26 -24.05
N GLN E 147 -21.55 -19.29 -24.09
CA GLN E 147 -20.62 -19.03 -23.05
C GLN E 147 -20.63 -17.51 -22.87
N HIS E 148 -20.79 -17.07 -21.64
CA HIS E 148 -20.73 -15.65 -21.37
C HIS E 148 -20.17 -15.41 -19.96
N GLN E 149 -19.92 -14.18 -19.61
CA GLN E 149 -19.46 -13.89 -18.27
C GLN E 149 -20.59 -14.06 -17.25
N LYS E 150 -20.16 -14.20 -15.99
N LYS E 150 -20.17 -14.28 -16.00
CA LYS E 150 -21.08 -14.26 -14.89
CA LYS E 150 -21.05 -14.42 -14.85
C LYS E 150 -22.15 -13.20 -14.97
C LYS E 150 -22.06 -13.27 -14.81
N VAL E 151 -23.35 -13.62 -14.68
CA VAL E 151 -24.44 -12.68 -14.55
C VAL E 151 -24.83 -12.64 -13.05
N HIS E 152 -25.45 -11.55 -12.66
CA HIS E 152 -25.75 -11.22 -11.24
C HIS E 152 -27.22 -11.13 -11.14
N PHE E 153 -27.76 -11.76 -10.11
CA PHE E 153 -29.19 -11.76 -9.85
C PHE E 153 -29.44 -10.65 -8.84
N ILE E 154 -30.09 -9.60 -9.28
CA ILE E 154 -30.32 -8.43 -8.45
C ILE E 154 -31.76 -8.36 -7.92
N ARG E 155 -31.92 -7.70 -6.78
CA ARG E 155 -33.24 -7.56 -6.15
C ARG E 155 -33.30 -6.31 -5.27
N GLN E 156 -34.53 -5.90 -4.93
CA GLN E 156 -34.77 -4.73 -4.10
C GLN E 156 -33.84 -4.70 -2.90
N GLY E 157 -33.22 -3.54 -2.72
CA GLY E 157 -32.24 -3.35 -1.66
C GLY E 157 -30.81 -3.56 -2.06
N ASP E 158 -30.57 -4.13 -3.24
CA ASP E 158 -29.18 -4.28 -3.73
C ASP E 158 -28.61 -2.91 -4.08
N VAL E 159 -27.37 -2.66 -3.65
CA VAL E 159 -26.57 -1.52 -4.14
C VAL E 159 -25.45 -2.13 -4.96
N ILE E 160 -25.37 -1.76 -6.22
CA ILE E 160 -24.42 -2.34 -7.15
C ILE E 160 -23.39 -1.21 -7.54
N ALA E 161 -22.11 -1.57 -7.55
CA ALA E 161 -21.02 -0.65 -7.80
C ALA E 161 -20.32 -0.95 -9.10
N LEU E 162 -20.30 -0.02 -10.02
CA LEU E 162 -19.66 -0.25 -11.28
C LEU E 162 -18.64 0.79 -11.63
N PRO E 163 -17.47 0.38 -12.07
CA PRO E 163 -16.50 1.40 -12.47
C PRO E 163 -16.84 2.06 -13.81
N ALA E 164 -16.21 3.18 -14.08
CA ALA E 164 -16.29 3.77 -15.42
C ALA E 164 -15.75 2.84 -16.49
N GLY E 165 -16.37 2.89 -17.66
CA GLY E 165 -15.87 2.20 -18.81
C GLY E 165 -16.30 0.76 -18.97
N ILE E 166 -17.04 0.23 -18.02
CA ILE E 166 -17.49 -1.13 -17.94
C ILE E 166 -18.89 -1.26 -18.53
N VAL E 167 -18.97 -2.17 -19.50
CA VAL E 167 -20.25 -2.50 -20.09
C VAL E 167 -21.14 -3.23 -19.12
N HIS E 168 -22.38 -2.76 -19.04
CA HIS E 168 -23.37 -3.34 -18.16
C HIS E 168 -24.73 -3.34 -18.86
N TRP E 169 -25.55 -4.28 -18.44
CA TRP E 169 -26.92 -4.36 -18.99
C TRP E 169 -27.82 -4.94 -17.94
N ALA E 170 -29.12 -4.86 -18.14
CA ALA E 170 -30.03 -5.41 -17.12
C ALA E 170 -31.28 -5.93 -17.84
N TYR E 171 -31.89 -6.88 -17.17
CA TYR E 171 -33.14 -7.55 -17.67
C TYR E 171 -34.11 -7.77 -16.50
N ASN E 172 -35.37 -7.41 -16.75
CA ASN E 172 -36.42 -7.60 -15.77
C ASN E 172 -37.10 -8.89 -16.03
N GLU E 173 -37.00 -9.82 -15.09
CA GLU E 173 -37.59 -11.12 -15.23
C GLU E 173 -38.97 -11.24 -14.58
N ALA E 174 -39.33 -10.25 -13.77
CA ALA E 174 -40.51 -10.33 -12.93
C ALA E 174 -41.68 -9.57 -13.55
N THR E 175 -42.86 -9.65 -12.90
CA THR E 175 -44.07 -9.01 -13.48
C THR E 175 -44.06 -7.53 -13.10
N GLU E 176 -43.69 -7.22 -11.87
CA GLU E 176 -43.57 -5.87 -11.45
C GLU E 176 -42.34 -5.20 -12.10
N LYS E 177 -42.41 -3.89 -12.21
CA LYS E 177 -41.36 -3.10 -12.84
C LYS E 177 -40.08 -3.18 -12.01
N LEU E 178 -38.95 -3.16 -12.70
CA LEU E 178 -37.62 -3.17 -12.04
C LEU E 178 -37.19 -1.72 -12.11
N VAL E 179 -36.95 -1.10 -10.96
CA VAL E 179 -36.64 0.28 -10.87
C VAL E 179 -35.25 0.44 -10.30
N LEU E 180 -34.40 1.15 -11.04
CA LEU E 180 -32.99 1.34 -10.72
C LEU E 180 -32.73 2.83 -10.54
N LEU E 181 -32.15 3.20 -9.41
CA LEU E 181 -31.77 4.52 -9.21
C LEU E 181 -30.23 4.52 -9.37
N VAL E 182 -29.74 5.30 -10.32
CA VAL E 182 -28.33 5.31 -10.68
C VAL E 182 -27.77 6.68 -10.37
N ILE E 183 -26.74 6.68 -9.52
CA ILE E 183 -25.98 7.86 -9.19
C ILE E 183 -24.58 7.73 -9.79
N HIS E 184 -24.32 8.57 -10.79
CA HIS E 184 -23.02 8.61 -11.44
C HIS E 184 -22.17 9.70 -10.80
N ASP E 185 -20.93 9.33 -10.52
CA ASP E 185 -20.01 10.22 -9.81
C ASP E 185 -19.07 10.90 -10.84
N LEU E 186 -19.54 12.01 -11.37
CA LEU E 186 -18.84 12.69 -12.44
C LEU E 186 -17.47 13.23 -12.03
N SER E 187 -17.28 13.64 -10.77
CA SER E 187 -16.06 14.34 -10.38
C SER E 187 -15.01 13.31 -9.98
N ASN E 188 -15.35 12.05 -10.06
CA ASN E 188 -14.45 10.92 -9.73
C ASN E 188 -13.19 10.94 -10.63
N ARG E 189 -12.07 10.53 -10.04
CA ARG E 189 -10.79 10.38 -10.77
C ARG E 189 -10.86 9.53 -12.01
N GLU E 190 -11.80 8.62 -12.06
CA GLU E 190 -11.93 7.73 -13.22
C GLU E 190 -12.48 8.46 -14.44
N ASN E 191 -13.10 9.61 -14.26
CA ASN E 191 -13.57 10.42 -15.41
C ASN E 191 -12.51 11.48 -15.80
N GLN E 192 -11.79 11.23 -16.87
CA GLN E 192 -10.74 12.13 -17.36
C GLN E 192 -11.26 13.03 -18.51
N LEU E 193 -12.55 12.93 -18.83
CA LEU E 193 -13.17 13.75 -19.89
C LEU E 193 -13.49 15.15 -19.38
N ASP E 194 -14.68 15.34 -18.89
CA ASP E 194 -15.14 16.64 -18.40
C ASP E 194 -16.36 16.28 -17.59
N GLN E 195 -16.96 17.27 -16.93
CA GLN E 195 -18.00 17.02 -15.96
C GLN E 195 -19.43 16.92 -16.56
N ASN E 196 -19.58 15.97 -17.46
CA ASN E 196 -20.84 15.63 -18.13
C ASN E 196 -20.87 14.15 -18.37
N LEU E 197 -22.04 13.51 -18.22
CA LEU E 197 -22.20 12.09 -18.39
C LEU E 197 -22.30 11.70 -19.86
N ARG E 198 -21.54 10.68 -20.25
CA ARG E 198 -21.67 10.00 -21.52
C ARG E 198 -22.34 8.70 -21.29
N ARG E 199 -23.25 8.30 -22.17
CA ARG E 199 -23.93 7.04 -22.09
C ARG E 199 -23.82 6.40 -23.45
N TYR E 200 -22.91 5.46 -23.53
CA TYR E 200 -22.50 4.85 -24.84
C TYR E 200 -23.04 3.43 -24.90
N PHE E 201 -24.05 3.23 -25.76
CA PHE E 201 -24.75 1.97 -25.83
C PHE E 201 -24.26 1.11 -27.04
N LEU E 202 -24.29 -0.18 -26.82
CA LEU E 202 -23.93 -1.17 -27.84
C LEU E 202 -25.28 -1.65 -28.43
N GLY E 203 -25.81 -0.83 -29.36
CA GLY E 203 -27.12 -1.06 -29.91
C GLY E 203 -28.08 0.07 -29.55
N GLY E 204 -29.31 -0.01 -30.07
CA GLY E 204 -30.35 0.99 -29.70
C GLY E 204 -30.46 2.13 -30.67
N ASN E 205 -31.60 2.82 -30.61
CA ASN E 205 -31.84 3.98 -31.48
C ASN E 205 -33.04 4.77 -30.98
N GLN E 206 -33.02 6.04 -31.32
CA GLN E 206 -33.97 7.10 -30.91
C GLN E 206 -35.44 6.74 -31.07
N LYS E 207 -36.14 6.51 -29.95
CA LYS E 207 -37.56 6.10 -30.01
C LYS E 207 -38.48 7.28 -30.28
N ASN E 219 -27.87 19.06 -23.10
CA ASN E 219 -27.76 18.09 -24.21
C ASN E 219 -27.17 16.76 -23.70
N LEU E 220 -27.94 15.69 -23.81
CA LEU E 220 -27.53 14.38 -23.32
C LEU E 220 -26.60 13.71 -24.33
N LEU E 221 -25.45 13.27 -23.85
CA LEU E 221 -24.46 12.53 -24.66
C LEU E 221 -24.88 11.06 -24.57
N TRP E 222 -25.85 10.67 -25.39
CA TRP E 222 -26.49 9.37 -25.26
C TRP E 222 -26.49 8.85 -26.72
N ASN E 223 -25.86 7.71 -27.00
CA ASN E 223 -25.62 7.33 -28.39
C ASN E 223 -25.33 5.84 -28.51
N ASN E 224 -25.73 5.25 -29.63
CA ASN E 224 -25.30 3.88 -30.03
C ASN E 224 -23.96 4.02 -30.71
N VAL E 225 -22.89 3.46 -30.09
CA VAL E 225 -21.52 3.66 -30.50
C VAL E 225 -21.17 3.05 -31.86
N PHE E 226 -22.03 2.19 -32.35
CA PHE E 226 -21.84 1.60 -33.67
C PHE E 226 -22.24 2.60 -34.77
N GLN E 227 -23.16 3.50 -34.48
CA GLN E 227 -23.64 4.44 -35.50
C GLN E 227 -22.62 5.34 -36.16
N PRO E 228 -21.65 5.89 -35.41
CA PRO E 228 -20.61 6.67 -36.06
C PRO E 228 -19.45 5.85 -36.68
N LEU E 229 -19.64 4.57 -36.91
CA LEU E 229 -18.64 3.74 -37.56
C LEU E 229 -19.14 3.30 -38.94
N ASP E 230 -18.21 3.09 -39.81
CA ASP E 230 -18.51 2.74 -41.22
C ASP E 230 -18.85 1.28 -41.27
N PRO E 231 -20.04 0.91 -41.81
CA PRO E 231 -20.43 -0.46 -41.79
C PRO E 231 -19.46 -1.42 -42.51
N GLN E 232 -18.91 -1.04 -43.63
CA GLN E 232 -17.94 -1.93 -44.32
C GLN E 232 -16.62 -2.11 -43.51
N PHE E 233 -16.20 -1.02 -42.85
CA PHE E 233 -14.91 -1.03 -42.09
C PHE E 233 -15.04 -1.89 -40.86
N LEU E 234 -16.11 -1.63 -40.09
CA LEU E 234 -16.44 -2.41 -38.92
C LEU E 234 -16.73 -3.83 -39.26
N GLY E 235 -17.44 -4.03 -40.37
CA GLY E 235 -17.77 -5.38 -40.79
C GLY E 235 -16.51 -6.20 -41.13
N ARG E 236 -15.58 -5.57 -41.85
CA ARG E 236 -14.27 -6.23 -42.17
C ARG E 236 -13.54 -6.61 -40.82
N ALA E 237 -13.57 -5.70 -39.85
CA ALA E 237 -12.92 -6.03 -38.57
C ALA E 237 -13.59 -7.14 -37.88
N SER E 238 -14.93 -7.17 -37.91
CA SER E 238 -15.70 -8.14 -37.18
C SER E 238 -15.90 -9.46 -37.85
N GLY E 239 -15.51 -9.54 -39.12
CA GLY E 239 -15.74 -10.70 -39.94
C GLY E 239 -17.19 -10.99 -40.27
N VAL E 240 -18.00 -9.94 -40.33
CA VAL E 240 -19.41 -10.05 -40.75
C VAL E 240 -19.64 -9.01 -41.84
N ASN E 241 -20.71 -9.23 -42.63
CA ASN E 241 -21.08 -8.28 -43.67
C ASN E 241 -21.67 -7.01 -43.16
N SER E 242 -21.71 -5.98 -44.00
CA SER E 242 -22.20 -4.71 -43.54
C SER E 242 -23.67 -4.67 -43.27
N GLU E 243 -24.42 -5.62 -43.75
CA GLU E 243 -25.85 -5.77 -43.38
C GLU E 243 -26.05 -6.05 -41.91
N ILE E 244 -25.22 -6.89 -41.39
CA ILE E 244 -25.21 -7.22 -39.96
C ILE E 244 -24.77 -6.00 -39.17
N ILE E 245 -23.77 -5.28 -39.67
CA ILE E 245 -23.34 -4.06 -38.98
C ILE E 245 -24.48 -3.01 -38.93
N LYS E 246 -25.21 -2.87 -40.06
CA LYS E 246 -26.37 -1.98 -40.00
C LYS E 246 -27.42 -2.38 -38.96
N LYS E 247 -27.56 -3.67 -38.64
CA LYS E 247 -28.40 -4.13 -37.56
C LYS E 247 -27.85 -3.75 -36.16
N LEU E 248 -26.52 -3.80 -36.01
CA LEU E 248 -25.89 -3.25 -34.78
C LEU E 248 -26.17 -1.78 -34.64
N GLN E 249 -26.16 -1.06 -35.75
CA GLN E 249 -26.53 0.33 -35.84
C GLN E 249 -28.05 0.70 -35.64
N SER E 250 -28.84 -0.33 -35.51
CA SER E 250 -30.27 -0.29 -35.24
C SER E 250 -30.92 0.48 -36.41
N GLU E 251 -30.58 0.11 -37.63
CA GLU E 251 -31.07 0.90 -38.79
C GLU E 251 -32.57 0.58 -38.89
N ASN E 252 -33.41 1.61 -38.99
CA ASN E 252 -34.89 1.47 -39.06
C ASN E 252 -35.48 0.65 -37.88
N ASP E 253 -34.84 0.75 -36.72
CA ASP E 253 -35.23 0.00 -35.53
C ASP E 253 -35.18 1.01 -34.40
N PHE E 254 -36.35 1.45 -33.98
CA PHE E 254 -36.53 2.60 -33.06
C PHE E 254 -37.29 2.20 -31.76
N ARG E 255 -36.75 1.25 -31.03
CA ARG E 255 -37.30 0.80 -29.81
C ARG E 255 -36.69 1.48 -28.57
N GLY E 256 -35.77 2.40 -28.81
CA GLY E 256 -35.02 3.09 -27.76
C GLY E 256 -34.07 2.13 -27.10
N TYR E 257 -33.91 2.24 -25.78
CA TYR E 257 -32.82 1.55 -25.08
C TYR E 257 -33.25 0.52 -24.05
N MET E 258 -34.53 0.12 -24.07
CA MET E 258 -35.03 -0.97 -23.35
C MET E 258 -35.99 -1.63 -24.31
N VAL E 259 -35.78 -2.94 -24.52
CA VAL E 259 -36.51 -3.66 -25.53
C VAL E 259 -37.23 -4.80 -24.93
N ARG E 260 -38.41 -5.07 -25.50
CA ARG E 260 -39.14 -6.16 -25.05
C ARG E 260 -38.61 -7.47 -25.64
N VAL E 261 -38.48 -8.46 -24.76
CA VAL E 261 -38.10 -9.83 -25.10
C VAL E 261 -39.32 -10.75 -24.92
N ARG E 262 -40.03 -10.91 -26.03
CA ARG E 262 -41.42 -11.43 -25.97
C ARG E 262 -41.52 -12.73 -25.19
N ASP E 263 -40.61 -13.66 -25.46
CA ASP E 263 -40.67 -15.01 -24.93
C ASP E 263 -39.70 -15.24 -23.77
N GLY E 264 -39.16 -14.18 -23.17
CA GLY E 264 -38.15 -14.34 -22.10
C GLY E 264 -36.73 -14.47 -22.63
N LEU E 265 -35.81 -13.85 -21.91
CA LEU E 265 -34.39 -13.90 -22.27
C LEU E 265 -33.79 -15.24 -21.91
N ARG E 266 -33.04 -15.82 -22.83
CA ARG E 266 -32.45 -17.12 -22.65
C ARG E 266 -30.95 -16.93 -22.34
N LEU E 267 -30.51 -17.39 -21.18
CA LEU E 267 -29.14 -17.14 -20.68
C LEU E 267 -28.62 -18.39 -20.15
N VAL E 268 -27.32 -18.44 -19.91
CA VAL E 268 -26.75 -19.57 -19.21
C VAL E 268 -26.73 -19.22 -17.74
N ARG E 269 -27.54 -19.93 -16.95
CA ARG E 269 -27.81 -19.59 -15.53
C ARG E 269 -27.75 -20.85 -14.69
N PRO E 270 -27.09 -20.77 -13.50
CA PRO E 270 -26.98 -21.97 -12.72
C PRO E 270 -28.30 -22.51 -12.30
N SER E 271 -28.28 -23.84 -12.30
CA SER E 271 -29.41 -24.68 -12.11
C SER E 271 -29.53 -25.00 -10.60
N SER E 272 -30.73 -25.40 -10.20
CA SER E 272 -30.96 -25.96 -8.87
C SER E 272 -29.95 -27.06 -8.50
N GLU E 273 -29.43 -26.99 -7.27
CA GLU E 273 -28.44 -27.99 -6.77
C GLU E 273 -28.95 -28.62 -5.45
N GLU E 274 -29.91 -29.56 -5.58
CA GLU E 274 -30.62 -30.14 -4.42
C GLU E 274 -30.32 -31.62 -4.27
N GLY E 285 -6.67 -19.87 -11.54
CA GLY E 285 -5.93 -18.68 -11.95
C GLY E 285 -6.65 -17.36 -11.65
N TYR E 286 -6.37 -16.32 -12.44
CA TYR E 286 -6.96 -15.00 -12.23
C TYR E 286 -8.47 -14.98 -12.42
N GLU E 287 -8.99 -15.94 -13.19
CA GLU E 287 -10.43 -16.11 -13.31
C GLU E 287 -11.14 -16.38 -11.97
N GLU E 288 -10.42 -16.91 -10.97
CA GLU E 288 -10.99 -17.18 -9.64
C GLU E 288 -10.86 -16.00 -8.67
N THR E 289 -10.15 -14.95 -9.04
CA THR E 289 -9.87 -13.87 -8.08
C THR E 289 -10.35 -12.58 -8.71
N LEU E 290 -9.47 -11.93 -9.49
CA LEU E 290 -9.76 -10.61 -10.01
C LEU E 290 -11.06 -10.54 -10.84
N CYS E 291 -11.31 -11.62 -11.59
CA CYS E 291 -12.45 -11.64 -12.50
C CYS E 291 -13.76 -11.90 -11.71
N THR E 292 -13.67 -12.28 -10.44
CA THR E 292 -14.79 -12.57 -9.56
C THR E 292 -15.22 -11.48 -8.65
N VAL E 293 -14.65 -10.31 -8.77
CA VAL E 293 -14.90 -9.19 -7.78
C VAL E 293 -16.41 -9.05 -7.51
N ARG E 294 -16.78 -8.97 -6.24
N ARG E 294 -16.76 -8.94 -6.23
CA ARG E 294 -18.15 -8.69 -5.85
CA ARG E 294 -18.17 -8.73 -5.86
C ARG E 294 -18.54 -7.31 -6.31
C ARG E 294 -18.58 -7.31 -6.22
N ILE E 295 -19.75 -7.16 -6.86
CA ILE E 295 -20.23 -5.86 -7.31
C ILE E 295 -21.39 -5.29 -6.51
N LYS E 296 -21.97 -6.04 -5.62
CA LYS E 296 -23.10 -5.54 -4.88
C LYS E 296 -23.29 -6.14 -3.52
N GLU E 297 -24.12 -5.47 -2.72
CA GLU E 297 -24.55 -5.97 -1.45
C GLU E 297 -25.98 -5.51 -1.20
N ASN E 298 -26.77 -6.33 -0.53
CA ASN E 298 -28.14 -5.98 -0.22
C ASN E 298 -28.26 -5.32 1.15
N LEU E 299 -28.93 -4.17 1.18
CA LEU E 299 -29.09 -3.38 2.40
C LEU E 299 -30.43 -3.44 3.02
N LEU E 300 -31.33 -4.25 2.44
CA LEU E 300 -32.73 -4.23 2.91
C LEU E 300 -33.04 -4.90 4.24
N ASN E 301 -32.46 -6.05 4.48
CA ASN E 301 -32.82 -6.80 5.68
C ASN E 301 -32.54 -5.96 6.95
N PRO E 302 -33.54 -5.66 7.82
CA PRO E 302 -33.13 -4.97 9.11
C PRO E 302 -32.03 -5.76 9.87
N GLU E 303 -31.90 -7.07 9.64
CA GLU E 303 -30.79 -7.84 10.25
C GLU E 303 -29.39 -7.33 9.81
N ARG E 304 -29.35 -6.64 8.70
CA ARG E 304 -28.08 -6.10 8.09
C ARG E 304 -27.62 -4.76 8.78
N ALA E 305 -28.47 -4.20 9.62
CA ALA E 305 -28.22 -3.00 10.32
C ALA E 305 -26.86 -3.06 11.04
N ASP E 306 -26.19 -1.97 10.94
CA ASP E 306 -25.02 -1.68 11.69
C ASP E 306 -25.29 -0.92 12.96
N ILE E 307 -26.26 -0.01 12.90
CA ILE E 307 -26.76 0.77 14.05
C ILE E 307 -28.24 0.48 14.17
N TYR E 308 -28.72 0.10 15.37
CA TYR E 308 -30.14 -0.12 15.60
C TYR E 308 -30.48 0.50 16.94
N THR E 309 -31.51 1.33 16.95
CA THR E 309 -32.13 1.77 18.22
C THR E 309 -33.56 1.24 18.23
N SER E 310 -33.85 0.40 19.24
CA SER E 310 -35.21 -0.09 19.43
C SER E 310 -36.20 1.13 19.45
N ARG E 311 -37.28 1.03 18.66
CA ARG E 311 -38.34 2.07 18.46
C ARG E 311 -37.92 3.26 17.63
N GLY E 312 -36.65 3.24 17.19
CA GLY E 312 -36.05 4.34 16.43
C GLY E 312 -35.80 3.95 14.99
N GLY E 313 -35.10 2.88 14.76
CA GLY E 313 -34.78 2.50 13.38
C GLY E 313 -33.37 1.94 13.23
N THR E 314 -32.96 1.87 11.96
CA THR E 314 -31.65 1.33 11.57
C THR E 314 -30.89 2.19 10.63
N VAL E 315 -29.56 2.05 10.71
CA VAL E 315 -28.70 2.48 9.64
C VAL E 315 -27.89 1.29 9.20
N SER E 316 -27.75 1.14 7.88
CA SER E 316 -27.05 0.00 7.28
C SER E 316 -26.09 0.56 6.30
N THR E 317 -24.78 0.44 6.62
CA THR E 317 -23.76 1.20 5.92
C THR E 317 -23.04 0.29 4.93
N LEU E 318 -22.53 0.87 3.86
CA LEU E 318 -21.86 0.10 2.78
C LEU E 318 -20.64 0.84 2.36
N ASN E 319 -19.50 0.35 2.82
CA ASN E 319 -18.21 0.99 2.57
C ASN E 319 -17.24 -0.06 2.20
N SER E 320 -15.99 0.35 2.03
CA SER E 320 -14.96 -0.58 1.55
C SER E 320 -14.49 -1.57 2.60
N TYR E 321 -14.96 -1.44 3.83
CA TYR E 321 -14.79 -2.53 4.80
C TYR E 321 -15.78 -3.68 4.62
N ASN E 322 -16.80 -3.43 3.81
N ASN E 322 -16.63 -3.55 3.63
CA ASN E 322 -17.83 -4.38 3.40
CA ASN E 322 -17.66 -4.48 3.41
C ASN E 322 -17.58 -4.89 1.98
C ASN E 322 -17.78 -4.89 1.96
N LEU E 323 -17.56 -3.95 1.03
CA LEU E 323 -17.55 -4.26 -0.40
C LEU E 323 -16.25 -3.72 -0.99
N PRO E 324 -15.29 -4.59 -1.35
CA PRO E 324 -13.90 -4.13 -1.65
C PRO E 324 -13.81 -3.17 -2.80
N ILE E 325 -14.64 -3.35 -3.81
CA ILE E 325 -14.50 -2.50 -4.99
C ILE E 325 -14.78 -1.01 -4.69
N LEU E 326 -15.47 -0.72 -3.61
CA LEU E 326 -15.76 0.68 -3.28
C LEU E 326 -14.49 1.44 -2.92
N ARG E 327 -13.46 0.75 -2.48
CA ARG E 327 -12.15 1.43 -2.24
C ARG E 327 -11.62 2.06 -3.51
N LYS E 328 -11.63 1.29 -4.60
CA LYS E 328 -11.28 1.78 -5.94
C LYS E 328 -12.17 2.93 -6.40
N LEU E 329 -13.47 2.77 -6.21
CA LEU E 329 -14.38 3.75 -6.69
C LEU E 329 -14.58 5.02 -5.86
N GLN E 330 -14.17 4.99 -4.59
CA GLN E 330 -14.23 6.15 -3.73
C GLN E 330 -15.66 6.60 -3.54
N LEU E 331 -16.52 5.59 -3.30
CA LEU E 331 -17.97 5.74 -3.05
C LEU E 331 -18.40 4.83 -1.90
N SER E 332 -19.41 5.30 -1.16
CA SER E 332 -20.08 4.48 -0.16
C SER E 332 -21.53 4.79 -0.20
N ALA E 333 -22.31 3.97 0.53
CA ALA E 333 -23.78 4.16 0.56
C ALA E 333 -24.28 3.78 1.93
N ASN E 334 -25.52 4.10 2.20
CA ASN E 334 -26.20 3.49 3.34
C ASN E 334 -27.68 3.41 3.09
N ARG E 335 -28.33 2.67 3.95
CA ARG E 335 -29.82 2.71 4.00
C ARG E 335 -30.23 3.09 5.42
N GLU E 336 -31.10 4.09 5.54
CA GLU E 336 -31.67 4.56 6.81
C GLU E 336 -33.18 4.23 6.80
N TYR E 337 -33.61 3.59 7.89
CA TYR E 337 -35.01 3.29 8.13
C TYR E 337 -35.36 3.91 9.46
N LEU E 338 -36.31 4.83 9.44
CA LEU E 338 -36.79 5.43 10.66
C LEU E 338 -38.27 5.15 10.90
N TYR E 339 -38.56 4.70 12.11
CA TYR E 339 -39.96 4.54 12.57
C TYR E 339 -40.59 5.89 12.68
N PRO E 340 -41.97 5.96 12.65
CA PRO E 340 -42.60 7.28 12.83
C PRO E 340 -42.05 8.15 13.94
N ASN E 341 -41.81 9.43 13.64
CA ASN E 341 -41.29 10.45 14.52
C ASN E 341 -39.87 10.27 15.00
N ALA E 342 -39.18 9.23 14.52
CA ALA E 342 -37.80 9.00 14.97
C ALA E 342 -36.83 9.89 14.18
N MET E 343 -35.63 10.08 14.70
CA MET E 343 -34.68 11.02 14.12
C MET E 343 -33.34 10.39 13.92
N ILE E 344 -32.57 10.97 12.99
CA ILE E 344 -31.14 10.69 12.95
C ILE E 344 -30.52 11.93 13.62
N VAL E 345 -29.54 11.71 14.53
CA VAL E 345 -28.95 12.83 15.18
C VAL E 345 -28.53 13.95 14.21
N PRO E 346 -28.60 15.22 14.59
CA PRO E 346 -27.99 16.30 13.86
C PRO E 346 -26.50 16.06 13.70
N GLU E 347 -26.04 16.37 12.53
CA GLU E 347 -24.73 15.95 12.13
C GLU E 347 -24.25 16.67 10.91
N TRP E 348 -23.00 16.42 10.53
CA TRP E 348 -22.48 16.79 9.23
C TRP E 348 -21.61 15.69 8.67
N ASN E 349 -21.45 15.73 7.36
CA ASN E 349 -20.63 14.77 6.63
C ASN E 349 -19.26 15.40 6.56
N ASN E 350 -18.27 14.71 7.12
CA ASN E 350 -16.96 15.30 7.29
C ASN E 350 -16.01 15.13 6.08
N ASN E 351 -16.27 14.19 5.19
CA ASN E 351 -15.36 13.91 4.09
C ASN E 351 -16.08 13.55 2.79
N ALA E 352 -17.34 14.04 2.59
CA ALA E 352 -18.08 13.64 1.39
C ALA E 352 -19.36 14.48 1.30
N HIS E 353 -19.91 14.50 0.10
CA HIS E 353 -21.27 14.95 -0.10
C HIS E 353 -22.21 13.79 0.02
N SER E 354 -23.47 14.06 0.43
CA SER E 354 -24.52 13.06 0.57
C SER E 354 -25.58 13.28 -0.51
N ILE E 355 -26.00 12.22 -1.14
CA ILE E 355 -27.05 12.27 -2.17
C ILE E 355 -28.08 11.22 -1.74
N SER E 356 -29.21 11.71 -1.22
CA SER E 356 -30.23 10.81 -0.69
C SER E 356 -31.46 10.70 -1.58
N TYR E 357 -32.04 9.52 -1.55
CA TYR E 357 -33.31 9.21 -2.33
C TYR E 357 -34.25 8.62 -1.36
N VAL E 358 -35.48 9.21 -1.34
CA VAL E 358 -36.51 8.71 -0.52
C VAL E 358 -37.32 7.54 -1.14
N THR E 359 -37.16 6.36 -0.63
CA THR E 359 -37.86 5.21 -1.20
C THR E 359 -39.23 4.97 -0.57
N ARG E 360 -39.45 5.44 0.63
CA ARG E 360 -40.69 5.16 1.33
C ARG E 360 -40.94 6.21 2.36
N GLY E 361 -42.21 6.59 2.52
CA GLY E 361 -42.59 7.54 3.57
C GLY E 361 -42.19 8.98 3.33
N SER E 362 -41.86 9.68 4.41
CA SER E 362 -41.67 11.08 4.34
C SER E 362 -41.05 11.54 5.65
N GLY E 363 -40.52 12.72 5.61
CA GLY E 363 -40.08 13.40 6.85
C GLY E 363 -39.70 14.81 6.70
N ARG E 364 -39.19 15.35 7.78
CA ARG E 364 -38.76 16.71 7.83
C ARG E 364 -37.24 16.68 7.81
N LEU E 365 -36.69 17.51 6.94
CA LEU E 365 -35.25 17.72 6.79
C LEU E 365 -34.95 19.20 6.99
N GLN E 366 -33.94 19.48 7.80
CA GLN E 366 -33.44 20.79 7.94
C GLN E 366 -31.96 20.79 7.69
N VAL E 367 -31.49 21.75 6.89
CA VAL E 367 -30.08 21.93 6.53
C VAL E 367 -29.62 23.35 6.87
N GLY E 368 -28.44 23.46 7.49
CA GLY E 368 -27.75 24.73 7.75
C GLY E 368 -26.46 24.75 7.00
N GLY E 369 -26.09 25.91 6.53
CA GLY E 369 -24.80 26.08 5.84
C GLY E 369 -24.03 27.21 6.49
N SER E 370 -23.60 28.13 5.63
CA SER E 370 -22.75 29.22 5.98
C SER E 370 -23.46 30.46 6.56
N SER E 371 -24.76 30.56 6.41
CA SER E 371 -25.43 31.82 6.74
C SER E 371 -26.27 31.59 7.97
N LYS E 372 -26.69 32.68 8.58
CA LYS E 372 -27.54 32.58 9.75
C LYS E 372 -28.93 32.07 9.35
N SER E 373 -29.27 32.09 8.07
CA SER E 373 -30.58 31.60 7.59
C SER E 373 -30.51 30.14 7.10
N THR E 374 -31.59 29.40 7.34
CA THR E 374 -31.57 27.99 7.02
C THR E 374 -31.45 27.84 5.50
N VAL E 375 -30.77 26.78 5.06
CA VAL E 375 -30.57 26.45 3.65
C VAL E 375 -31.78 25.62 3.13
N TYR E 376 -32.40 24.85 4.00
CA TYR E 376 -33.68 24.16 3.73
C TYR E 376 -34.32 23.75 5.04
N ASP E 377 -35.66 23.87 5.09
CA ASP E 377 -36.43 23.35 6.17
C ASP E 377 -37.79 23.04 5.62
N GLY E 378 -38.05 21.74 5.48
CA GLY E 378 -39.24 21.27 4.84
C GLY E 378 -39.34 19.81 4.74
N ASP E 379 -40.39 19.32 4.04
CA ASP E 379 -40.54 17.93 3.94
C ASP E 379 -39.69 17.29 2.83
N VAL E 380 -39.38 16.02 3.02
CA VAL E 380 -38.94 15.17 1.93
C VAL E 380 -39.92 14.01 1.72
N ARG E 381 -40.15 13.66 0.46
CA ARG E 381 -41.18 12.69 0.13
C ARG E 381 -40.66 11.65 -0.86
N GLN E 382 -41.35 10.51 -0.93
CA GLN E 382 -41.03 9.42 -1.84
C GLN E 382 -40.79 9.88 -3.24
N GLY E 383 -39.67 9.44 -3.79
CA GLY E 383 -39.27 9.80 -5.13
C GLY E 383 -38.47 11.03 -5.30
N GLN E 384 -38.14 11.74 -4.21
CA GLN E 384 -37.35 12.94 -4.27
C GLN E 384 -35.88 12.56 -3.90
N LEU E 385 -35.03 13.32 -4.50
CA LEU E 385 -33.61 13.33 -4.30
C LEU E 385 -33.21 14.59 -3.59
N PHE E 386 -32.36 14.45 -2.56
CA PHE E 386 -31.79 15.59 -1.88
C PHE E 386 -30.29 15.47 -1.63
N ILE E 387 -29.63 16.58 -1.82
CA ILE E 387 -28.15 16.69 -1.73
C ILE E 387 -27.84 17.50 -0.48
N ILE E 388 -26.98 16.93 0.36
CA ILE E 388 -26.40 17.63 1.49
C ILE E 388 -24.88 17.71 1.29
N PRO E 389 -24.35 18.87 0.97
CA PRO E 389 -22.94 18.91 0.70
C PRO E 389 -22.12 18.71 1.99
N GLN E 390 -20.90 18.30 1.78
CA GLN E 390 -19.89 18.28 2.83
C GLN E 390 -20.01 19.45 3.82
N ASN E 391 -19.97 19.08 5.11
CA ASN E 391 -19.90 20.03 6.23
C ASN E 391 -21.17 20.80 6.57
N TYR E 392 -22.16 20.80 5.66
CA TYR E 392 -23.47 21.38 6.03
C TYR E 392 -24.12 20.54 7.12
N VAL E 393 -24.73 21.22 8.12
CA VAL E 393 -25.32 20.56 9.26
C VAL E 393 -26.72 20.16 8.89
N TYR E 394 -27.15 18.96 9.25
CA TYR E 394 -28.50 18.52 8.98
C TYR E 394 -29.16 17.74 10.06
N LEU E 395 -30.51 17.84 10.06
CA LEU E 395 -31.34 17.12 11.02
C LEU E 395 -32.51 16.51 10.24
N LYS E 396 -32.92 15.32 10.61
CA LYS E 396 -33.98 14.60 9.90
C LYS E 396 -34.91 13.96 10.90
N GLN E 397 -36.21 14.08 10.66
CA GLN E 397 -37.22 13.42 11.48
C GLN E 397 -38.24 12.75 10.61
N ALA E 398 -38.53 11.46 10.83
CA ALA E 398 -39.56 10.77 10.04
C ALA E 398 -40.92 11.31 10.35
N GLY E 399 -41.77 11.29 9.34
CA GLY E 399 -43.17 11.62 9.54
C GLY E 399 -44.00 10.45 10.06
N PRO E 400 -45.33 10.62 10.00
CA PRO E 400 -46.20 9.62 10.62
C PRO E 400 -46.19 8.22 10.02
N GLN E 401 -45.76 8.09 8.76
CA GLN E 401 -45.59 6.78 8.09
C GLN E 401 -44.13 6.23 8.13
N GLY E 402 -43.26 6.81 8.95
CA GLY E 402 -41.83 6.40 8.95
C GLY E 402 -41.15 6.94 7.70
N LEU E 403 -39.87 6.62 7.54
CA LEU E 403 -39.06 7.15 6.46
C LEU E 403 -37.97 6.13 6.09
N GLU E 404 -37.83 5.84 4.82
CA GLU E 404 -36.73 4.99 4.30
C GLU E 404 -36.00 5.82 3.28
N LEU E 405 -34.67 5.90 3.42
CA LEU E 405 -33.74 6.67 2.56
C LEU E 405 -32.61 5.71 2.11
N TYR E 406 -32.22 5.77 0.87
CA TYR E 406 -30.88 5.29 0.50
C TYR E 406 -30.04 6.49 0.18
N THR E 407 -28.74 6.47 0.59
CA THR E 407 -27.84 7.59 0.38
C THR E 407 -26.55 7.10 -0.27
N VAL E 408 -26.09 7.85 -1.26
CA VAL E 408 -24.76 7.69 -1.85
C VAL E 408 -23.88 8.83 -1.31
N LYS E 409 -22.66 8.48 -0.91
CA LYS E 409 -21.68 9.44 -0.45
C LYS E 409 -20.40 9.41 -1.22
N THR E 410 -19.85 10.58 -1.53
CA THR E 410 -18.68 10.72 -2.42
C THR E 410 -17.33 10.51 -1.74
N ASN E 411 -17.24 9.45 -1.00
CA ASN E 411 -15.98 8.96 -0.54
C ASN E 411 -16.10 7.52 -0.12
N ASP E 412 -14.94 6.91 -0.32
CA ASP E 412 -14.49 5.80 0.36
C ASP E 412 -14.53 6.28 1.87
N ARG E 413 -15.17 5.39 2.62
CA ARG E 413 -15.24 5.38 4.08
C ARG E 413 -15.77 6.70 4.59
N ALA E 414 -16.87 7.10 3.95
CA ALA E 414 -17.50 8.35 4.34
C ALA E 414 -17.96 8.32 5.75
N LYS E 415 -17.71 9.41 6.45
CA LYS E 415 -18.12 9.47 7.86
C LYS E 415 -18.81 10.76 8.20
N ALA E 416 -19.70 10.64 9.19
CA ALA E 416 -20.49 11.72 9.73
C ALA E 416 -20.06 12.04 11.15
N THR E 417 -20.24 13.29 11.53
CA THR E 417 -19.94 13.72 12.87
C THR E 417 -21.23 14.14 13.51
N ALA E 418 -21.44 13.65 14.73
CA ALA E 418 -22.71 13.83 15.43
C ALA E 418 -22.62 14.99 16.40
N LEU E 419 -23.68 15.72 16.54
CA LEU E 419 -23.86 16.76 17.54
C LEU E 419 -24.68 16.31 18.74
N VAL E 420 -25.20 15.10 18.75
CA VAL E 420 -26.05 14.59 19.80
C VAL E 420 -25.71 13.08 19.94
N GLY E 421 -25.74 12.62 21.17
CA GLY E 421 -25.63 11.22 21.51
C GLY E 421 -24.26 10.81 21.90
N ARG E 422 -24.05 9.54 22.05
CA ARG E 422 -22.82 9.08 22.67
C ARG E 422 -21.58 9.32 21.86
N THR E 423 -21.68 9.48 20.54
CA THR E 423 -20.50 9.74 19.75
C THR E 423 -20.39 11.23 19.46
N SER E 424 -21.12 12.07 20.19
CA SER E 424 -21.17 13.48 19.88
C SER E 424 -19.88 14.21 20.03
N VAL E 425 -19.71 15.25 19.22
CA VAL E 425 -18.64 16.19 19.43
C VAL E 425 -18.86 17.00 20.73
N ILE E 426 -20.11 17.20 21.15
CA ILE E 426 -20.39 17.88 22.42
C ILE E 426 -19.78 17.15 23.62
N ARG E 427 -19.89 15.84 23.67
N ARG E 427 -19.90 15.84 23.65
CA ARG E 427 -19.30 15.07 24.78
CA ARG E 427 -19.29 15.03 24.71
C ARG E 427 -17.79 15.02 24.73
C ARG E 427 -17.80 15.14 24.72
N ALA E 428 -17.22 15.14 23.55
CA ALA E 428 -15.77 15.11 23.41
C ALA E 428 -15.07 16.37 23.85
N VAL E 429 -15.80 17.48 23.82
CA VAL E 429 -15.28 18.76 24.27
C VAL E 429 -15.53 18.96 25.76
N PRO E 430 -14.56 19.57 26.47
CA PRO E 430 -14.78 19.69 27.93
C PRO E 430 -16.01 20.47 28.31
N LEU E 431 -16.72 20.03 29.34
CA LEU E 431 -17.90 20.76 29.83
C LEU E 431 -17.74 22.25 29.99
N ASP E 432 -16.58 22.65 30.54
CA ASP E 432 -16.29 24.06 30.83
C ASP E 432 -16.08 24.91 29.60
N VAL E 433 -15.67 24.27 28.50
CA VAL E 433 -15.70 24.99 27.23
C VAL E 433 -17.11 25.43 26.87
N TRP E 434 -18.03 24.49 26.87
CA TRP E 434 -19.44 24.86 26.53
C TRP E 434 -20.02 25.83 27.54
N ILE E 435 -19.77 25.60 28.83
CA ILE E 435 -20.29 26.52 29.85
C ILE E 435 -19.83 27.97 29.49
N ASN E 436 -18.57 28.17 29.10
CA ASN E 436 -18.09 29.48 28.75
C ASN E 436 -18.58 29.98 27.40
N VAL E 437 -18.60 29.11 26.41
CA VAL E 437 -19.06 29.56 25.08
C VAL E 437 -20.53 29.96 25.04
N PHE E 438 -21.41 29.21 25.71
CA PHE E 438 -22.85 29.43 25.66
C PHE E 438 -23.40 30.08 26.94
N GLN E 439 -22.53 30.36 27.91
CA GLN E 439 -22.97 30.89 29.20
C GLN E 439 -24.04 30.01 29.90
N LEU E 440 -23.75 28.72 29.98
CA LEU E 440 -24.63 27.71 30.52
C LEU E 440 -24.44 27.63 32.01
N THR E 441 -25.46 27.13 32.66
CA THR E 441 -25.30 26.67 34.04
C THR E 441 -24.61 25.33 33.94
N GLN E 442 -24.07 24.87 35.04
CA GLN E 442 -23.44 23.56 35.03
C GLN E 442 -24.49 22.43 34.69
N ASP E 443 -25.73 22.58 35.20
CA ASP E 443 -26.79 21.61 34.85
C ASP E 443 -27.15 21.64 33.35
N GLU E 444 -27.17 22.82 32.72
CA GLU E 444 -27.45 22.94 31.33
C GLU E 444 -26.40 22.25 30.52
N ALA E 445 -25.14 22.45 30.86
CA ALA E 445 -24.06 21.79 30.13
C ALA E 445 -24.12 20.27 30.23
N ARG E 446 -24.36 19.78 31.43
CA ARG E 446 -24.46 18.32 31.65
C ARG E 446 -25.65 17.79 30.88
N SER E 447 -26.76 18.52 30.88
CA SER E 447 -27.93 18.09 30.06
C SER E 447 -27.57 18.01 28.60
N LEU E 448 -26.85 19.00 28.08
CA LEU E 448 -26.46 18.97 26.70
C LEU E 448 -25.58 17.77 26.34
N LYS E 449 -24.61 17.40 27.21
CA LYS E 449 -23.79 16.24 26.94
C LYS E 449 -24.60 14.96 26.97
N TYR E 450 -25.46 14.82 27.99
CA TYR E 450 -25.88 13.49 28.50
C TYR E 450 -27.37 13.16 28.33
N ASN E 451 -28.20 14.11 27.90
CA ASN E 451 -29.64 13.79 27.86
C ASN E 451 -30.01 12.71 26.84
N ARG E 452 -29.36 12.62 25.68
CA ARG E 452 -29.57 11.49 24.73
C ARG E 452 -28.49 10.47 24.93
N GLU E 453 -28.88 9.25 25.28
CA GLU E 453 -27.89 8.21 25.45
C GLU E 453 -27.75 7.37 24.18
N GLU E 454 -28.55 7.63 23.15
CA GLU E 454 -28.38 6.95 21.84
C GLU E 454 -27.11 7.27 21.07
N ILE E 455 -26.73 6.32 20.18
CA ILE E 455 -25.80 6.56 19.13
C ILE E 455 -26.61 6.59 17.85
N THR E 456 -26.61 7.76 17.22
CA THR E 456 -27.05 8.03 15.85
C THR E 456 -28.57 7.96 15.55
N VAL E 457 -29.20 6.84 15.88
CA VAL E 457 -30.69 6.71 15.63
C VAL E 457 -31.38 7.05 17.00
N LEU E 458 -32.28 8.02 16.97
CA LEU E 458 -32.93 8.52 18.17
C LEU E 458 -34.36 7.94 18.27
N ASP E 459 -34.63 7.46 19.47
CA ASP E 459 -35.88 6.86 19.93
C ASP E 459 -36.83 8.01 20.15
N PRO E 460 -38.04 7.97 19.53
CA PRO E 460 -38.93 9.11 19.63
C PRO E 460 -39.55 9.35 21.01
N GLU E 461 -39.51 8.39 21.92
CA GLU E 461 -39.90 8.62 23.33
C GLU E 461 -38.74 9.16 24.18
N SER F 27 -2.75 25.88 -8.39
CA SER F 27 -2.85 24.86 -7.32
C SER F 27 -3.14 23.45 -7.90
N ARG F 28 -3.32 22.48 -7.00
CA ARG F 28 -3.78 21.19 -7.38
C ARG F 28 -5.09 21.26 -8.13
N GLN F 29 -5.91 22.27 -7.90
CA GLN F 29 -7.23 22.35 -8.48
C GLN F 29 -7.19 23.29 -9.65
N SER F 30 -7.11 22.72 -10.85
CA SER F 30 -6.96 23.50 -12.05
C SER F 30 -7.89 23.05 -13.13
N SER F 31 -7.72 23.62 -14.32
N SER F 31 -7.71 23.62 -14.31
CA SER F 31 -8.54 23.25 -15.47
CA SER F 31 -8.53 23.31 -15.48
C SER F 31 -7.96 23.99 -16.71
C SER F 31 -7.91 23.97 -16.72
N PRO F 32 -8.29 23.51 -17.92
CA PRO F 32 -7.71 24.16 -19.14
C PRO F 32 -8.36 25.52 -19.38
N GLN F 33 -7.62 26.39 -20.05
CA GLN F 33 -8.18 27.64 -20.67
C GLN F 33 -9.60 27.50 -21.27
N SER F 34 -9.80 26.60 -22.23
CA SER F 34 -11.10 26.43 -22.91
C SER F 34 -11.95 25.27 -22.32
N GLY F 40 -22.46 17.80 -22.39
CA GLY F 40 -21.52 18.77 -22.89
C GLY F 40 -22.20 20.09 -23.23
N ILE F 41 -21.49 21.12 -23.70
CA ILE F 41 -20.19 21.01 -24.36
C ILE F 41 -19.01 21.38 -23.40
N GLY F 42 -18.59 20.37 -22.69
CA GLY F 42 -17.38 20.42 -21.92
C GLY F 42 -16.16 20.28 -22.79
N GLU F 43 -15.03 20.25 -22.11
CA GLU F 43 -13.79 20.41 -22.84
C GLU F 43 -13.36 19.18 -23.64
N CYS F 44 -13.95 18.03 -23.33
CA CYS F 44 -13.70 16.77 -24.02
C CYS F 44 -14.90 16.31 -24.87
N ASP F 45 -15.86 17.21 -25.11
CA ASP F 45 -17.02 16.85 -25.95
C ASP F 45 -16.65 17.29 -27.34
N LEU F 46 -15.90 16.42 -28.02
CA LEU F 46 -15.23 16.74 -29.27
C LEU F 46 -16.06 16.10 -30.40
N GLN F 47 -16.50 16.94 -31.30
CA GLN F 47 -17.28 16.48 -32.46
C GLN F 47 -16.37 16.01 -33.57
N ARG F 48 -15.17 16.59 -33.63
CA ARG F 48 -14.13 16.15 -34.57
C ARG F 48 -12.79 15.98 -33.88
N VAL F 49 -12.02 14.99 -34.34
CA VAL F 49 -10.61 14.91 -34.01
C VAL F 49 -9.92 14.81 -35.37
N ASN F 50 -8.72 15.32 -35.45
CA ASN F 50 -7.97 15.23 -36.68
C ASN F 50 -6.58 14.83 -36.26
N PRO F 51 -5.88 14.08 -37.12
CA PRO F 51 -4.44 13.99 -36.90
C PRO F 51 -3.82 15.32 -37.10
N LEU F 52 -2.81 15.59 -36.28
CA LEU F 52 -2.23 16.90 -36.17
C LEU F 52 -0.77 16.90 -36.50
N GLU F 53 -0.31 17.98 -37.10
CA GLU F 53 1.10 18.27 -37.29
C GLU F 53 1.57 19.38 -36.39
N PRO F 54 2.91 19.47 -36.11
CA PRO F 54 3.31 20.54 -35.26
C PRO F 54 3.01 21.90 -35.87
N ALA F 55 2.81 22.90 -35.01
CA ALA F 55 2.35 24.23 -35.46
C ALA F 55 3.42 25.29 -35.34
N HIS F 56 4.56 25.00 -34.71
CA HIS F 56 5.59 26.05 -34.50
C HIS F 56 6.95 25.33 -34.45
N ARG F 57 8.01 25.95 -34.99
N ARG F 57 8.05 25.98 -34.89
CA ARG F 57 9.33 25.36 -34.92
CA ARG F 57 9.36 25.34 -35.03
C ARG F 57 10.23 26.39 -34.31
C ARG F 57 10.53 26.22 -34.58
N ILE F 58 11.06 25.94 -33.38
CA ILE F 58 12.05 26.76 -32.72
C ILE F 58 13.40 26.29 -33.17
N GLN F 59 14.20 27.20 -33.74
CA GLN F 59 15.52 26.85 -34.25
C GLN F 59 16.56 27.03 -33.16
N HIS F 60 17.45 26.05 -33.01
CA HIS F 60 18.59 26.18 -32.18
C HIS F 60 19.89 26.08 -33.02
N GLU F 61 21.04 26.22 -32.39
CA GLU F 61 22.32 26.09 -33.08
C GLU F 61 22.41 24.69 -33.67
N ALA F 62 22.03 23.69 -32.88
CA ALA F 62 22.39 22.29 -33.17
C ALA F 62 21.14 21.43 -33.20
N GLY F 63 20.05 22.01 -33.67
CA GLY F 63 18.83 21.29 -33.94
C GLY F 63 17.65 22.18 -33.81
N TYR F 64 16.46 21.59 -33.61
CA TYR F 64 15.25 22.38 -33.58
C TYR F 64 14.17 21.61 -32.84
N SER F 65 13.18 22.38 -32.39
CA SER F 65 12.05 21.84 -31.64
C SER F 65 10.77 22.19 -32.29
N GLU F 66 9.91 21.21 -32.55
CA GLU F 66 8.63 21.43 -33.24
C GLU F 66 7.59 21.21 -32.19
N ILE F 67 6.65 22.16 -32.06
CA ILE F 67 5.65 22.14 -30.98
C ILE F 67 4.26 22.01 -31.52
N TRP F 68 3.48 21.05 -31.03
CA TRP F 68 2.09 20.95 -31.44
C TRP F 68 1.27 22.08 -30.72
N ASP F 69 0.25 22.59 -31.36
CA ASP F 69 -0.49 23.74 -30.85
C ASP F 69 -1.16 23.35 -29.50
N PRO F 70 -0.71 23.95 -28.40
CA PRO F 70 -1.26 23.59 -27.10
C PRO F 70 -2.68 24.06 -26.87
N THR F 71 -3.18 24.90 -27.75
CA THR F 71 -4.56 25.37 -27.65
C THR F 71 -5.52 24.57 -28.50
N SER F 72 -5.05 23.54 -29.23
CA SER F 72 -5.96 22.71 -29.93
C SER F 72 -6.90 22.04 -28.97
N ARG F 73 -8.14 21.85 -29.41
CA ARG F 73 -9.14 21.25 -28.51
C ARG F 73 -8.71 19.83 -28.10
N GLU F 74 -8.07 19.10 -29.01
CA GLU F 74 -7.65 17.72 -28.76
C GLU F 74 -6.62 17.69 -27.63
N LEU F 75 -5.60 18.56 -27.70
CA LEU F 75 -4.54 18.58 -26.67
C LEU F 75 -5.12 19.11 -25.37
N GLN F 76 -6.00 20.10 -25.47
CA GLN F 76 -6.62 20.60 -24.23
C GLN F 76 -7.42 19.57 -23.53
N CYS F 77 -8.20 18.83 -24.28
CA CYS F 77 -8.92 17.70 -23.75
C CYS F 77 -8.05 16.64 -23.11
N ALA F 78 -7.02 16.20 -23.83
CA ALA F 78 -6.14 15.15 -23.31
C ALA F 78 -5.20 15.63 -22.16
N GLY F 79 -5.05 16.95 -22.04
CA GLY F 79 -4.30 17.56 -20.91
C GLY F 79 -2.79 17.40 -21.11
N ILE F 80 -2.38 17.43 -22.39
CA ILE F 80 -1.00 17.20 -22.76
C ILE F 80 -0.39 18.28 -23.61
N ASP F 81 0.94 18.28 -23.62
N ASP F 81 0.92 18.40 -23.62
CA ASP F 81 1.79 19.05 -24.58
CA ASP F 81 1.58 19.02 -24.81
C ASP F 81 2.69 18.08 -25.32
C ASP F 81 2.43 17.95 -25.44
N ALA F 82 2.81 18.24 -26.66
CA ALA F 82 3.61 17.33 -27.47
C ALA F 82 4.65 18.17 -28.15
N THR F 83 5.89 17.69 -28.11
CA THR F 83 7.04 18.33 -28.71
C THR F 83 7.86 17.28 -29.41
N ARG F 84 8.37 17.64 -30.61
CA ARG F 84 9.34 16.85 -31.34
C ARG F 84 10.66 17.58 -31.36
N HIS F 85 11.66 17.10 -30.61
CA HIS F 85 13.01 17.65 -30.60
C HIS F 85 13.91 16.90 -31.59
N VAL F 86 14.62 17.65 -32.42
CA VAL F 86 15.52 17.08 -33.39
C VAL F 86 16.91 17.60 -33.04
N ILE F 87 17.78 16.69 -32.60
CA ILE F 87 19.08 17.03 -32.13
C ILE F 87 20.07 16.52 -33.15
N GLU F 88 20.76 17.47 -33.79
CA GLU F 88 21.81 17.12 -34.74
C GLU F 88 23.04 16.53 -34.11
N ASN F 89 23.92 16.00 -34.96
CA ASN F 89 25.17 15.44 -34.60
C ASN F 89 25.96 16.40 -33.76
N ARG F 90 26.54 15.89 -32.67
CA ARG F 90 27.25 16.70 -31.65
C ARG F 90 26.34 17.83 -30.99
N GLY F 91 25.04 17.64 -31.03
CA GLY F 91 24.07 18.52 -30.43
C GLY F 91 23.87 18.13 -28.95
N LEU F 92 23.95 19.15 -28.07
CA LEU F 92 23.68 19.00 -26.66
C LEU F 92 22.46 19.83 -26.31
N PHE F 93 21.42 19.16 -25.85
CA PHE F 93 20.17 19.75 -25.46
C PHE F 93 20.39 20.17 -23.99
N VAL F 94 20.34 21.48 -23.74
CA VAL F 94 20.69 22.10 -22.50
C VAL F 94 19.83 21.56 -21.36
N PRO F 95 20.44 21.27 -20.24
CA PRO F 95 19.59 20.72 -19.15
C PRO F 95 18.41 21.55 -18.73
N SER F 96 17.31 20.89 -18.44
CA SER F 96 16.08 21.59 -18.15
C SER F 96 15.20 20.76 -17.23
N TYR F 97 14.24 21.44 -16.65
CA TYR F 97 13.16 20.73 -15.89
C TYR F 97 11.82 21.32 -16.18
N ASN F 98 10.78 20.52 -15.99
CA ASN F 98 9.40 20.88 -16.31
C ASN F 98 8.52 20.75 -15.08
N ASN F 99 7.32 21.32 -15.15
CA ASN F 99 6.29 21.20 -14.13
C ASN F 99 5.38 19.99 -14.33
N ALA F 100 5.59 19.23 -15.41
CA ALA F 100 4.82 18.03 -15.70
C ALA F 100 5.70 16.86 -16.03
N PRO F 101 5.32 15.67 -15.57
CA PRO F 101 6.04 14.50 -16.02
C PRO F 101 5.86 14.24 -17.51
N MET F 102 6.70 13.38 -18.06
N MET F 102 6.71 13.37 -18.08
CA MET F 102 6.58 13.08 -19.47
CA MET F 102 6.72 13.17 -19.50
C MET F 102 7.13 11.72 -19.84
C MET F 102 7.11 11.72 -19.82
N LEU F 103 6.66 11.25 -20.99
CA LEU F 103 7.24 10.16 -21.70
C LEU F 103 7.92 10.69 -22.92
N ILE F 104 9.15 10.22 -23.10
CA ILE F 104 10.01 10.55 -24.25
C ILE F 104 10.16 9.29 -25.07
N ILE F 105 9.76 9.35 -26.35
CA ILE F 105 9.93 8.27 -27.27
C ILE F 105 11.13 8.63 -28.17
N VAL F 106 12.16 7.79 -28.21
CA VAL F 106 13.26 7.94 -29.16
C VAL F 106 12.84 7.41 -30.51
N VAL F 107 12.43 8.31 -31.40
CA VAL F 107 11.91 7.96 -32.69
C VAL F 107 12.98 7.50 -33.67
N GLN F 108 14.14 8.09 -33.53
CA GLN F 108 15.25 7.82 -34.40
C GLN F 108 16.55 8.21 -33.71
N GLY F 109 17.60 7.50 -34.06
CA GLY F 109 18.91 7.77 -33.56
C GLY F 109 19.29 7.12 -32.22
N HIS F 110 20.41 7.54 -31.69
CA HIS F 110 20.84 7.09 -30.40
C HIS F 110 21.74 8.13 -29.78
N GLY F 111 21.85 8.10 -28.46
CA GLY F 111 22.58 9.14 -27.71
C GLY F 111 22.63 8.90 -26.23
N ILE F 112 22.90 9.98 -25.50
CA ILE F 112 23.12 9.95 -24.08
C ILE F 112 22.07 10.84 -23.46
N LEU F 113 21.45 10.35 -22.39
CA LEU F 113 20.49 11.12 -21.62
C LEU F 113 20.91 11.16 -20.17
N GLY F 114 20.81 12.33 -19.53
CA GLY F 114 21.04 12.43 -18.13
C GLY F 114 19.83 12.88 -17.42
N ALA F 115 19.65 12.33 -16.20
CA ALA F 115 18.59 12.73 -15.32
C ALA F 115 19.11 12.79 -13.94
N VAL F 116 18.75 13.84 -13.22
CA VAL F 116 19.35 14.10 -11.95
C VAL F 116 18.39 13.86 -10.82
N PHE F 117 18.80 13.01 -9.88
CA PHE F 117 17.97 12.77 -8.71
C PHE F 117 18.56 13.49 -7.50
N PRO F 118 17.83 14.52 -7.01
CA PRO F 118 18.49 15.29 -5.98
C PRO F 118 18.68 14.57 -4.69
N GLY F 119 19.89 14.72 -4.17
CA GLY F 119 20.22 14.04 -2.93
C GLY F 119 20.86 12.67 -3.09
N CYS F 120 20.95 12.19 -4.33
CA CYS F 120 21.66 10.97 -4.61
C CYS F 120 23.13 11.32 -4.86
N PRO F 121 24.05 10.41 -4.51
CA PRO F 121 25.46 10.69 -4.73
C PRO F 121 25.90 10.48 -6.18
N GLU F 122 27.04 11.09 -6.57
CA GLU F 122 27.57 10.90 -7.91
C GLU F 122 28.35 9.58 -8.01
N THR F 123 27.73 8.56 -8.59
CA THR F 123 28.31 7.22 -8.71
C THR F 123 28.98 6.82 -10.01
N PHE F 124 29.10 7.72 -11.00
CA PHE F 124 29.93 7.52 -12.19
C PHE F 124 31.15 8.41 -11.94
N GLN F 125 32.25 7.76 -11.69
CA GLN F 125 33.44 8.37 -11.08
C GLN F 125 34.71 8.07 -11.86
N SER F 126 35.53 9.12 -12.06
CA SER F 126 36.93 8.97 -12.60
C SER F 126 37.84 9.87 -11.80
N PHE F 127 38.88 9.28 -11.27
CA PHE F 127 39.88 9.97 -10.49
C PHE F 127 41.17 10.25 -11.30
N HIS F 128 41.09 10.08 -12.61
CA HIS F 128 42.22 10.24 -13.54
C HIS F 128 41.80 11.10 -14.73
N PRO F 129 42.67 11.96 -15.26
CA PRO F 129 44.07 12.24 -14.81
C PRO F 129 44.24 13.06 -13.52
N THR F 130 45.46 13.06 -12.98
CA THR F 130 45.81 13.65 -11.68
C THR F 130 46.82 14.79 -11.84
N THR F 143 38.86 16.87 -18.83
CA THR F 143 37.64 16.87 -18.07
C THR F 143 37.18 15.46 -17.84
N PHE F 144 38.01 14.50 -18.26
CA PHE F 144 37.89 13.11 -17.81
C PHE F 144 38.09 12.90 -16.32
N ARG F 145 38.66 13.84 -15.54
CA ARG F 145 38.61 13.67 -14.09
C ARG F 145 37.30 14.34 -13.61
N ASP F 146 36.31 13.54 -13.21
CA ASP F 146 34.98 14.07 -12.89
C ASP F 146 34.18 13.02 -12.13
N GLN F 147 33.13 13.47 -11.42
CA GLN F 147 32.11 12.59 -10.91
C GLN F 147 30.80 13.18 -11.26
N HIS F 148 29.86 12.33 -11.69
CA HIS F 148 28.53 12.79 -11.98
C HIS F 148 27.53 11.64 -11.79
N GLN F 149 26.26 11.91 -11.87
CA GLN F 149 25.26 10.83 -11.77
C GLN F 149 25.26 9.97 -13.01
N LYS F 150 24.70 8.76 -12.88
N LYS F 150 24.57 8.84 -12.91
CA LYS F 150 24.65 7.77 -13.98
CA LYS F 150 24.43 7.89 -13.99
C LYS F 150 23.99 8.38 -15.17
C LYS F 150 23.98 8.56 -15.25
N VAL F 151 24.62 8.24 -16.35
CA VAL F 151 24.08 8.66 -17.68
C VAL F 151 23.51 7.41 -18.39
N HIS F 152 22.52 7.63 -19.22
CA HIS F 152 21.70 6.58 -19.85
C HIS F 152 21.93 6.61 -21.34
N PHE F 153 22.17 5.43 -21.92
CA PHE F 153 22.46 5.28 -23.30
C PHE F 153 21.12 4.96 -23.97
N ILE F 154 20.65 5.90 -24.76
CA ILE F 154 19.29 5.87 -25.33
C ILE F 154 19.35 5.59 -26.79
N ARG F 155 18.36 4.87 -27.29
CA ARG F 155 18.34 4.49 -28.70
C ARG F 155 16.91 4.30 -29.19
N GLN F 156 16.77 4.29 -30.51
CA GLN F 156 15.48 4.18 -31.19
C GLN F 156 14.62 3.03 -30.59
N GLY F 157 13.41 3.38 -30.23
CA GLY F 157 12.45 2.52 -29.61
C GLY F 157 12.35 2.67 -28.10
N ASP F 158 13.30 3.39 -27.47
CA ASP F 158 13.26 3.63 -26.06
C ASP F 158 12.13 4.54 -25.71
N VAL F 159 11.41 4.19 -24.66
CA VAL F 159 10.46 5.09 -24.05
C VAL F 159 11.00 5.44 -22.64
N ILE F 160 11.18 6.71 -22.37
CA ILE F 160 11.79 7.18 -21.14
C ILE F 160 10.74 7.96 -20.34
N ALA F 161 10.68 7.72 -19.05
CA ALA F 161 9.71 8.25 -18.12
C ALA F 161 10.44 9.14 -17.15
N LEU F 162 10.07 10.44 -17.09
CA LEU F 162 10.68 11.39 -16.15
C LEU F 162 9.64 12.15 -15.36
N PRO F 163 9.77 12.24 -14.01
CA PRO F 163 8.84 13.05 -13.25
C PRO F 163 9.02 14.55 -13.46
N ALA F 164 8.01 15.32 -13.04
CA ALA F 164 8.11 16.74 -12.95
C ALA F 164 9.24 17.15 -12.02
N GLY F 165 9.91 18.25 -12.37
CA GLY F 165 10.92 18.88 -11.56
C GLY F 165 12.32 18.34 -11.59
N ILE F 166 12.53 17.26 -12.38
CA ILE F 166 13.79 16.60 -12.51
C ILE F 166 14.57 17.18 -13.70
N VAL F 167 15.81 17.54 -13.47
CA VAL F 167 16.61 18.04 -14.51
C VAL F 167 17.08 16.94 -15.40
N HIS F 168 16.98 17.18 -16.72
CA HIS F 168 17.40 16.21 -17.69
C HIS F 168 18.10 16.92 -18.83
N TRP F 169 18.87 16.16 -19.58
CA TRP F 169 19.62 16.73 -20.69
C TRP F 169 19.88 15.58 -21.67
N ALA F 170 20.20 15.87 -22.94
CA ALA F 170 20.52 14.82 -23.90
C ALA F 170 21.59 15.25 -24.86
N TYR F 171 22.32 14.27 -25.40
CA TYR F 171 23.40 14.54 -26.32
C TYR F 171 23.46 13.51 -27.41
N ASN F 172 23.64 14.00 -28.65
CA ASN F 172 23.75 13.13 -29.85
C ASN F 172 25.20 13.07 -30.31
N GLU F 173 25.73 11.87 -30.27
CA GLU F 173 27.11 11.56 -30.67
C GLU F 173 27.15 10.88 -32.06
N ALA F 174 25.99 10.47 -32.57
CA ALA F 174 25.91 9.74 -33.83
C ALA F 174 25.66 10.58 -35.00
N THR F 175 25.79 9.97 -36.17
CA THR F 175 25.54 10.70 -37.40
C THR F 175 24.15 11.02 -37.64
N GLU F 176 23.21 10.10 -37.45
CA GLU F 176 21.83 10.51 -37.77
C GLU F 176 21.24 11.35 -36.65
N LYS F 177 20.33 12.21 -37.00
CA LYS F 177 19.69 13.12 -36.04
C LYS F 177 19.01 12.27 -35.00
N LEU F 178 19.09 12.75 -33.77
CA LEU F 178 18.38 12.15 -32.63
C LEU F 178 17.00 12.82 -32.49
N VAL F 179 15.90 12.07 -32.63
CA VAL F 179 14.57 12.60 -32.71
C VAL F 179 13.80 12.08 -31.51
N LEU F 180 13.38 13.01 -30.67
CA LEU F 180 12.69 12.74 -29.39
C LEU F 180 11.29 13.29 -29.49
N LEU F 181 10.29 12.44 -29.28
CA LEU F 181 8.89 12.88 -29.19
C LEU F 181 8.54 12.92 -27.72
N VAL F 182 8.22 14.08 -27.23
CA VAL F 182 8.02 14.28 -25.78
C VAL F 182 6.56 14.57 -25.57
N ILE F 183 5.89 13.72 -24.77
CA ILE F 183 4.58 13.95 -24.37
C ILE F 183 4.56 14.34 -22.89
N HIS F 184 4.16 15.59 -22.61
CA HIS F 184 4.07 16.10 -21.21
C HIS F 184 2.64 15.96 -20.76
N ASP F 185 2.47 15.41 -19.54
CA ASP F 185 1.18 15.22 -18.98
C ASP F 185 0.82 16.35 -18.04
N LEU F 186 0.23 17.41 -18.59
CA LEU F 186 -0.05 18.61 -17.82
C LEU F 186 -1.08 18.38 -16.72
N SER F 187 -2.09 17.47 -16.91
CA SER F 187 -3.11 17.36 -15.95
C SER F 187 -2.69 16.46 -14.79
N ASN F 188 -1.46 15.95 -14.82
CA ASN F 188 -0.94 15.02 -13.79
C ASN F 188 -0.97 15.74 -12.41
N ARG F 189 -1.21 14.94 -11.39
CA ARG F 189 -1.12 15.42 -10.01
C ARG F 189 0.19 16.09 -9.67
N GLU F 190 1.27 15.69 -10.36
CA GLU F 190 2.61 16.30 -10.11
C GLU F 190 2.65 17.77 -10.45
N ASN F 191 1.77 18.28 -11.33
CA ASN F 191 1.73 19.67 -11.71
C ASN F 191 0.75 20.46 -10.87
N GLN F 192 1.26 21.13 -9.86
CA GLN F 192 0.40 22.00 -9.02
C GLN F 192 0.27 23.46 -9.46
N LEU F 193 0.79 23.79 -10.62
CA LEU F 193 0.76 25.13 -11.11
C LEU F 193 -0.56 25.43 -11.83
N ASP F 194 -0.59 25.27 -13.13
CA ASP F 194 -1.80 25.40 -13.91
C ASP F 194 -1.52 24.63 -15.21
N GLN F 195 -2.52 24.58 -16.10
CA GLN F 195 -2.50 23.70 -17.26
C GLN F 195 -1.76 24.27 -18.46
N ASN F 196 -0.46 24.52 -18.23
CA ASN F 196 0.49 25.14 -19.20
C ASN F 196 1.85 24.61 -18.87
N LEU F 197 2.60 24.19 -19.88
CA LEU F 197 3.94 23.71 -19.64
C LEU F 197 4.95 24.83 -19.41
N ARG F 198 5.82 24.66 -18.44
CA ARG F 198 7.05 25.39 -18.19
C ARG F 198 8.26 24.61 -18.59
N ARG F 199 9.26 25.30 -19.17
CA ARG F 199 10.52 24.70 -19.55
C ARG F 199 11.61 25.55 -18.99
N TYR F 200 12.18 25.09 -17.88
CA TYR F 200 13.17 25.84 -17.11
C TYR F 200 14.53 25.27 -17.44
N PHE F 201 15.36 26.06 -18.12
CA PHE F 201 16.67 25.61 -18.56
C PHE F 201 17.80 26.11 -17.68
N LEU F 202 18.79 25.27 -17.47
CA LEU F 202 19.97 25.64 -16.73
C LEU F 202 21.07 26.06 -17.76
N GLY F 203 20.90 27.27 -18.26
CA GLY F 203 21.58 27.76 -19.44
C GLY F 203 20.70 28.10 -20.59
N GLY F 204 21.35 28.51 -21.67
CA GLY F 204 20.65 28.73 -22.92
C GLY F 204 20.21 30.17 -23.05
N ASN F 205 19.90 30.56 -24.27
CA ASN F 205 19.45 31.93 -24.51
C ASN F 205 18.93 31.95 -25.94
N GLN F 206 17.95 32.80 -26.23
CA GLN F 206 17.29 32.85 -27.55
C GLN F 206 18.24 32.67 -28.75
N LYS F 207 17.87 31.80 -29.70
CA LYS F 207 18.62 31.70 -30.96
C LYS F 207 18.13 32.79 -31.92
N ASN F 219 1.97 32.42 -25.51
CA ASN F 219 3.30 32.68 -25.00
C ASN F 219 3.86 31.38 -24.40
N LEU F 220 5.07 31.01 -24.81
CA LEU F 220 5.75 29.82 -24.29
C LEU F 220 6.49 30.24 -23.05
N LEU F 221 6.37 29.43 -22.02
CA LEU F 221 7.06 29.64 -20.78
C LEU F 221 8.38 28.80 -20.89
N TRP F 222 9.42 29.46 -21.39
CA TRP F 222 10.70 28.83 -21.73
C TRP F 222 11.81 29.83 -21.37
N ASN F 223 12.65 29.45 -20.44
CA ASN F 223 13.53 30.37 -19.83
C ASN F 223 14.77 29.73 -19.31
N ASN F 224 15.87 30.49 -19.38
CA ASN F 224 17.10 30.18 -18.67
C ASN F 224 16.95 30.69 -17.23
N VAL F 225 16.93 29.78 -16.24
CA VAL F 225 16.58 30.18 -14.89
C VAL F 225 17.55 31.05 -14.19
N PHE F 226 18.78 31.13 -14.71
CA PHE F 226 19.79 31.99 -14.11
C PHE F 226 19.61 33.46 -14.46
N GLN F 227 18.89 33.76 -15.53
CA GLN F 227 18.78 35.13 -16.02
C GLN F 227 18.01 36.08 -15.08
N PRO F 228 16.94 35.59 -14.41
CA PRO F 228 16.21 36.49 -13.48
C PRO F 228 16.84 36.58 -12.10
N LEU F 229 18.09 36.20 -11.96
CA LEU F 229 18.74 36.33 -10.73
C LEU F 229 19.80 37.42 -10.85
N ASP F 230 20.15 37.99 -9.69
CA ASP F 230 21.17 39.04 -9.64
C ASP F 230 22.51 38.37 -9.59
N PRO F 231 23.40 38.69 -10.58
CA PRO F 231 24.68 37.97 -10.62
C PRO F 231 25.50 38.08 -9.36
N GLN F 232 25.46 39.22 -8.66
CA GLN F 232 26.21 39.33 -7.40
C GLN F 232 25.65 38.39 -6.34
N PHE F 233 24.33 38.30 -6.28
CA PHE F 233 23.67 37.55 -5.21
C PHE F 233 23.93 36.04 -5.46
N LEU F 234 23.65 35.63 -6.67
CA LEU F 234 23.92 34.28 -7.09
C LEU F 234 25.40 33.91 -7.01
N GLY F 235 26.31 34.83 -7.38
CA GLY F 235 27.74 34.56 -7.22
C GLY F 235 28.15 34.31 -5.80
N ARG F 236 27.64 35.15 -4.88
CA ARG F 236 27.95 35.04 -3.42
C ARG F 236 27.52 33.66 -2.96
N ALA F 237 26.29 33.31 -3.38
CA ALA F 237 25.75 31.99 -2.97
C ALA F 237 26.60 30.81 -3.51
N SER F 238 26.98 30.91 -4.77
CA SER F 238 27.71 29.82 -5.40
C SER F 238 29.20 29.81 -5.14
N GLY F 239 29.72 30.94 -4.59
CA GLY F 239 31.14 31.06 -4.32
C GLY F 239 32.00 31.25 -5.56
N VAL F 240 31.41 31.83 -6.61
CA VAL F 240 32.12 32.04 -7.87
C VAL F 240 32.04 33.51 -8.20
N ASN F 241 32.99 33.98 -9.02
CA ASN F 241 32.99 35.39 -9.41
C ASN F 241 31.79 35.64 -10.33
N SER F 242 31.29 36.87 -10.29
CA SER F 242 29.99 37.16 -10.87
C SER F 242 30.05 37.20 -12.40
N GLU F 243 31.26 37.23 -12.96
CA GLU F 243 31.47 37.00 -14.38
C GLU F 243 31.37 35.52 -14.83
N ILE F 244 31.77 34.57 -13.98
CA ILE F 244 31.30 33.20 -14.15
C ILE F 244 29.77 33.21 -14.14
N ILE F 245 29.13 33.91 -13.20
CA ILE F 245 27.66 33.95 -13.22
C ILE F 245 27.10 34.55 -14.52
N LYS F 246 27.76 35.55 -15.05
CA LYS F 246 27.25 36.18 -16.31
C LYS F 246 27.28 35.17 -17.50
N LYS F 247 28.25 34.26 -17.44
CA LYS F 247 28.29 33.15 -18.40
C LYS F 247 27.08 32.19 -18.26
N LEU F 248 26.77 31.87 -17.00
CA LEU F 248 25.58 31.10 -16.66
C LEU F 248 24.33 31.77 -17.21
N GLN F 249 24.27 33.11 -17.18
CA GLN F 249 23.15 33.88 -17.76
C GLN F 249 23.15 33.95 -19.26
N SER F 250 24.25 33.53 -19.85
CA SER F 250 24.37 33.27 -21.27
C SER F 250 24.18 34.63 -21.93
N GLU F 251 24.83 35.59 -21.27
CA GLU F 251 25.06 36.94 -21.76
C GLU F 251 25.80 36.79 -23.08
N ASN F 252 25.21 37.36 -24.12
CA ASN F 252 25.84 37.46 -25.46
C ASN F 252 26.03 36.11 -26.15
N ASP F 253 25.30 35.09 -25.73
CA ASP F 253 25.41 33.77 -26.28
C ASP F 253 24.06 33.50 -26.90
N PHE F 254 23.95 33.27 -28.20
CA PHE F 254 22.65 33.13 -28.84
C PHE F 254 22.54 31.80 -29.61
N ARG F 255 22.93 30.71 -28.93
CA ARG F 255 22.89 29.37 -29.53
C ARG F 255 21.56 28.65 -29.37
N GLY F 256 20.59 29.24 -28.66
CA GLY F 256 19.35 28.54 -28.40
C GLY F 256 19.65 27.52 -27.31
N TYR F 257 18.85 26.46 -27.33
CA TYR F 257 18.82 25.45 -26.28
C TYR F 257 19.34 24.08 -26.66
N MET F 258 19.93 23.99 -27.87
CA MET F 258 20.73 22.85 -28.31
C MET F 258 22.03 23.46 -28.91
N VAL F 259 23.14 23.17 -28.28
CA VAL F 259 24.40 23.79 -28.66
C VAL F 259 25.29 22.74 -29.30
N ARG F 260 26.17 23.17 -30.22
CA ARG F 260 27.08 22.20 -30.81
C ARG F 260 28.33 22.02 -29.97
N VAL F 261 28.73 20.78 -29.70
CA VAL F 261 29.91 20.50 -28.96
C VAL F 261 31.09 20.35 -29.92
N ARG F 262 32.00 21.33 -29.94
CA ARG F 262 32.96 21.42 -31.06
C ARG F 262 33.90 20.24 -31.12
N ASP F 263 34.32 19.79 -29.95
CA ASP F 263 35.28 18.69 -29.82
C ASP F 263 34.72 17.33 -29.38
N GLY F 264 33.38 17.20 -29.32
CA GLY F 264 32.70 16.05 -28.76
C GLY F 264 32.72 16.01 -27.21
N LEU F 265 31.69 15.41 -26.63
CA LEU F 265 31.42 15.50 -25.19
C LEU F 265 32.24 14.53 -24.40
N ARG F 266 32.87 14.98 -23.35
CA ARG F 266 33.73 14.11 -22.51
C ARG F 266 33.00 13.83 -21.20
N LEU F 267 32.60 12.57 -21.01
CA LEU F 267 31.77 12.08 -19.87
C LEU F 267 32.51 10.93 -19.25
N VAL F 268 32.08 10.54 -18.06
CA VAL F 268 32.62 9.43 -17.37
C VAL F 268 31.66 8.29 -17.70
N ARG F 269 32.10 7.30 -18.43
CA ARG F 269 31.18 6.31 -18.95
C ARG F 269 31.90 4.99 -18.93
N PRO F 270 31.16 3.92 -18.55
CA PRO F 270 31.74 2.62 -18.35
C PRO F 270 32.48 2.15 -19.59
N SER F 271 33.69 1.70 -19.31
CA SER F 271 34.60 1.10 -20.23
C SER F 271 34.23 -0.38 -20.51
N SER F 272 34.79 -0.90 -21.58
CA SER F 272 34.60 -2.32 -21.95
C SER F 272 35.18 -3.26 -20.88
N GLU F 273 34.48 -4.39 -20.71
CA GLU F 273 34.84 -5.41 -19.70
C GLU F 273 35.07 -6.79 -20.39
N GLU F 274 35.94 -6.85 -21.41
CA GLU F 274 36.41 -8.16 -21.97
C GLU F 274 37.68 -8.65 -21.24
N GLY F 285 23.79 0.96 0.27
CA GLY F 285 22.82 1.94 0.84
C GLY F 285 21.80 2.38 -0.20
N TYR F 286 21.15 3.54 0.00
CA TYR F 286 20.16 4.12 -0.95
C TYR F 286 20.63 4.32 -2.36
N GLU F 287 21.92 4.55 -2.49
CA GLU F 287 22.52 4.67 -3.79
C GLU F 287 22.30 3.42 -4.68
N GLU F 288 22.05 2.26 -4.03
CA GLU F 288 21.80 1.02 -4.71
C GLU F 288 20.35 0.72 -5.02
N THR F 289 19.42 1.48 -4.47
CA THR F 289 18.01 1.20 -4.63
C THR F 289 17.31 2.38 -5.28
N LEU F 290 16.83 3.31 -4.44
CA LEU F 290 16.10 4.48 -4.88
C LEU F 290 16.82 5.30 -5.91
N CYS F 291 18.14 5.44 -5.77
CA CYS F 291 18.88 6.31 -6.66
C CYS F 291 19.10 5.68 -8.05
N THR F 292 18.83 4.36 -8.14
CA THR F 292 18.98 3.50 -9.38
C THR F 292 17.79 3.21 -10.23
N VAL F 293 16.71 3.88 -9.90
CA VAL F 293 15.37 3.61 -10.46
C VAL F 293 15.55 3.52 -11.99
N ARG F 294 14.92 2.57 -12.67
N ARG F 294 14.88 2.52 -12.55
CA ARG F 294 15.07 2.48 -14.15
CA ARG F 294 14.82 2.37 -13.97
C ARG F 294 14.16 3.53 -14.82
C ARG F 294 13.93 3.46 -14.51
N ILE F 295 14.64 4.26 -15.83
N ILE F 295 14.43 4.03 -15.60
CA ILE F 295 13.85 5.33 -16.41
CA ILE F 295 13.83 5.17 -16.26
C ILE F 295 13.32 4.95 -17.79
C ILE F 295 13.25 4.86 -17.67
N LYS F 296 13.72 3.80 -18.32
CA LYS F 296 13.39 3.52 -19.67
C LYS F 296 13.28 2.07 -20.02
N GLU F 297 12.66 1.83 -21.16
CA GLU F 297 12.48 0.47 -21.68
C GLU F 297 12.40 0.60 -23.21
N ASN F 298 13.00 -0.33 -23.93
CA ASN F 298 12.89 -0.33 -25.38
C ASN F 298 11.72 -1.14 -25.84
N LEU F 299 10.98 -0.66 -26.84
CA LEU F 299 9.85 -1.36 -27.32
C LEU F 299 10.01 -1.89 -28.76
N LEU F 300 11.16 -1.70 -29.37
CA LEU F 300 11.31 -1.90 -30.80
C LEU F 300 11.44 -3.31 -31.33
N ASN F 301 12.05 -4.19 -30.55
N ASN F 301 12.11 -4.21 -30.60
CA ASN F 301 12.26 -5.55 -30.98
CA ASN F 301 12.37 -5.52 -31.16
C ASN F 301 10.93 -6.29 -31.08
C ASN F 301 11.10 -6.37 -31.09
N PRO F 302 10.64 -6.95 -32.23
CA PRO F 302 9.36 -7.75 -32.26
C PRO F 302 9.35 -8.80 -31.19
N GLU F 303 10.54 -9.26 -30.73
CA GLU F 303 10.61 -10.23 -29.62
C GLU F 303 10.04 -9.78 -28.30
N ARG F 304 9.97 -8.47 -28.08
CA ARG F 304 9.38 -7.81 -26.84
C ARG F 304 7.83 -7.70 -26.91
N ALA F 305 7.29 -8.16 -27.99
CA ALA F 305 5.88 -8.19 -28.19
C ALA F 305 5.19 -8.89 -27.07
N ASP F 306 4.06 -8.35 -26.67
CA ASP F 306 3.16 -8.98 -25.68
C ASP F 306 1.99 -9.66 -26.38
N ILE F 307 1.55 -9.08 -27.47
CA ILE F 307 0.52 -9.70 -28.32
C ILE F 307 1.14 -9.86 -29.75
N TYR F 308 0.99 -11.03 -30.35
CA TYR F 308 1.52 -11.31 -31.69
C TYR F 308 0.49 -12.13 -32.44
N THR F 309 0.11 -11.61 -33.61
CA THR F 309 -0.68 -12.47 -34.54
C THR F 309 0.11 -12.57 -35.82
N SER F 310 0.45 -13.82 -36.19
CA SER F 310 1.24 -14.05 -37.38
C SER F 310 0.49 -13.44 -38.57
N ARG F 311 1.24 -12.77 -39.41
CA ARG F 311 0.73 -11.98 -40.54
C ARG F 311 0.00 -10.71 -40.20
N GLY F 312 -0.28 -10.51 -38.91
CA GLY F 312 -1.01 -9.32 -38.47
C GLY F 312 -0.09 -8.25 -37.89
N GLY F 313 0.68 -8.62 -36.87
CA GLY F 313 1.65 -7.76 -36.27
C GLY F 313 1.67 -7.88 -34.72
N THR F 314 2.11 -6.83 -34.05
CA THR F 314 2.43 -6.89 -32.60
C THR F 314 1.92 -5.69 -31.86
N VAL F 315 1.75 -5.93 -30.56
CA VAL F 315 1.57 -4.89 -29.57
C VAL F 315 2.57 -5.17 -28.45
N SER F 316 3.28 -4.13 -28.07
CA SER F 316 4.33 -4.21 -27.02
C SER F 316 3.92 -3.15 -26.01
N THR F 317 3.50 -3.59 -24.82
CA THR F 317 2.88 -2.70 -23.83
C THR F 317 3.94 -2.31 -22.81
N LEU F 318 3.84 -1.08 -22.28
CA LEU F 318 4.77 -0.57 -21.29
C LEU F 318 3.93 0.06 -20.17
N ASN F 319 3.85 -0.63 -19.02
CA ASN F 319 3.13 -0.13 -17.92
C ASN F 319 3.85 -0.53 -16.61
N SER F 320 3.22 -0.22 -15.48
CA SER F 320 3.93 -0.34 -14.21
C SER F 320 4.22 -1.78 -13.79
N TYR F 321 3.65 -2.78 -14.47
CA TYR F 321 4.09 -4.17 -14.31
C TYR F 321 5.42 -4.48 -14.98
N ASN F 322 5.91 -3.51 -15.82
N ASN F 322 5.97 -3.47 -15.66
CA ASN F 322 7.15 -3.61 -16.57
CA ASN F 322 7.22 -3.61 -16.31
C ASN F 322 8.22 -2.59 -16.03
C ASN F 322 8.23 -2.57 -15.81
N LEU F 323 7.80 -1.33 -15.84
CA LEU F 323 8.64 -0.19 -15.54
C LEU F 323 8.09 0.47 -14.30
N PRO F 324 8.75 0.26 -13.16
CA PRO F 324 8.00 0.64 -11.97
C PRO F 324 7.65 2.11 -11.75
N ILE F 325 8.51 3.00 -12.24
CA ILE F 325 8.32 4.44 -12.06
C ILE F 325 7.00 4.90 -12.67
N LEU F 326 6.49 4.14 -13.60
CA LEU F 326 5.23 4.50 -14.24
C LEU F 326 4.05 4.52 -13.25
N ARG F 327 4.13 3.70 -12.20
CA ARG F 327 3.08 3.75 -11.17
C ARG F 327 2.94 5.12 -10.57
N LYS F 328 4.09 5.69 -10.16
CA LYS F 328 4.11 7.03 -9.63
C LYS F 328 3.64 8.07 -10.64
N LEU F 329 4.02 7.88 -11.89
CA LEU F 329 3.75 8.89 -12.95
C LEU F 329 2.33 8.80 -13.51
N GLN F 330 1.68 7.65 -13.32
CA GLN F 330 0.34 7.40 -13.82
C GLN F 330 0.28 7.57 -15.35
N LEU F 331 1.25 6.99 -15.98
CA LEU F 331 1.37 6.93 -17.44
C LEU F 331 1.70 5.56 -17.90
N SER F 332 1.33 5.28 -19.15
CA SER F 332 1.78 4.08 -19.84
C SER F 332 1.93 4.31 -21.36
N ALA F 333 2.47 3.33 -22.02
CA ALA F 333 2.74 3.45 -23.47
C ALA F 333 2.62 2.11 -24.13
N ASN F 334 2.60 2.15 -25.45
CA ASN F 334 2.75 0.94 -26.20
C ASN F 334 3.27 1.24 -27.59
N ARG F 335 3.82 0.21 -28.20
CA ARG F 335 4.19 0.27 -29.65
C ARG F 335 3.32 -0.76 -30.38
N GLU F 336 2.68 -0.33 -31.47
CA GLU F 336 1.84 -1.19 -32.29
C GLU F 336 2.48 -1.26 -33.68
N TYR F 337 2.67 -2.45 -34.22
CA TYR F 337 3.20 -2.65 -35.55
C TYR F 337 2.20 -3.49 -36.29
N LEU F 338 1.65 -2.96 -37.41
CA LEU F 338 0.69 -3.68 -38.26
C LEU F 338 1.31 -3.95 -39.66
N TYR F 339 1.33 -5.20 -40.06
CA TYR F 339 1.64 -5.58 -41.44
C TYR F 339 0.61 -4.96 -42.39
N PRO F 340 0.92 -4.87 -43.71
CA PRO F 340 -0.08 -4.30 -44.59
C PRO F 340 -1.45 -4.94 -44.49
N ASN F 341 -2.45 -4.10 -44.40
CA ASN F 341 -3.85 -4.43 -44.33
C ASN F 341 -4.30 -4.99 -43.02
N ALA F 342 -3.39 -5.12 -42.04
CA ALA F 342 -3.79 -5.70 -40.81
C ALA F 342 -4.55 -4.65 -39.99
N MET F 343 -5.27 -5.10 -38.98
CA MET F 343 -6.07 -4.17 -38.08
C MET F 343 -5.78 -4.45 -36.63
N ILE F 344 -6.02 -3.42 -35.81
CA ILE F 344 -6.22 -3.56 -34.39
C ILE F 344 -7.72 -3.60 -34.21
N VAL F 345 -8.15 -4.52 -33.36
CA VAL F 345 -9.59 -4.65 -33.13
C VAL F 345 -10.22 -3.31 -32.73
N PRO F 346 -11.45 -3.06 -33.15
CA PRO F 346 -12.11 -1.86 -32.62
C PRO F 346 -12.28 -1.95 -31.14
N GLU F 347 -12.17 -0.81 -30.52
CA GLU F 347 -12.05 -0.74 -29.06
C GLU F 347 -12.24 0.65 -28.52
N TRP F 348 -12.26 0.73 -27.18
CA TRP F 348 -12.16 2.02 -26.53
C TRP F 348 -11.21 1.84 -25.34
N ASN F 349 -10.61 2.97 -24.97
CA ASN F 349 -9.78 3.12 -23.77
C ASN F 349 -10.70 3.32 -22.60
N ASN F 350 -10.64 2.44 -21.58
CA ASN F 350 -11.61 2.55 -20.50
C ASN F 350 -11.19 3.49 -19.41
N ASN F 351 -9.89 3.83 -19.31
CA ASN F 351 -9.41 4.58 -18.15
C ASN F 351 -8.28 5.54 -18.49
N ALA F 352 -8.27 6.07 -19.72
CA ALA F 352 -7.14 6.94 -20.15
C ALA F 352 -7.48 7.57 -21.51
N HIS F 353 -6.87 8.69 -21.79
CA HIS F 353 -6.78 9.19 -23.16
C HIS F 353 -5.57 8.55 -23.85
N SER F 354 -5.62 8.41 -25.20
CA SER F 354 -4.51 7.86 -25.98
C SER F 354 -3.94 8.95 -26.83
N ILE F 355 -2.60 9.07 -26.88
CA ILE F 355 -1.88 10.07 -27.66
C ILE F 355 -0.93 9.25 -28.55
N SER F 356 -1.29 9.08 -29.81
CA SER F 356 -0.49 8.23 -30.73
C SER F 356 0.32 9.06 -31.75
N TYR F 357 1.52 8.58 -32.05
CA TYR F 357 2.44 9.19 -33.02
C TYR F 357 2.79 8.18 -34.06
N VAL F 358 2.65 8.54 -35.33
CA VAL F 358 2.91 7.57 -36.38
C VAL F 358 4.36 7.70 -36.80
N THR F 359 5.13 6.64 -36.57
CA THR F 359 6.55 6.62 -36.87
C THR F 359 6.88 6.02 -38.21
N ARG F 360 6.04 5.11 -38.69
CA ARG F 360 6.29 4.51 -39.96
C ARG F 360 4.98 4.18 -40.62
N GLY F 361 4.95 4.33 -41.95
CA GLY F 361 3.82 3.82 -42.74
C GLY F 361 2.62 4.71 -42.72
N SER F 362 1.44 4.11 -42.80
CA SER F 362 0.19 4.86 -42.88
C SER F 362 -0.95 3.90 -42.77
N GLY F 363 -2.15 4.46 -42.60
CA GLY F 363 -3.32 3.65 -42.39
C GLY F 363 -4.59 4.45 -42.36
N ARG F 364 -5.67 3.75 -42.13
CA ARG F 364 -6.97 4.40 -41.95
C ARG F 364 -7.34 4.32 -40.48
N LEU F 365 -7.75 5.45 -39.95
CA LEU F 365 -8.30 5.54 -38.61
C LEU F 365 -9.77 6.05 -38.67
N GLN F 366 -10.63 5.37 -37.93
CA GLN F 366 -11.96 5.90 -37.65
C GLN F 366 -12.18 6.02 -36.17
N VAL F 367 -12.77 7.14 -35.80
CA VAL F 367 -13.11 7.41 -34.39
C VAL F 367 -14.61 7.66 -34.29
N GLY F 368 -15.22 7.11 -33.28
CA GLY F 368 -16.66 7.42 -32.95
C GLY F 368 -16.75 8.03 -31.57
N GLY F 369 -17.68 8.95 -31.37
CA GLY F 369 -17.91 9.62 -30.09
C GLY F 369 -19.36 9.60 -29.67
N SER F 370 -19.86 10.76 -29.25
CA SER F 370 -21.19 10.86 -28.69
C SER F 370 -22.31 11.09 -29.70
N SER F 371 -21.99 11.29 -30.95
CA SER F 371 -23.02 11.55 -31.92
C SER F 371 -23.11 10.45 -32.94
N LYS F 372 -24.18 10.53 -33.74
CA LYS F 372 -24.37 9.58 -34.81
C LYS F 372 -23.31 9.71 -35.90
N SER F 373 -22.66 10.86 -36.02
CA SER F 373 -21.71 11.12 -37.05
C SER F 373 -20.31 10.88 -36.50
N THR F 374 -19.53 10.21 -37.34
CA THR F 374 -18.16 9.93 -37.07
C THR F 374 -17.39 11.19 -36.67
N VAL F 375 -16.48 10.98 -35.75
CA VAL F 375 -15.58 12.00 -35.29
C VAL F 375 -14.39 12.15 -36.19
N TYR F 376 -13.99 11.05 -36.81
CA TYR F 376 -12.92 11.10 -37.83
C TYR F 376 -12.94 9.82 -38.60
N ASP F 377 -12.80 9.91 -39.94
CA ASP F 377 -12.63 8.70 -40.73
C ASP F 377 -11.72 9.12 -41.83
N GLY F 378 -10.48 8.66 -41.80
CA GLY F 378 -9.44 9.21 -42.70
C GLY F 378 -8.08 8.61 -42.54
N ASP F 379 -7.10 9.13 -43.30
CA ASP F 379 -5.75 8.56 -43.31
C ASP F 379 -5.01 9.07 -42.09
N VAL F 380 -4.06 8.25 -41.64
CA VAL F 380 -2.96 8.74 -40.76
C VAL F 380 -1.70 8.31 -41.40
N ARG F 381 -0.65 9.11 -41.23
CA ARG F 381 0.60 8.85 -41.84
C ARG F 381 1.77 9.36 -41.00
N GLN F 382 2.94 8.92 -41.38
CA GLN F 382 4.15 9.19 -40.65
C GLN F 382 4.27 10.65 -40.25
N GLY F 383 4.59 10.90 -38.98
CA GLY F 383 4.85 12.22 -38.45
C GLY F 383 3.62 12.92 -37.84
N GLN F 384 2.45 12.30 -37.98
CA GLN F 384 1.24 12.82 -37.41
C GLN F 384 1.00 12.29 -35.95
N LEU F 385 0.37 13.16 -35.17
CA LEU F 385 -0.08 12.86 -33.84
C LEU F 385 -1.58 12.76 -33.88
N PHE F 386 -2.17 11.82 -33.18
CA PHE F 386 -3.62 11.83 -33.08
C PHE F 386 -4.04 11.46 -31.66
N ILE F 387 -5.08 12.11 -31.20
CA ILE F 387 -5.57 11.96 -29.82
C ILE F 387 -6.91 11.23 -29.89
N ILE F 388 -7.04 10.16 -29.07
CA ILE F 388 -8.30 9.48 -28.91
C ILE F 388 -8.73 9.59 -27.44
N PRO F 389 -9.71 10.43 -27.17
CA PRO F 389 -10.16 10.49 -25.76
C PRO F 389 -10.75 9.22 -25.17
N GLN F 390 -10.67 9.10 -23.84
CA GLN F 390 -11.31 8.10 -23.05
C GLN F 390 -12.70 7.81 -23.58
N ASN F 391 -12.96 6.54 -23.77
CA ASN F 391 -14.26 5.94 -24.10
C ASN F 391 -14.74 6.15 -25.60
N TYR F 392 -14.02 6.91 -26.36
CA TYR F 392 -14.28 7.04 -27.78
C TYR F 392 -13.88 5.72 -28.44
N VAL F 393 -14.73 5.21 -29.36
CA VAL F 393 -14.45 4.00 -30.07
C VAL F 393 -13.54 4.26 -31.24
N TYR F 394 -12.61 3.38 -31.49
CA TYR F 394 -11.74 3.56 -32.63
C TYR F 394 -11.35 2.26 -33.27
N LEU F 395 -11.01 2.38 -34.57
CA LEU F 395 -10.55 1.27 -35.39
C LEU F 395 -9.42 1.79 -36.25
N LYS F 396 -8.39 0.95 -36.43
CA LYS F 396 -7.21 1.28 -37.22
C LYS F 396 -6.96 0.15 -38.18
N GLN F 397 -6.62 0.53 -39.42
CA GLN F 397 -6.12 -0.47 -40.43
C GLN F 397 -4.89 0.04 -41.11
N ALA F 398 -3.87 -0.83 -41.23
CA ALA F 398 -2.62 -0.37 -41.90
C ALA F 398 -2.87 -0.34 -43.41
N GLY F 399 -2.15 0.53 -44.05
CA GLY F 399 -2.03 0.66 -45.49
C GLY F 399 -1.06 -0.33 -46.06
N PRO F 400 -0.76 -0.15 -47.36
CA PRO F 400 0.03 -1.12 -48.09
C PRO F 400 1.48 -1.23 -47.66
N GLN F 401 1.97 -0.25 -46.93
CA GLN F 401 3.30 -0.27 -46.37
C GLN F 401 3.36 -0.64 -44.87
N GLY F 402 2.30 -1.15 -44.31
CA GLY F 402 2.22 -1.37 -42.84
C GLY F 402 1.99 -0.05 -42.10
N LEU F 403 2.05 -0.16 -40.75
CA LEU F 403 1.80 0.96 -39.89
C LEU F 403 2.49 0.71 -38.56
N GLU F 404 3.33 1.66 -38.16
CA GLU F 404 3.94 1.63 -36.81
C GLU F 404 3.51 2.89 -36.05
N LEU F 405 3.06 2.70 -34.82
CA LEU F 405 2.53 3.75 -33.92
C LEU F 405 3.20 3.56 -32.54
N TYR F 406 3.55 4.67 -31.89
CA TYR F 406 3.83 4.62 -30.47
C TYR F 406 2.77 5.47 -29.79
N THR F 407 2.28 4.98 -28.67
CA THR F 407 1.17 5.62 -28.04
C THR F 407 1.44 5.83 -26.59
N VAL F 408 1.14 7.03 -26.12
CA VAL F 408 1.13 7.33 -24.65
C VAL F 408 -0.33 7.37 -24.13
N LYS F 409 -0.59 6.79 -22.94
CA LYS F 409 -1.88 6.77 -22.32
C LYS F 409 -1.83 7.35 -20.96
N THR F 410 -2.87 8.10 -20.61
CA THR F 410 -2.86 8.87 -19.37
C THR F 410 -3.32 8.06 -18.13
N ASN F 411 -2.83 6.84 -17.99
CA ASN F 411 -3.01 6.14 -16.71
C ASN F 411 -1.97 5.12 -16.58
N ASP F 412 -1.69 4.84 -15.31
CA ASP F 412 -1.01 3.72 -14.91
C ASP F 412 -1.99 2.60 -15.35
N ARG F 413 -1.40 1.62 -15.97
CA ARG F 413 -2.12 0.36 -16.27
C ARG F 413 -3.38 0.64 -17.12
N ALA F 414 -3.15 1.42 -18.14
CA ALA F 414 -4.16 1.76 -19.10
C ALA F 414 -4.59 0.52 -19.85
N LYS F 415 -5.91 0.34 -19.90
CA LYS F 415 -6.45 -0.79 -20.60
C LYS F 415 -7.50 -0.42 -21.63
N ALA F 416 -7.57 -1.25 -22.63
CA ALA F 416 -8.61 -1.07 -23.66
C ALA F 416 -9.63 -2.20 -23.59
N THR F 417 -10.81 -1.95 -24.16
CA THR F 417 -11.83 -2.92 -24.22
C THR F 417 -12.13 -3.20 -25.68
N ALA F 418 -12.14 -4.49 -26.01
CA ALA F 418 -12.23 -4.91 -27.43
C ALA F 418 -13.70 -5.18 -27.78
N LEU F 419 -14.14 -4.72 -28.97
CA LEU F 419 -15.43 -5.12 -29.56
C LEU F 419 -15.37 -6.35 -30.48
N VAL F 420 -14.17 -6.82 -30.76
CA VAL F 420 -13.96 -7.97 -31.65
C VAL F 420 -12.89 -8.87 -31.07
N GLY F 421 -12.97 -10.14 -31.35
CA GLY F 421 -11.95 -11.11 -30.93
C GLY F 421 -12.18 -11.79 -29.59
N ARG F 422 -11.24 -12.67 -29.17
CA ARG F 422 -11.46 -13.51 -28.03
C ARG F 422 -11.71 -12.82 -26.74
N THR F 423 -11.16 -11.65 -26.62
CA THR F 423 -11.37 -10.79 -25.44
C THR F 423 -12.57 -9.85 -25.53
N SER F 424 -13.42 -10.00 -26.56
CA SER F 424 -14.43 -8.97 -26.80
C SER F 424 -15.52 -8.93 -25.74
N VAL F 425 -16.11 -7.77 -25.66
CA VAL F 425 -17.30 -7.54 -24.91
C VAL F 425 -18.46 -8.26 -25.55
N ILE F 426 -18.42 -8.39 -26.89
CA ILE F 426 -19.48 -9.20 -27.55
C ILE F 426 -19.54 -10.63 -27.03
N ARG F 427 -18.38 -11.27 -26.83
N ARG F 427 -18.37 -11.28 -26.83
CA ARG F 427 -18.36 -12.62 -26.30
CA ARG F 427 -18.35 -12.63 -26.30
C ARG F 427 -18.85 -12.76 -24.86
C ARG F 427 -18.85 -12.76 -24.86
N ALA F 428 -18.62 -11.73 -24.08
CA ALA F 428 -18.93 -11.73 -22.68
C ALA F 428 -20.43 -11.61 -22.34
N VAL F 429 -21.22 -11.14 -23.30
CA VAL F 429 -22.63 -10.84 -23.14
C VAL F 429 -23.40 -12.01 -23.71
N PRO F 430 -24.43 -12.47 -23.00
CA PRO F 430 -25.24 -13.60 -23.56
C PRO F 430 -25.67 -13.37 -25.02
N LEU F 431 -25.52 -14.39 -25.86
CA LEU F 431 -26.04 -14.38 -27.20
C LEU F 431 -27.44 -13.79 -27.38
N ASP F 432 -28.35 -14.16 -26.50
CA ASP F 432 -29.73 -13.74 -26.61
C ASP F 432 -29.91 -12.22 -26.39
N VAL F 433 -28.97 -11.59 -25.63
CA VAL F 433 -29.00 -10.14 -25.56
C VAL F 433 -28.80 -9.57 -26.92
N TRP F 434 -27.81 -10.07 -27.65
CA TRP F 434 -27.49 -9.44 -28.90
C TRP F 434 -28.58 -9.77 -29.96
N ILE F 435 -29.10 -10.97 -29.85
CA ILE F 435 -30.30 -11.40 -30.72
C ILE F 435 -31.39 -10.34 -30.64
N ASN F 436 -31.73 -9.95 -29.41
CA ASN F 436 -32.86 -9.03 -29.14
C ASN F 436 -32.51 -7.60 -29.40
N VAL F 437 -31.28 -7.16 -29.06
CA VAL F 437 -30.89 -5.76 -29.30
C VAL F 437 -30.69 -5.44 -30.76
N PHE F 438 -29.97 -6.29 -31.46
CA PHE F 438 -29.65 -6.11 -32.84
C PHE F 438 -30.63 -6.75 -33.83
N GLN F 439 -31.55 -7.59 -33.36
CA GLN F 439 -32.54 -8.26 -34.26
C GLN F 439 -31.84 -9.18 -35.25
N LEU F 440 -31.01 -10.04 -34.69
CA LEU F 440 -30.25 -11.03 -35.43
C LEU F 440 -30.83 -12.35 -35.22
N THR F 441 -30.55 -13.27 -36.17
CA THR F 441 -30.71 -14.67 -35.95
C THR F 441 -29.64 -15.19 -35.00
N GLN F 442 -29.93 -16.33 -34.45
CA GLN F 442 -29.04 -17.04 -33.63
C GLN F 442 -27.71 -17.29 -34.33
N ASP F 443 -27.77 -17.66 -35.61
CA ASP F 443 -26.56 -17.88 -36.40
C ASP F 443 -25.77 -16.60 -36.65
N GLU F 444 -26.47 -15.49 -36.90
CA GLU F 444 -25.82 -14.22 -37.13
C GLU F 444 -25.12 -13.79 -35.81
N ALA F 445 -25.80 -13.97 -34.69
CA ALA F 445 -25.21 -13.61 -33.40
C ALA F 445 -23.96 -14.50 -33.08
N ARG F 446 -24.01 -15.81 -33.36
CA ARG F 446 -22.80 -16.66 -33.17
C ARG F 446 -21.68 -16.21 -34.08
N SER F 447 -21.99 -15.82 -35.33
CA SER F 447 -21.01 -15.28 -36.27
C SER F 447 -20.33 -14.06 -35.72
N LEU F 448 -21.15 -13.19 -35.16
CA LEU F 448 -20.63 -12.01 -34.51
C LEU F 448 -19.65 -12.32 -33.38
N LYS F 449 -20.02 -13.22 -32.50
CA LYS F 449 -19.15 -13.62 -31.38
C LYS F 449 -17.89 -14.25 -31.86
N TYR F 450 -18.00 -15.16 -32.84
CA TYR F 450 -16.90 -16.14 -33.09
C TYR F 450 -16.11 -16.06 -34.36
N ASN F 451 -16.50 -15.22 -35.30
CA ASN F 451 -15.82 -15.19 -36.58
C ASN F 451 -14.40 -14.73 -36.49
N ARG F 452 -14.05 -13.86 -35.54
CA ARG F 452 -12.64 -13.52 -35.36
C ARG F 452 -12.05 -14.25 -34.13
N GLU F 453 -11.12 -15.17 -34.37
CA GLU F 453 -10.50 -15.98 -33.33
C GLU F 453 -9.30 -15.28 -32.72
N GLU F 454 -8.91 -14.13 -33.26
CA GLU F 454 -7.71 -13.41 -32.74
C GLU F 454 -7.99 -12.66 -31.47
N ILE F 455 -6.94 -12.39 -30.71
CA ILE F 455 -6.99 -11.36 -29.65
C ILE F 455 -6.22 -10.16 -30.20
N THR F 456 -6.86 -8.99 -30.22
CA THR F 456 -6.31 -7.66 -30.44
C THR F 456 -5.74 -7.33 -31.84
N VAL F 457 -4.79 -8.11 -32.36
CA VAL F 457 -4.25 -7.86 -33.68
C VAL F 457 -4.89 -8.84 -34.67
N LEU F 458 -5.55 -8.28 -35.67
CA LEU F 458 -6.32 -9.12 -36.63
C LEU F 458 -5.51 -9.45 -37.87
N ASP F 459 -5.60 -10.75 -38.22
CA ASP F 459 -4.91 -11.35 -39.41
C ASP F 459 -5.66 -10.88 -40.64
N PRO F 460 -5.00 -10.16 -41.57
CA PRO F 460 -5.73 -9.67 -42.75
C PRO F 460 -6.22 -10.81 -43.66
N GLU F 461 -5.67 -12.01 -43.51
CA GLU F 461 -6.13 -13.22 -44.21
C GLU F 461 -6.55 -14.35 -43.21
N LEU F 462 -7.41 -14.06 -42.25
CA LEU F 462 -7.79 -15.10 -41.27
C LEU F 462 -8.57 -16.20 -42.00
P PO4 G . 13.83 -26.41 -12.06
O1 PO4 G . 15.26 -26.98 -11.85
O2 PO4 G . 13.62 -25.68 -13.34
O3 PO4 G . 13.65 -25.36 -10.95
O4 PO4 G . 12.62 -27.38 -11.81
P PO4 H . 14.70 1.89 -0.10
O1 PO4 H . 15.88 1.05 -0.53
O2 PO4 H . 14.91 3.31 -0.63
O3 PO4 H . 13.34 1.50 -0.68
O4 PO4 H . 14.57 1.79 1.43
CAC FLC I . 12.30 -9.64 -25.00
CA FLC I . 11.86 -10.62 -23.87
CB FLC I . 11.08 -9.87 -22.77
CBC FLC I . 9.71 -9.37 -23.10
CG FLC I . 11.42 -9.12 -21.52
CGC FLC I . 10.95 -9.74 -20.15
OA1 FLC I . 12.35 -10.03 -26.18
OA2 FLC I . 12.67 -8.46 -24.73
OB1 FLC I . 9.40 -9.29 -24.32
OB2 FLC I . 8.90 -8.93 -22.21
OG1 FLC I . 11.82 -9.55 -19.29
OG2 FLC I . 9.86 -10.37 -19.76
OHB FLC I . 10.85 -11.19 -22.19
C1 GOL J . 29.48 -27.00 5.56
O1 GOL J . 28.46 -28.00 5.71
C2 GOL J . 30.16 -27.23 4.21
O2 GOL J . 29.41 -26.59 3.19
C3 GOL J . 31.54 -26.63 4.16
O3 GOL J . 31.48 -25.20 3.91
C1 GOL K . 16.27 -7.28 -23.43
O1 GOL K . 17.06 -8.07 -24.35
C2 GOL K . 16.79 -7.32 -21.97
O2 GOL K . 15.81 -7.97 -21.15
C3 GOL K . 17.12 -5.92 -21.42
O3 GOL K . 16.94 -5.77 -20.01
C1 GOL L . 26.26 -19.01 -31.24
O1 GOL L . 26.25 -20.15 -30.35
C2 GOL L . 26.55 -19.49 -32.68
O2 GOL L . 27.36 -18.56 -33.40
C3 GOL L . 25.25 -19.74 -33.46
O3 GOL L . 24.45 -20.73 -32.86
C IAC M . -8.64 -15.57 -21.15
C IAC M . -9.00 -15.63 -20.84
C1 IAC M . -9.20 -16.47 -22.16
C1 IAC M . -9.36 -16.45 -22.00
C2 IAC M . -10.00 -15.96 -23.17
C2 IAC M . -8.93 -17.78 -22.07
C3 IAC M . -10.24 -14.57 -23.20
C3 IAC M . -8.16 -18.33 -21.03
C4 IAC M . -9.73 -13.72 -22.23
C4 IAC M . -7.86 -17.56 -19.91
C5 IAC M . -8.93 -14.23 -21.22
C5 IAC M . -8.30 -16.22 -19.82
C7 IAC M . -8.67 -17.82 -21.78
C7 IAC M . -10.12 -15.52 -22.86
C8 IAC M . -7.90 -17.61 -20.64
C8 IAC M . -10.18 -14.32 -22.17
C17 IAC M . -8.87 -19.20 -22.38
C17 IAC M . -10.78 -15.73 -24.22
C18 IAC M . -7.57 -19.79 -22.96
C18 IAC M . -12.29 -15.54 -24.16
N IAC M . -7.90 -16.29 -20.30
N IAC M . -9.54 -14.43 -20.98
O2 IAC M . -6.54 -19.41 -22.46
O2 IAC M . -13.03 -16.16 -24.96
O3 IAC M . -7.48 -20.67 -23.89
O3 IAC M . -12.81 -14.70 -23.34
P PO4 N . 23.64 -3.14 21.29
O1 PO4 N . 24.76 -3.74 20.30
O2 PO4 N . 23.26 -1.67 21.28
O3 PO4 N . 22.28 -3.64 20.79
O4 PO4 N . 23.60 -3.73 22.70
P PO4 O . -5.82 0.02 13.90
O1 PO4 O . -4.91 0.46 12.77
O2 PO4 O . -5.15 -0.12 15.23
O3 PO4 O . -6.81 1.20 13.91
O4 PO4 O . -6.45 -1.29 13.47
C1 GOL P . 7.32 14.33 23.24
O1 GOL P . 6.26 13.27 23.10
C2 GOL P . 8.54 14.37 22.20
O2 GOL P . 8.73 13.12 21.52
C3 GOL P . 9.99 14.70 22.69
O3 GOL P . 11.10 14.05 21.95
CAC FLC Q . 16.41 16.06 19.10
CA FLC Q . 15.13 15.26 18.95
CB FLC Q . 14.96 14.50 17.62
CBC FLC Q . 15.40 15.25 16.31
CG FLC Q . 14.46 13.03 17.75
CGC FLC Q . 14.00 12.52 16.42
OA1 FLC Q . 17.52 15.44 18.89
OA2 FLC Q . 16.25 17.29 19.37
OB1 FLC Q . 15.02 14.91 15.15
OB2 FLC Q . 16.12 16.27 16.34
OG1 FLC Q . 14.52 11.39 16.05
OG2 FLC Q . 13.18 13.35 15.85
OHB FLC Q . 16.28 13.80 17.70
P PO4 R . 10.98 10.13 -0.54
O1 PO4 R . 10.78 10.06 -2.04
O2 PO4 R . 12.06 9.23 -0.04
O3 PO4 R . 9.78 9.41 0.07
O4 PO4 R . 11.20 11.59 -0.15
C IAC S . 25.24 11.39 -0.72
C IAC S . 25.00 11.55 -0.65
C1 IAC S . 26.53 12.10 -0.82
C1 IAC S . 26.35 12.11 -0.73
C2 IAC S . 27.69 11.63 -0.25
C2 IAC S . 26.58 13.29 -1.38
C3 IAC S . 27.63 10.41 0.40
C3 IAC S . 25.51 13.95 -1.97
C4 IAC S . 26.42 9.72 0.49
C4 IAC S . 24.22 13.46 -1.91
C5 IAC S . 25.25 10.20 -0.06
C5 IAC S . 23.97 12.23 -1.25
C7 IAC S . 26.23 13.31 -1.57
C7 IAC S . 27.19 11.18 0.00
C8 IAC S . 24.86 13.26 -1.85
C8 IAC S . 26.34 10.18 0.42
C17 IAC S . 27.24 14.39 -1.93
C17 IAC S . 28.68 11.25 0.23
C18 IAC S . 27.45 14.63 -3.41
C18 IAC S . 29.11 11.25 1.69
N IAC S . 24.30 12.11 -1.37
N IAC S . 25.07 10.42 0.04
O2 IAC S . 26.53 14.36 -4.21
O2 IAC S . 28.30 10.93 2.59
O3 IAC S . 28.46 15.27 -3.78
O3 IAC S . 30.31 11.51 2.00
C1 GOL T . 12.44 -20.66 33.32
O1 GOL T . 12.99 -20.75 31.99
C2 GOL T . 11.79 -19.31 33.66
O2 GOL T . 12.77 -18.25 33.45
C3 GOL T . 11.17 -19.24 35.08
O3 GOL T . 9.89 -18.54 35.16
CAC FLC U . -27.36 -10.38 7.75
CA FLC U . -25.82 -10.41 7.63
CB FLC U . -24.84 -9.62 8.55
CBC FLC U . -25.07 -8.13 8.77
CG FLC U . -23.50 -10.02 9.16
CGC FLC U . -22.32 -9.71 8.19
OA1 FLC U . -27.94 -11.50 7.60
OA2 FLC U . -28.01 -9.33 7.96
OB1 FLC U . -24.12 -7.34 8.49
OB2 FLC U . -26.16 -7.66 9.19
OG1 FLC U . -22.70 -9.52 6.99
OG2 FLC U . -21.06 -9.59 8.55
OHB FLC U . -25.55 -10.21 9.74
C1 GOL V . -1.02 -39.36 9.11
O1 GOL V . -0.58 -38.85 10.39
C2 GOL V . -2.47 -39.84 9.16
O2 GOL V . -3.38 -38.76 9.48
C3 GOL V . -3.00 -40.47 7.86
O3 GOL V . -2.01 -40.68 6.83
C1 GOL W . -25.61 -11.17 3.56
O1 GOL W . -25.45 -10.29 2.42
C2 GOL W . -25.47 -12.69 3.28
O2 GOL W . -24.53 -13.28 4.18
C3 GOL W . -25.06 -13.06 1.84
O3 GOL W . -23.65 -13.12 1.64
P PO4 X . -4.61 -11.59 -8.13
O1 PO4 X . -3.13 -11.81 -8.26
O2 PO4 X . -5.23 -11.06 -9.41
O3 PO4 X . -5.39 -12.85 -7.76
O4 PO4 X . -4.73 -10.49 -7.12
P PO4 Y . -13.58 -21.90 19.22
O1 PO4 Y . -13.81 -23.35 18.77
O2 PO4 Y . -12.59 -21.40 18.17
O3 PO4 Y . -12.92 -21.56 20.63
O4 PO4 Y . -14.76 -20.99 18.91
P PO4 Z . -35.69 -24.86 11.42
O1 PO4 Z . -35.02 -26.20 11.67
O2 PO4 Z . -36.91 -25.06 10.53
O3 PO4 Z . -34.72 -23.93 10.72
O4 PO4 Z . -36.15 -24.21 12.71
P PO4 AA . -10.16 28.31 12.12
O1 PO4 AA . -9.33 27.44 11.20
O2 PO4 AA . -9.80 29.74 11.72
O3 PO4 AA . -11.68 28.04 11.96
O4 PO4 AA . -9.69 27.88 13.47
CAC FLC BA . 1.31 16.68 24.70
CA FLC BA . 1.96 16.41 23.35
CB FLC BA . 1.27 15.40 22.41
CBC FLC BA . 0.59 14.14 22.95
CG FLC BA . 1.34 15.43 20.86
CGC FLC BA . -0.01 15.66 20.21
OA1 FLC BA . 1.98 16.21 25.68
OA2 FLC BA . 0.16 17.30 24.71
OB1 FLC BA . 0.45 13.15 22.14
OB2 FLC BA . 0.28 14.07 24.18
OG1 FLC BA . -0.47 14.86 19.37
OG2 FLC BA . -0.63 16.69 20.58
OHB FLC BA . 0.04 16.28 22.47
P PO4 CA . 4.30 33.12 29.90
O1 PO4 CA . 4.38 32.13 28.75
O2 PO4 CA . 3.67 34.40 29.40
O3 PO4 CA . 5.71 33.40 30.39
O4 PO4 CA . 3.48 32.57 31.05
P PO4 DA . 5.51 13.60 -5.87
O1 PO4 DA . 5.89 12.65 -7.00
O2 PO4 DA . 4.87 14.86 -6.44
O3 PO4 DA . 6.76 13.92 -5.08
O4 PO4 DA . 4.55 12.85 -4.97
C1 PEG EA . 30.69 14.14 -2.36
O1 PEG EA . 29.80 13.00 -2.78
C2 PEG EA . 31.34 14.30 -0.98
O2 PEG EA . 30.76 13.68 0.17
C3 PEG EA . 29.68 14.38 0.83
C4 PEG EA . 29.28 14.03 2.25
O4 PEG EA . 27.85 13.85 2.55
C IAC FA . -16.51 4.43 21.91
C IAC FA . -16.82 4.65 21.89
C1 IAC FA . -17.43 4.66 23.05
C1 IAC FA . -17.59 4.77 23.13
C2 IAC FA . -17.51 3.69 24.07
C2 IAC FA . -18.40 5.87 23.34
C3 IAC FA . -16.74 2.54 23.96
C3 IAC FA . -18.42 6.87 22.37
C4 IAC FA . -15.87 2.32 22.88
C4 IAC FA . -17.72 6.74 21.18
C5 IAC FA . -15.78 3.29 21.87
C5 IAC FA . -16.91 5.64 20.96
C7 IAC FA . -18.04 5.95 22.79
C7 IAC FA . -17.27 3.52 23.89
C8 IAC FA . -17.48 6.38 21.58
C8 IAC FA . -16.38 2.84 23.07
C17 IAC FA . -19.06 6.69 23.64
C17 IAC FA . -17.69 3.04 25.27
C18 IAC FA . -18.67 8.11 24.07
C18 IAC FA . -18.49 1.74 25.33
N IAC FA . -16.59 5.47 21.09
N IAC FA . -16.14 3.51 21.92
O2 IAC FA . -19.24 8.71 25.03
O2 IAC FA . -19.30 1.59 26.26
O3 IAC FA . -17.83 8.76 23.43
O3 IAC FA . -18.25 0.79 24.58
P PO4 GA . -26.51 4.16 -17.91
O1 PO4 GA . -25.81 4.27 -19.29
O2 PO4 GA . -25.50 4.56 -16.86
O3 PO4 GA . -27.66 5.18 -17.75
O4 PO4 GA . -26.85 2.76 -17.43
P PO4 HA . -11.49 4.62 8.70
O1 PO4 HA . -10.80 3.71 7.67
O2 PO4 HA . -12.94 4.86 8.38
O3 PO4 HA . -11.45 3.95 10.05
O4 PO4 HA . -10.67 5.88 8.78
C1 GOL IA . -26.71 -10.04 -0.53
O1 GOL IA . -25.65 -9.11 -0.20
C2 GOL IA . -26.70 -10.49 -1.98
O2 GOL IA . -26.31 -9.43 -2.87
C3 GOL IA . -28.10 -11.01 -2.37
O3 GOL IA . -28.97 -10.01 -2.96
CAC FLC JA . -25.62 -13.24 -7.14
CA FLC JA . -24.93 -12.36 -6.11
CB FLC JA . -23.42 -12.05 -6.28
CBC FLC JA . -22.47 -13.04 -6.91
CG FLC JA . -22.87 -10.74 -5.71
CGC FLC JA . -22.02 -9.71 -6.47
OA1 FLC JA . -25.97 -14.38 -6.70
OA2 FLC JA . -25.81 -12.80 -8.32
OB1 FLC JA . -22.95 -14.11 -7.40
OB2 FLC JA . -21.23 -12.81 -6.88
OG1 FLC JA . -21.32 -9.87 -7.47
OG2 FLC JA . -22.02 -8.58 -5.95
OHB FLC JA . -23.68 -11.42 -7.60
P PO4 KA . -10.90 11.20 5.21
O1 PO4 KA . -11.43 10.83 3.85
O2 PO4 KA . -9.83 12.25 5.00
O3 PO4 KA . -10.41 9.91 5.87
O4 PO4 KA . -11.94 11.80 6.13
C1 PEG LA . -21.34 2.61 24.83
O1 PEG LA . -20.79 2.21 23.53
C2 PEG LA . -20.84 3.99 25.27
O2 PEG LA . -20.39 4.06 26.63
C3 PEG LA . -20.74 5.21 27.36
C4 PEG LA . -19.93 6.47 27.09
O4 PEG LA . -18.48 6.41 26.73
P PO4 MA . -42.98 -11.09 -9.26
O1 PO4 MA . -42.83 -11.88 -10.55
O2 PO4 MA . -42.91 -9.59 -9.53
O3 PO4 MA . -41.93 -11.50 -8.24
O4 PO4 MA . -44.36 -11.41 -8.71
CAC FLC NA . 17.37 3.36 -17.57
CA FLC NA . 17.85 2.13 -18.27
CB FLC NA . 19.35 2.20 -18.12
CBC FLC NA . 19.90 1.24 -17.10
CG FLC NA . 20.22 3.14 -19.05
CGC FLC NA . 21.19 2.56 -20.11
OA1 FLC NA . 17.03 4.34 -18.27
OA2 FLC NA . 17.33 3.44 -16.34
OB1 FLC NA . 21.17 1.25 -17.08
OB2 FLC NA . 19.03 0.54 -16.39
OG1 FLC NA . 20.94 1.59 -20.93
OG2 FLC NA . 22.32 3.11 -20.17
OHB FLC NA . 19.49 1.12 -19.08
P PO4 OA . -4.69 -4.40 -13.46
O1 PO4 OA . -4.64 -5.94 -13.36
O2 PO4 OA . -4.44 -4.00 -14.88
O3 PO4 OA . -6.06 -3.94 -12.90
O4 PO4 OA . -3.62 -3.89 -12.47
P PO4 PA . 11.83 19.66 -22.28
O1 PO4 PA . 12.88 18.56 -22.36
O2 PO4 PA . 10.73 18.88 -21.58
O3 PO4 PA . 12.19 20.91 -21.39
O4 PO4 PA . 11.17 20.01 -23.61
P PO4 QA . 27.40 6.49 -35.99
O1 PO4 QA . 27.91 5.55 -37.10
O2 PO4 QA . 27.96 7.87 -36.17
O3 PO4 QA . 28.00 6.09 -34.65
O4 PO4 QA . 25.88 6.50 -36.11
C1 PEG RA . -8.11 -18.26 -25.71
O1 PEG RA . -6.84 -17.96 -24.91
C2 PEG RA . -9.27 -19.23 -25.38
O2 PEG RA . -10.28 -19.69 -26.28
C3 PEG RA . -11.46 -18.88 -26.35
C4 PEG RA . -12.35 -19.29 -25.21
O4 PEG RA . -12.43 -18.36 -24.10
C1 GOL SA . -10.01 20.09 -34.65
O1 GOL SA . -9.35 18.96 -35.28
C2 GOL SA . -9.03 21.16 -34.10
O2 GOL SA . -7.67 20.68 -33.89
C3 GOL SA . -9.60 21.72 -32.78
O3 GOL SA . -8.81 22.79 -32.20
#